data_1IGY
#
_entry.id   1IGY
#
_cell.length_a   66.650
_cell.length_b   190.660
_cell.length_c   73.100
_cell.angle_alpha   90.00
_cell.angle_beta   109.66
_cell.angle_gamma   90.00
#
_symmetry.space_group_name_H-M   'P 1 21 1'
#
loop_
_entity.id
_entity.type
_entity.pdbx_description
1 polymer 'IGG1 INTACT ANTIBODY MAB61.1.3'
2 polymer 'IGG1 INTACT ANTIBODY MAB61.1.3'
3 branched beta-D-galactopyranose-(1-4)-2-acetamido-2-deoxy-beta-D-glucopyranose-(1-2)-alpha-D-mannopyranose-(1-6)-[2-acetamido-2-deoxy-beta-D-glucopyranose-(1-2)-alpha-D-mannopyranose-(1-3)]beta-D-mannopyranose-(1-4)-2-acetamido-2-deoxy-alpha-D-glucopyranose-(1-4)-[beta-L-fucopyranose-(1-6)]2-acetamido-2-deoxy-beta-D-glucopyranose
4 branched beta-D-galactopyranose-(1-4)-2-acetamido-2-deoxy-beta-D-glucopyranose-(1-2)-alpha-D-mannopyranose-(1-6)-[2-acetamido-2-deoxy-beta-D-glucopyranose-(1-2)-alpha-D-mannopyranose-(1-3)]beta-D-mannopyranose-(1-4)-2-acetamido-2-deoxy-alpha-D-glucopyranose-(1-4)-[alpha-L-fucopyranose-(1-6)]2-acetamido-2-deoxy-beta-D-glucopyranose
#
loop_
_entity_poly.entity_id
_entity_poly.type
_entity_poly.pdbx_seq_one_letter_code
_entity_poly.pdbx_strand_id
1 'polypeptide(L)'
;KCAHTVSKSMSMSVGERVTLTCKASENVVTYVSWYQQKPEQSPKLLIYGASNRYTGVPDRFTGSGSATDFTLTISSVQAE
DLADYHCGQGYSYPYTFGGGTKLEIKRADAAPTVSIFPPSSEQLTSGGASVVCFLNNFYPKDINVKWKIDGSERQNGVLN
SWTDQDSKDSTYSMSSTLTLTKDEYERHNSYTCEATHKTSTSPIVKSFNRNEC
;
A,C
2 'polypeptide(L)'
;VKLQESGAELARPGASVKMSCKASGYTFTTYTIHWIKQRPGQGLEWIGYINPSSVYTNYNQRFKDKATLTRDRSSNTANI
HLSSLTSDDSAVYYCVREGEVPYWGQGTTVTVSSAKTTPPSVYPLAPGSAAQTNSMVTLGCLVKGYFPEPVTVTWNSGSL
SSGVHTFPAVLQSDLYTLSSSVTVPSSPRPSETVTCNVAHPASSTKVDKKIVPRDCGCKPCICTVPEVSSVFIFPPKPKD
TLLITVTPKVTCVVVDISKDDPEVQFSWFVDNVEVHTAQTQPREEQFNSTFRVVSALPIMHQDWLNGKEFKCRVNSAAFP
APIEKTISKTKGKPRAPQVYTIPPPKEQMAKDKVSLTCMITDFFPEDITVEWQSDGQAPENYKNTQPIMDTDGSYFVYSK
LNVQKSNWEAGNTFTCSVLHEGLHNHHTEKSLSH
;
B,D
#
# COMPACT_ATOMS: atom_id res chain seq x y z
N LYS A 1 50.35 -40.07 3.48
CA LYS A 1 50.62 -38.73 2.89
C LYS A 1 49.31 -38.15 2.43
N CYS A 2 48.24 -38.91 2.50
CA CYS A 2 46.96 -38.40 2.08
C CYS A 2 45.87 -38.94 2.98
N ALA A 3 45.00 -38.07 3.47
CA ALA A 3 43.95 -38.50 4.37
C ALA A 3 42.58 -37.85 4.04
N HIS A 4 41.54 -38.67 3.92
CA HIS A 4 40.18 -38.22 3.62
C HIS A 4 39.16 -38.33 4.77
N THR A 5 38.36 -37.28 4.93
CA THR A 5 37.32 -37.21 5.97
C THR A 5 35.93 -37.61 5.43
N VAL A 6 35.30 -38.53 6.16
CA VAL A 6 33.98 -39.07 5.81
C VAL A 6 32.82 -38.10 6.01
N SER A 7 31.91 -38.12 5.02
CA SER A 7 30.71 -37.29 4.98
C SER A 7 31.18 -35.85 4.87
N LYS A 8 31.08 -35.29 3.67
CA LYS A 8 31.50 -33.90 3.43
C LYS A 8 30.80 -32.91 4.35
N SER A 9 29.60 -33.29 4.81
CA SER A 9 28.77 -32.48 5.72
C SER A 9 27.78 -33.40 6.42
N MET A 10 27.33 -33.01 7.60
CA MET A 10 26.40 -33.84 8.36
C MET A 10 25.40 -32.98 9.08
N SER A 11 24.11 -33.23 8.82
CA SER A 11 23.05 -32.47 9.47
C SER A 11 22.43 -33.27 10.60
N MET A 12 22.79 -32.92 11.83
CA MET A 12 22.29 -33.57 13.06
C MET A 12 21.64 -32.59 14.04
N SER A 13 20.64 -33.10 14.78
CA SER A 13 19.94 -32.30 15.79
C SER A 13 20.57 -32.58 17.15
N VAL A 14 20.42 -31.66 18.11
CA VAL A 14 21.02 -31.83 19.44
C VAL A 14 20.75 -33.19 20.05
N GLY A 15 21.70 -33.69 20.83
CA GLY A 15 21.54 -34.98 21.48
C GLY A 15 21.82 -36.15 20.57
N GLU A 16 21.87 -35.89 19.26
CA GLU A 16 22.15 -36.95 18.31
C GLU A 16 23.60 -37.37 18.41
N ARG A 17 23.83 -38.68 18.39
CA ARG A 17 25.18 -39.21 18.44
C ARG A 17 25.72 -39.20 17.01
N VAL A 18 26.62 -38.25 16.73
CA VAL A 18 27.20 -38.14 15.40
C VAL A 18 28.66 -38.59 15.35
N THR A 19 28.99 -39.35 14.33
CA THR A 19 30.35 -39.80 14.17
C THR A 19 30.81 -39.63 12.74
N LEU A 20 32.10 -39.36 12.60
CA LEU A 20 32.71 -39.17 11.30
C LEU A 20 34.13 -39.69 11.39
N THR A 21 34.53 -40.43 10.37
CA THR A 21 35.86 -41.00 10.34
C THR A 21 36.76 -40.33 9.31
N CYS A 22 38.01 -40.73 9.34
CA CYS A 22 39.03 -40.20 8.46
C CYS A 22 39.88 -41.40 8.00
N LYS A 23 39.86 -41.67 6.69
CA LYS A 23 40.63 -42.78 6.13
C LYS A 23 41.91 -42.24 5.51
N ALA A 24 43.05 -42.84 5.86
CA ALA A 24 44.35 -42.41 5.34
C ALA A 24 44.91 -43.41 4.34
N SER A 25 45.70 -42.89 3.40
CA SER A 25 46.30 -43.69 2.34
C SER A 25 47.23 -44.81 2.78
N GLU A 26 48.00 -44.56 3.84
CA GLU A 26 48.96 -45.54 4.35
C GLU A 26 48.75 -45.72 5.84
N ASN A 27 49.69 -46.39 6.50
CA ASN A 27 49.60 -46.58 7.95
C ASN A 27 50.21 -45.34 8.56
N VAL A 28 49.50 -44.73 9.51
CA VAL A 28 50.00 -43.51 10.14
C VAL A 28 49.97 -43.62 11.66
N VAL A 29 50.10 -44.86 12.12
CA VAL A 29 50.14 -45.23 13.54
C VAL A 29 49.72 -44.15 14.52
N THR A 30 48.40 -43.94 14.64
CA THR A 30 47.80 -42.97 15.56
C THR A 30 48.46 -41.56 15.64
N TYR A 31 48.70 -40.93 14.50
CA TYR A 31 49.34 -39.62 14.48
C TYR A 31 48.48 -38.58 13.83
N VAL A 32 47.18 -38.66 14.10
CA VAL A 32 46.22 -37.71 13.55
C VAL A 32 45.69 -36.82 14.65
N SER A 33 45.29 -35.61 14.26
CA SER A 33 44.75 -34.65 15.22
C SER A 33 43.59 -33.88 14.61
N TRP A 34 42.40 -34.09 15.16
CA TRP A 34 41.17 -33.42 14.71
C TRP A 34 41.15 -31.98 15.16
N TYR A 35 40.81 -31.08 14.25
CA TYR A 35 40.76 -29.69 14.59
C TYR A 35 39.36 -29.21 14.35
N GLN A 36 38.87 -28.39 15.26
CA GLN A 36 37.54 -27.82 15.17
C GLN A 36 37.67 -26.39 14.63
N GLN A 37 37.02 -26.14 13.50
CA GLN A 37 37.08 -24.82 12.95
C GLN A 37 35.71 -24.20 12.80
N LYS A 38 35.33 -23.45 13.83
CA LYS A 38 34.05 -22.76 13.85
C LYS A 38 34.15 -21.64 12.85
N PRO A 39 33.02 -21.28 12.23
CA PRO A 39 32.93 -20.23 11.22
C PRO A 39 33.61 -18.94 11.66
N GLU A 40 34.08 -18.18 10.67
CA GLU A 40 34.76 -16.90 10.89
C GLU A 40 35.87 -16.89 11.96
N GLN A 41 36.42 -18.06 12.28
CA GLN A 41 37.51 -18.14 13.26
C GLN A 41 38.54 -19.28 13.07
N SER A 42 39.73 -19.06 13.63
CA SER A 42 40.86 -20.00 13.55
C SER A 42 40.55 -21.36 14.14
N PRO A 43 41.12 -22.41 13.56
CA PRO A 43 40.92 -23.79 14.00
C PRO A 43 41.43 -23.98 15.41
N LYS A 44 40.98 -25.04 16.04
CA LYS A 44 41.41 -25.33 17.39
C LYS A 44 41.69 -26.79 17.49
N LEU A 45 42.80 -27.10 18.12
CA LEU A 45 43.21 -28.49 18.31
C LEU A 45 42.17 -29.14 19.21
N LEU A 46 41.42 -30.07 18.66
CA LEU A 46 40.42 -30.77 19.44
C LEU A 46 41.06 -31.95 20.17
N ILE A 47 41.42 -33.00 19.43
CA ILE A 47 42.07 -34.17 20.01
C ILE A 47 43.39 -34.46 19.29
N TYR A 48 44.28 -35.18 19.97
CA TYR A 48 45.59 -35.50 19.40
C TYR A 48 45.95 -36.96 19.62
N GLY A 49 46.83 -37.45 18.75
CA GLY A 49 47.21 -38.85 18.82
C GLY A 49 46.04 -39.73 18.41
N ALA A 50 45.77 -40.73 19.23
CA ALA A 50 44.65 -41.62 18.96
C ALA A 50 43.40 -40.82 19.34
N SER A 51 43.26 -40.60 20.64
CA SER A 51 42.16 -39.86 21.22
C SER A 51 42.77 -38.77 22.10
N ASN A 52 42.82 -39.02 23.41
CA ASN A 52 43.40 -38.09 24.38
C ASN A 52 42.91 -36.67 24.10
N ARG A 53 41.76 -36.31 24.68
CA ARG A 53 41.20 -34.98 24.46
C ARG A 53 42.14 -33.91 24.94
N TYR A 54 42.35 -32.88 24.11
CA TYR A 54 43.22 -31.79 24.49
C TYR A 54 42.55 -31.03 25.63
N THR A 55 43.35 -30.35 26.44
CA THR A 55 42.82 -29.61 27.57
C THR A 55 41.79 -28.57 27.11
N GLY A 56 40.67 -28.53 27.82
CA GLY A 56 39.60 -27.60 27.50
C GLY A 56 38.66 -28.20 26.47
N VAL A 57 38.49 -29.52 26.52
CA VAL A 57 37.62 -30.21 25.57
C VAL A 57 36.61 -31.15 26.24
N PRO A 58 35.31 -31.02 25.88
CA PRO A 58 34.16 -31.78 26.35
C PRO A 58 34.22 -33.31 26.21
N ASP A 59 33.83 -34.02 27.26
CA ASP A 59 33.81 -35.50 27.29
C ASP A 59 32.99 -36.14 26.18
N ARG A 60 32.06 -35.37 25.62
CA ARG A 60 31.21 -35.86 24.53
C ARG A 60 32.03 -36.22 23.32
N PHE A 61 32.99 -35.35 23.00
CA PHE A 61 33.91 -35.54 21.90
C PHE A 61 34.79 -36.76 22.16
N THR A 62 34.99 -37.59 21.14
CA THR A 62 35.80 -38.79 21.31
C THR A 62 36.45 -39.28 20.02
N GLY A 63 37.75 -39.55 20.11
CA GLY A 63 38.51 -40.02 18.97
C GLY A 63 38.79 -41.52 19.04
N SER A 64 39.14 -42.08 17.89
CA SER A 64 39.44 -43.51 17.78
C SER A 64 40.08 -43.77 16.42
N GLY A 65 40.83 -44.87 16.32
CA GLY A 65 41.49 -45.20 15.07
C GLY A 65 42.84 -45.86 15.28
N SER A 66 43.48 -46.24 14.18
CA SER A 66 44.77 -46.90 14.27
C SER A 66 45.70 -46.63 13.07
N ALA A 67 45.36 -47.18 11.91
CA ALA A 67 46.18 -47.01 10.73
C ALA A 67 45.48 -46.28 9.61
N THR A 68 44.63 -46.99 8.86
CA THR A 68 43.92 -46.40 7.74
C THR A 68 42.63 -45.71 8.14
N ASP A 69 42.19 -45.96 9.37
CA ASP A 69 40.95 -45.37 9.84
C ASP A 69 41.14 -44.59 11.13
N PHE A 70 40.30 -43.58 11.30
CA PHE A 70 40.32 -42.72 12.47
C PHE A 70 38.95 -42.06 12.70
N THR A 71 38.22 -42.56 13.69
CA THR A 71 36.90 -42.03 14.02
C THR A 71 37.02 -40.81 14.93
N LEU A 72 35.85 -40.24 15.22
CA LEU A 72 35.70 -39.10 16.09
C LEU A 72 34.22 -39.06 16.37
N THR A 73 33.83 -39.78 17.41
CA THR A 73 32.43 -39.85 17.84
C THR A 73 32.13 -38.72 18.80
N ILE A 74 30.92 -38.17 18.68
CA ILE A 74 30.48 -37.10 19.56
C ILE A 74 29.09 -37.48 20.05
N SER A 75 28.98 -37.96 21.28
CA SER A 75 27.66 -38.31 21.81
C SER A 75 27.01 -36.98 22.18
N SER A 76 26.02 -36.59 21.37
CA SER A 76 25.29 -35.35 21.54
C SER A 76 25.92 -34.13 20.90
N VAL A 77 25.15 -33.50 20.03
CA VAL A 77 25.57 -32.30 19.33
C VAL A 77 25.25 -31.09 20.24
N GLN A 78 25.39 -29.86 19.73
CA GLN A 78 25.15 -28.65 20.52
C GLN A 78 25.30 -27.40 19.67
N ALA A 79 25.24 -26.25 20.32
CA ALA A 79 25.46 -24.99 19.63
C ALA A 79 26.97 -24.92 19.51
N GLU A 80 27.65 -25.47 20.52
CA GLU A 80 29.11 -25.52 20.60
C GLU A 80 29.68 -26.57 19.64
N ASP A 81 28.84 -27.13 18.79
CA ASP A 81 29.28 -28.16 17.87
C ASP A 81 29.05 -27.82 16.42
N LEU A 82 28.65 -26.58 16.15
CA LEU A 82 28.42 -26.18 14.77
C LEU A 82 29.79 -25.70 14.27
N ALA A 83 30.30 -26.39 13.26
CA ALA A 83 31.60 -26.07 12.68
C ALA A 83 32.06 -27.15 11.72
N ASP A 84 33.23 -26.92 11.12
CA ASP A 84 33.84 -27.87 10.20
C ASP A 84 34.84 -28.70 10.99
N TYR A 85 35.03 -29.93 10.56
CA TYR A 85 35.95 -30.84 11.23
C TYR A 85 36.80 -31.61 10.21
N HIS A 86 38.12 -31.63 10.45
CA HIS A 86 39.01 -32.33 9.53
C HIS A 86 40.26 -32.81 10.24
N CYS A 87 40.59 -34.06 9.97
CA CYS A 87 41.75 -34.73 10.56
C CYS A 87 43.06 -34.20 10.00
N GLY A 88 44.10 -34.23 10.80
CA GLY A 88 45.39 -33.75 10.34
C GLY A 88 46.46 -34.82 10.42
N GLN A 89 46.95 -35.26 9.26
CA GLN A 89 47.99 -36.27 9.21
C GLN A 89 49.30 -35.69 9.75
N GLY A 90 49.84 -36.28 10.81
CA GLY A 90 51.07 -35.77 11.39
C GLY A 90 52.25 -36.74 11.44
N TYR A 91 52.14 -37.85 10.73
CA TYR A 91 53.18 -38.87 10.70
C TYR A 91 54.46 -38.35 10.07
N SER A 92 54.38 -38.00 8.78
CA SER A 92 55.53 -37.53 8.02
C SER A 92 55.27 -36.51 6.90
N TYR A 93 56.11 -35.49 6.86
CA TYR A 93 56.01 -34.42 5.88
C TYR A 93 55.96 -35.04 4.47
N PRO A 94 55.15 -34.45 3.59
CA PRO A 94 54.36 -33.28 3.90
C PRO A 94 53.08 -33.68 4.66
N TYR A 95 52.71 -32.86 5.62
CA TYR A 95 51.53 -33.07 6.42
C TYR A 95 50.28 -32.73 5.60
N THR A 96 49.26 -33.57 5.71
CA THR A 96 48.03 -33.35 4.95
C THR A 96 46.76 -33.63 5.73
N PHE A 97 45.92 -32.59 5.80
CA PHE A 97 44.65 -32.62 6.50
C PHE A 97 43.56 -33.21 5.66
N GLY A 98 42.50 -33.65 6.32
CA GLY A 98 41.37 -34.24 5.62
C GLY A 98 40.72 -33.24 4.70
N GLY A 99 39.60 -33.62 4.12
CA GLY A 99 38.89 -32.71 3.23
C GLY A 99 38.02 -31.78 4.03
N GLY A 100 37.75 -32.18 5.27
CA GLY A 100 36.91 -31.41 6.16
C GLY A 100 35.43 -31.68 5.96
N THR A 101 34.73 -31.87 7.07
CA THR A 101 33.29 -32.12 7.06
C THR A 101 32.62 -30.87 7.66
N LYS A 102 31.37 -30.62 7.26
CA LYS A 102 30.66 -29.46 7.79
C LYS A 102 29.46 -29.96 8.57
N LEU A 103 29.51 -29.85 9.89
CA LEU A 103 28.41 -30.29 10.73
C LEU A 103 27.32 -29.23 10.85
N GLU A 104 26.28 -29.39 10.05
CA GLU A 104 25.11 -28.50 10.03
C GLU A 104 24.16 -29.07 11.07
N ILE A 105 23.53 -28.22 11.88
CA ILE A 105 22.60 -28.69 12.92
C ILE A 105 21.13 -28.62 12.45
N LYS A 106 20.32 -29.61 12.81
CA LYS A 106 18.90 -29.63 12.43
C LYS A 106 18.00 -29.05 13.51
N ARG A 107 16.89 -28.47 13.10
CA ARG A 107 15.99 -27.81 14.04
C ARG A 107 14.50 -27.81 13.68
N ALA A 108 14.12 -28.66 12.74
CA ALA A 108 12.72 -28.75 12.28
C ALA A 108 12.43 -27.58 11.34
N ASP A 109 11.66 -27.87 10.29
CA ASP A 109 11.33 -26.89 9.27
C ASP A 109 10.88 -25.49 9.68
N ALA A 110 11.20 -24.54 8.82
CA ALA A 110 10.87 -23.15 9.02
C ALA A 110 10.85 -22.42 7.68
N ALA A 111 9.68 -22.00 7.21
CA ALA A 111 9.56 -21.29 5.95
C ALA A 111 10.27 -19.93 5.90
N PRO A 112 10.61 -19.46 4.69
CA PRO A 112 11.28 -18.18 4.44
C PRO A 112 10.40 -16.97 4.68
N THR A 113 10.96 -15.80 4.46
CA THR A 113 10.27 -14.53 4.64
C THR A 113 10.83 -13.58 3.59
N VAL A 114 10.30 -13.75 2.40
CA VAL A 114 10.73 -12.96 1.26
C VAL A 114 10.36 -11.49 1.37
N SER A 115 11.03 -10.69 0.54
CA SER A 115 10.79 -9.28 0.48
C SER A 115 11.48 -8.73 -0.76
N ILE A 116 10.70 -8.44 -1.78
CA ILE A 116 11.25 -7.92 -3.03
C ILE A 116 11.41 -6.40 -3.02
N PHE A 117 12.56 -5.96 -3.52
CA PHE A 117 12.87 -4.55 -3.61
C PHE A 117 13.17 -4.10 -5.03
N PRO A 118 12.55 -2.98 -5.45
CA PRO A 118 12.77 -2.43 -6.78
C PRO A 118 14.02 -1.55 -6.83
N PRO A 119 14.78 -1.63 -7.93
CA PRO A 119 16.00 -0.87 -8.12
C PRO A 119 15.88 0.59 -7.70
N SER A 120 16.88 1.08 -6.98
CA SER A 120 16.91 2.45 -6.49
C SER A 120 16.90 3.48 -7.61
N SER A 121 16.44 4.68 -7.26
CA SER A 121 16.36 5.79 -8.21
C SER A 121 17.75 6.25 -8.66
N GLU A 122 18.76 6.01 -7.81
CA GLU A 122 20.14 6.39 -8.10
C GLU A 122 20.82 5.48 -9.12
N GLN A 123 20.58 4.18 -9.01
CA GLN A 123 21.17 3.20 -9.92
C GLN A 123 20.59 3.30 -11.35
N LEU A 124 19.27 3.46 -11.41
CA LEU A 124 18.55 3.54 -12.67
C LEU A 124 19.01 4.68 -13.58
N THR A 125 19.52 5.74 -12.97
CA THR A 125 20.00 6.89 -13.73
C THR A 125 21.40 6.66 -14.35
N SER A 126 22.12 5.67 -13.84
CA SER A 126 23.45 5.35 -14.35
C SER A 126 23.40 4.17 -15.31
N GLY A 127 22.18 3.77 -15.67
CA GLY A 127 22.01 2.63 -16.55
C GLY A 127 22.05 1.42 -15.65
N GLY A 128 21.20 0.43 -15.92
CA GLY A 128 21.18 -0.75 -15.08
C GLY A 128 20.08 -0.71 -14.03
N ALA A 129 19.68 -1.90 -13.58
CA ALA A 129 18.62 -2.03 -12.59
C ALA A 129 18.75 -3.31 -11.77
N SER A 130 18.92 -3.16 -10.47
CA SER A 130 19.06 -4.32 -9.62
C SER A 130 17.88 -4.62 -8.74
N VAL A 131 17.11 -5.63 -9.16
CA VAL A 131 15.96 -6.05 -8.41
C VAL A 131 16.47 -7.09 -7.44
N VAL A 132 16.34 -6.77 -6.16
CA VAL A 132 16.83 -7.63 -5.11
C VAL A 132 15.68 -8.44 -4.53
N CYS A 133 15.97 -9.54 -3.86
CA CYS A 133 14.89 -10.34 -3.31
C CYS A 133 15.37 -11.19 -2.16
N PHE A 134 15.29 -10.63 -0.96
CA PHE A 134 15.73 -11.28 0.28
C PHE A 134 14.77 -12.30 0.83
N LEU A 135 15.23 -13.52 0.97
CA LEU A 135 14.41 -14.59 1.52
C LEU A 135 15.11 -14.95 2.79
N ASN A 136 14.77 -14.24 3.85
CA ASN A 136 15.43 -14.44 5.13
C ASN A 136 14.83 -15.50 6.01
N ASN A 137 15.59 -15.84 7.03
CA ASN A 137 15.22 -16.82 8.05
C ASN A 137 14.40 -17.99 7.52
N PHE A 138 15.07 -19.10 7.24
CA PHE A 138 14.41 -20.30 6.75
C PHE A 138 15.29 -21.52 6.89
N TYR A 139 14.67 -22.69 7.02
CA TYR A 139 15.35 -23.95 7.15
C TYR A 139 14.52 -25.02 6.46
N PRO A 140 15.15 -25.88 5.63
CA PRO A 140 16.58 -25.93 5.31
C PRO A 140 16.99 -24.98 4.18
N LYS A 141 18.16 -25.24 3.60
CA LYS A 141 18.69 -24.41 2.52
C LYS A 141 18.19 -24.91 1.18
N ASP A 142 17.33 -25.92 1.22
CA ASP A 142 16.77 -26.52 0.02
C ASP A 142 15.59 -25.71 -0.51
N ILE A 143 15.90 -24.72 -1.35
CA ILE A 143 14.89 -23.83 -1.92
C ILE A 143 15.23 -23.34 -3.33
N ASN A 144 14.22 -23.08 -4.15
CA ASN A 144 14.46 -22.57 -5.49
C ASN A 144 13.80 -21.25 -5.83
N VAL A 145 14.67 -20.28 -6.15
CA VAL A 145 14.28 -18.93 -6.52
C VAL A 145 13.94 -18.88 -8.00
N LYS A 146 12.86 -18.18 -8.32
CA LYS A 146 12.41 -18.05 -9.69
C LYS A 146 11.84 -16.68 -9.95
N TRP A 147 12.58 -15.90 -10.72
CA TRP A 147 12.18 -14.57 -11.07
C TRP A 147 11.29 -14.58 -12.32
N LYS A 148 10.57 -13.48 -12.53
CA LYS A 148 9.69 -13.34 -13.68
C LYS A 148 9.67 -11.89 -14.17
N ILE A 149 10.47 -11.64 -15.21
CA ILE A 149 10.66 -10.35 -15.86
C ILE A 149 9.41 -9.48 -16.03
N ASP A 150 8.25 -10.12 -16.06
CA ASP A 150 6.99 -9.40 -16.22
C ASP A 150 5.86 -10.43 -16.22
N GLY A 151 5.83 -11.24 -17.27
CA GLY A 151 4.79 -12.26 -17.37
C GLY A 151 5.15 -13.54 -16.63
N SER A 152 6.13 -14.27 -17.15
CA SER A 152 6.57 -15.53 -16.56
C SER A 152 7.88 -16.00 -17.22
N GLU A 153 9.01 -15.55 -16.66
CA GLU A 153 10.32 -15.89 -17.22
C GLU A 153 11.49 -15.64 -16.27
N ARG A 154 12.35 -16.62 -16.13
CA ARG A 154 13.51 -16.53 -15.25
C ARG A 154 14.55 -15.50 -15.72
N GLN A 155 15.28 -15.85 -16.78
CA GLN A 155 16.36 -15.04 -17.35
C GLN A 155 17.66 -15.36 -16.60
N ASN A 156 18.75 -14.76 -17.03
CA ASN A 156 20.04 -14.93 -16.38
C ASN A 156 20.46 -13.56 -15.87
N GLY A 157 21.43 -13.54 -14.97
CA GLY A 157 21.86 -12.28 -14.39
C GLY A 157 21.37 -12.26 -12.97
N VAL A 158 21.16 -13.47 -12.42
CA VAL A 158 20.71 -13.65 -11.06
C VAL A 158 21.91 -13.99 -10.21
N LEU A 159 22.00 -13.39 -9.03
CA LEU A 159 23.10 -13.66 -8.12
C LEU A 159 22.52 -14.18 -6.80
N ASN A 160 22.74 -15.47 -6.55
CA ASN A 160 22.19 -16.12 -5.37
C ASN A 160 23.13 -16.46 -4.21
N SER A 161 23.32 -15.49 -3.32
CA SER A 161 24.16 -15.68 -2.15
C SER A 161 23.40 -16.19 -0.95
N TRP A 162 23.89 -17.28 -0.36
CA TRP A 162 23.30 -17.82 0.86
C TRP A 162 24.05 -17.17 2.03
N THR A 163 23.94 -17.82 3.18
CA THR A 163 24.59 -17.38 4.39
C THR A 163 24.72 -18.64 5.27
N ASP A 164 25.70 -18.65 6.16
CA ASP A 164 25.91 -19.84 6.99
C ASP A 164 24.87 -20.02 8.06
N GLN A 165 24.67 -21.28 8.45
CA GLN A 165 23.71 -21.60 9.49
C GLN A 165 23.96 -20.73 10.71
N ASP A 166 23.00 -19.84 10.98
CA ASP A 166 23.07 -18.93 12.12
C ASP A 166 23.26 -19.75 13.39
N SER A 167 23.96 -19.18 14.37
CA SER A 167 24.26 -19.86 15.64
C SER A 167 23.09 -20.09 16.61
N LYS A 168 22.29 -19.06 16.84
CA LYS A 168 21.16 -19.15 17.76
C LYS A 168 19.88 -19.36 17.00
N ASP A 169 19.81 -18.72 15.85
CA ASP A 169 18.65 -18.79 14.97
C ASP A 169 18.64 -20.09 14.20
N SER A 170 19.82 -20.58 13.82
CA SER A 170 19.96 -21.83 13.08
C SER A 170 19.29 -21.82 11.71
N THR A 171 19.25 -20.67 11.05
CA THR A 171 18.63 -20.61 9.72
C THR A 171 19.41 -19.88 8.63
N TYR A 172 19.20 -20.38 7.42
CA TYR A 172 19.82 -19.80 6.25
C TYR A 172 18.92 -18.64 5.85
N SER A 173 19.50 -17.66 5.18
CA SER A 173 18.74 -16.48 4.83
C SER A 173 19.27 -15.92 3.53
N MET A 174 19.28 -16.78 2.53
CA MET A 174 19.77 -16.43 1.20
C MET A 174 19.06 -15.30 0.47
N SER A 175 19.85 -14.46 -0.19
CA SER A 175 19.33 -13.34 -0.98
C SER A 175 19.45 -13.77 -2.44
N SER A 176 18.90 -12.99 -3.38
CA SER A 176 18.93 -13.32 -4.80
C SER A 176 18.71 -12.10 -5.66
N THR A 177 19.75 -11.32 -5.89
CA THR A 177 19.60 -10.13 -6.71
C THR A 177 19.37 -10.51 -8.17
N LEU A 178 19.12 -9.50 -9.00
CA LEU A 178 18.90 -9.72 -10.41
C LEU A 178 19.17 -8.41 -11.14
N THR A 179 20.23 -8.42 -11.93
CA THR A 179 20.64 -7.24 -12.66
C THR A 179 20.25 -7.34 -14.13
N LEU A 180 20.01 -6.19 -14.74
CA LEU A 180 19.62 -6.12 -16.13
C LEU A 180 19.69 -4.69 -16.68
N THR A 181 19.25 -4.55 -17.93
CA THR A 181 19.21 -3.28 -18.65
C THR A 181 18.25 -2.30 -18.01
N LYS A 182 18.60 -1.01 -18.07
CA LYS A 182 17.74 0.02 -17.50
C LYS A 182 16.38 0.00 -18.19
N ASP A 183 16.35 0.34 -19.46
CA ASP A 183 15.09 0.36 -20.20
C ASP A 183 14.43 -0.98 -20.44
N GLU A 184 15.21 -2.07 -20.45
CA GLU A 184 14.65 -3.42 -20.63
C GLU A 184 13.65 -3.57 -19.51
N TYR A 185 14.08 -3.10 -18.35
CA TYR A 185 13.30 -3.10 -17.15
C TYR A 185 12.09 -2.17 -17.41
N GLU A 186 12.36 -1.02 -18.03
CA GLU A 186 11.32 -0.03 -18.33
C GLU A 186 10.31 -0.51 -19.36
N ARG A 187 10.69 -1.54 -20.12
CA ARG A 187 9.80 -2.10 -21.13
C ARG A 187 8.80 -3.04 -20.47
N HIS A 188 9.09 -3.42 -19.22
CA HIS A 188 8.24 -4.33 -18.47
C HIS A 188 7.63 -3.64 -17.26
N ASN A 189 6.62 -4.27 -16.67
CA ASN A 189 5.93 -3.70 -15.52
C ASN A 189 6.01 -4.52 -14.23
N SER A 190 5.21 -5.57 -14.13
CA SER A 190 5.16 -6.40 -12.94
C SER A 190 6.30 -7.41 -12.76
N TYR A 191 7.15 -7.18 -11.76
CA TYR A 191 8.26 -8.09 -11.46
C TYR A 191 7.96 -9.11 -10.35
N THR A 192 7.87 -10.37 -10.72
CA THR A 192 7.56 -11.42 -9.77
C THR A 192 8.78 -12.21 -9.29
N CYS A 193 8.96 -12.27 -7.98
CA CYS A 193 10.08 -13.02 -7.40
C CYS A 193 9.58 -14.29 -6.71
N GLU A 194 9.07 -15.24 -7.50
CA GLU A 194 8.55 -16.49 -6.96
C GLU A 194 9.62 -17.27 -6.22
N ALA A 195 9.18 -18.15 -5.33
CA ALA A 195 10.11 -18.97 -4.55
C ALA A 195 9.43 -20.24 -4.04
N THR A 196 10.09 -21.38 -4.23
CA THR A 196 9.50 -22.63 -3.81
C THR A 196 10.34 -23.44 -2.83
N HIS A 197 9.92 -23.42 -1.58
CA HIS A 197 10.61 -24.14 -0.51
C HIS A 197 9.79 -25.42 -0.26
N LYS A 198 10.16 -26.17 0.77
CA LYS A 198 9.45 -27.40 1.13
C LYS A 198 8.22 -27.07 1.96
N THR A 199 8.45 -26.40 3.08
CA THR A 199 7.43 -25.97 4.05
C THR A 199 6.04 -25.82 3.47
N SER A 200 5.88 -24.80 2.62
CA SER A 200 4.60 -24.55 1.98
C SER A 200 4.58 -25.35 0.67
N THR A 201 3.59 -26.23 0.56
CA THR A 201 3.45 -27.06 -0.64
C THR A 201 3.22 -26.14 -1.82
N SER A 202 2.69 -24.95 -1.52
CA SER A 202 2.43 -23.96 -2.53
C SER A 202 3.63 -23.00 -2.54
N PRO A 203 3.82 -22.29 -3.66
CA PRO A 203 4.92 -21.33 -3.83
C PRO A 203 4.67 -20.04 -3.08
N ILE A 204 5.76 -19.41 -2.68
CA ILE A 204 5.71 -18.16 -1.95
C ILE A 204 6.11 -17.08 -2.93
N VAL A 205 5.20 -16.17 -3.20
CA VAL A 205 5.49 -15.11 -4.14
C VAL A 205 5.47 -13.75 -3.44
N LYS A 206 5.90 -12.73 -4.18
CA LYS A 206 5.92 -11.35 -3.71
C LYS A 206 6.41 -10.63 -4.95
N SER A 207 5.90 -9.43 -5.18
CA SER A 207 6.31 -8.69 -6.37
C SER A 207 5.88 -7.23 -6.35
N PHE A 208 5.66 -6.67 -7.54
CA PHE A 208 5.25 -5.28 -7.68
C PHE A 208 5.02 -4.96 -9.14
N ASN A 209 4.32 -3.88 -9.40
CA ASN A 209 4.15 -3.45 -10.78
C ASN A 209 4.77 -2.06 -10.83
N ARG A 210 5.85 -1.97 -11.61
CA ARG A 210 6.64 -0.76 -11.80
C ARG A 210 5.78 0.50 -11.94
N ASN A 211 5.58 1.20 -10.84
CA ASN A 211 4.80 2.43 -10.83
C ASN A 211 5.63 3.47 -10.10
N GLU A 212 5.17 4.72 -10.06
CA GLU A 212 5.88 5.76 -9.32
C GLU A 212 5.78 5.38 -7.87
N CYS A 213 6.67 4.45 -7.55
CA CYS A 213 6.84 3.75 -6.28
C CYS A 213 6.13 2.38 -6.37
N VAL B 1 48.68 -16.26 25.75
CA VAL B 1 48.93 -17.56 25.05
C VAL B 1 48.50 -17.39 23.58
N LYS B 2 48.92 -16.29 22.94
CA LYS B 2 48.47 -16.06 21.57
C LYS B 2 49.42 -15.53 20.49
N LEU B 3 49.09 -15.87 19.23
CA LEU B 3 49.86 -15.45 18.06
C LEU B 3 48.99 -14.97 16.91
N GLN B 4 49.22 -13.75 16.48
CA GLN B 4 48.45 -13.19 15.38
C GLN B 4 49.28 -12.78 14.17
N GLU B 5 48.76 -13.04 12.96
CA GLU B 5 49.48 -12.71 11.73
C GLU B 5 49.27 -11.31 11.16
N SER B 6 50.28 -10.83 10.45
CA SER B 6 50.21 -9.49 9.90
C SER B 6 50.11 -9.37 8.36
N GLY B 7 50.29 -8.12 7.90
CA GLY B 7 50.23 -7.71 6.50
C GLY B 7 50.33 -8.74 5.40
N ALA B 8 49.32 -8.73 4.53
CA ALA B 8 49.24 -9.63 3.38
C ALA B 8 47.84 -9.56 2.79
N GLU B 9 47.68 -8.68 1.80
CA GLU B 9 46.41 -8.45 1.12
C GLU B 9 46.36 -8.82 -0.38
N LEU B 10 46.26 -7.82 -1.25
CA LEU B 10 46.18 -8.06 -2.69
C LEU B 10 47.52 -7.92 -3.35
N ALA B 11 47.85 -8.84 -4.25
CA ALA B 11 49.11 -8.79 -4.97
C ALA B 11 48.96 -9.20 -6.43
N ARG B 12 49.66 -8.50 -7.32
CA ARG B 12 49.62 -8.81 -8.76
C ARG B 12 50.15 -10.23 -8.93
N PRO B 13 49.61 -10.97 -9.92
CA PRO B 13 50.04 -12.35 -10.16
C PRO B 13 51.54 -12.45 -10.50
N GLY B 14 52.29 -13.13 -9.63
CA GLY B 14 53.71 -13.30 -9.85
C GLY B 14 54.57 -12.56 -8.85
N ALA B 15 54.20 -11.32 -8.55
CA ALA B 15 54.91 -10.47 -7.58
C ALA B 15 55.03 -11.11 -6.20
N SER B 16 55.56 -10.34 -5.25
CA SER B 16 55.81 -10.89 -3.91
C SER B 16 55.36 -10.03 -2.75
N VAL B 17 55.31 -10.65 -1.57
CA VAL B 17 54.95 -9.99 -0.32
C VAL B 17 55.29 -10.89 0.89
N LYS B 18 55.54 -10.27 2.04
CA LYS B 18 55.92 -11.00 3.25
C LYS B 18 55.00 -10.81 4.44
N MET B 19 54.43 -11.90 4.94
CA MET B 19 53.56 -11.84 6.13
C MET B 19 54.32 -12.33 7.34
N SER B 20 54.00 -11.76 8.50
CA SER B 20 54.70 -12.09 9.71
C SER B 20 53.84 -12.44 10.90
N CYS B 21 53.49 -13.71 11.02
CA CYS B 21 52.68 -14.19 12.13
C CYS B 21 53.39 -13.93 13.44
N LYS B 22 52.98 -12.85 14.13
CA LYS B 22 53.53 -12.43 15.42
C LYS B 22 52.98 -13.17 16.64
N ALA B 23 53.86 -13.52 17.56
CA ALA B 23 53.47 -14.26 18.75
C ALA B 23 53.74 -13.56 20.06
N SER B 24 53.26 -14.21 21.12
CA SER B 24 53.38 -13.74 22.49
C SER B 24 52.72 -14.75 23.41
N GLY B 25 52.97 -14.60 24.70
CA GLY B 25 52.38 -15.50 25.67
C GLY B 25 53.18 -16.75 25.99
N TYR B 26 54.52 -16.64 25.89
CA TYR B 26 55.41 -17.77 26.18
C TYR B 26 56.80 -17.60 25.55
N THR B 27 57.57 -18.66 25.67
CA THR B 27 58.91 -18.68 25.11
C THR B 27 58.86 -19.21 23.68
N PHE B 28 59.11 -18.30 22.75
CA PHE B 28 59.10 -18.56 21.31
C PHE B 28 60.21 -19.50 20.83
N THR B 29 61.44 -19.13 21.18
CA THR B 29 62.67 -19.84 20.81
C THR B 29 62.73 -21.35 21.09
N THR B 30 61.75 -21.87 21.83
CA THR B 30 61.76 -23.30 22.17
C THR B 30 60.66 -24.02 21.41
N TYR B 31 60.14 -23.34 20.39
CA TYR B 31 59.06 -23.91 19.63
C TYR B 31 59.15 -23.96 18.12
N THR B 32 58.59 -25.04 17.60
CA THR B 32 58.52 -25.30 16.17
C THR B 32 57.25 -24.58 15.71
N ILE B 33 57.34 -23.91 14.57
CA ILE B 33 56.20 -23.15 14.05
C ILE B 33 55.97 -23.28 12.55
N HIS B 34 54.79 -23.76 12.13
CA HIS B 34 54.48 -23.90 10.70
C HIS B 34 53.66 -22.71 10.20
N TRP B 35 53.15 -22.90 9.00
CA TRP B 35 52.27 -21.96 8.33
C TRP B 35 51.40 -22.88 7.53
N ILE B 36 50.12 -22.55 7.44
CA ILE B 36 49.17 -23.35 6.69
C ILE B 36 48.24 -22.38 6.01
N LYS B 37 47.54 -22.87 5.01
CA LYS B 37 46.63 -22.04 4.28
C LYS B 37 45.34 -22.78 4.00
N GLN B 38 44.38 -22.03 3.45
CA GLN B 38 43.09 -22.58 3.11
C GLN B 38 42.53 -21.64 2.07
N ARG B 39 42.15 -22.21 0.93
CA ARG B 39 41.60 -21.43 -0.16
C ARG B 39 40.07 -21.54 -0.10
N PRO B 40 39.34 -20.67 -0.82
CA PRO B 40 37.88 -20.62 -0.87
C PRO B 40 37.14 -21.97 -0.79
N GLY B 41 36.44 -22.17 0.33
CA GLY B 41 35.69 -23.39 0.56
C GLY B 41 36.50 -24.65 0.36
N GLN B 42 37.80 -24.56 0.62
CA GLN B 42 38.72 -25.67 0.42
C GLN B 42 39.13 -26.32 1.72
N GLY B 43 40.06 -27.26 1.62
CA GLY B 43 40.58 -27.96 2.79
C GLY B 43 41.83 -27.26 3.30
N LEU B 44 42.47 -27.84 4.31
CA LEU B 44 43.68 -27.23 4.85
C LEU B 44 44.93 -27.76 4.18
N GLU B 45 45.75 -26.83 3.69
CA GLU B 45 47.00 -27.16 3.00
C GLU B 45 48.23 -26.68 3.78
N TRP B 46 48.97 -27.62 4.35
CA TRP B 46 50.20 -27.31 5.10
C TRP B 46 51.23 -26.77 4.14
N ILE B 47 52.04 -25.83 4.60
CA ILE B 47 53.07 -25.29 3.72
C ILE B 47 54.49 -25.27 4.34
N GLY B 48 55.06 -24.09 4.58
CA GLY B 48 56.38 -24.02 5.20
C GLY B 48 56.44 -24.69 6.57
N TYR B 49 57.55 -24.46 7.26
CA TYR B 49 57.80 -24.99 8.60
C TYR B 49 59.27 -24.85 8.95
N ILE B 50 59.53 -24.02 9.96
CA ILE B 50 60.87 -23.77 10.45
C ILE B 50 61.02 -24.62 11.69
N ASN B 51 61.96 -24.32 12.57
CA ASN B 51 62.09 -25.11 13.80
C ASN B 51 62.59 -24.18 14.92
N PRO B 52 62.82 -24.71 16.15
CA PRO B 52 63.28 -23.83 17.22
C PRO B 52 64.39 -22.93 16.75
N SER B 53 65.61 -23.44 16.84
CA SER B 53 66.83 -22.74 16.45
C SER B 53 66.75 -22.05 15.09
N SER B 54 66.57 -22.85 14.04
CA SER B 54 66.45 -22.45 12.63
C SER B 54 67.14 -23.46 11.73
N VAL B 55 67.50 -24.60 12.32
CA VAL B 55 68.15 -25.73 11.62
C VAL B 55 67.28 -26.28 10.49
N TYR B 56 66.42 -27.26 10.79
CA TYR B 56 65.52 -27.82 9.77
C TYR B 56 64.59 -26.74 9.24
N THR B 57 64.20 -26.87 7.99
CA THR B 57 63.32 -25.89 7.36
C THR B 57 62.52 -26.61 6.23
N ASN B 58 61.72 -27.60 6.60
CA ASN B 58 60.94 -28.39 5.63
C ASN B 58 59.81 -27.61 4.95
N TYR B 59 59.93 -27.38 3.64
CA TYR B 59 58.88 -26.70 2.85
C TYR B 59 58.11 -27.81 2.09
N ASN B 60 57.46 -27.43 0.98
CA ASN B 60 56.74 -28.39 0.16
C ASN B 60 56.42 -27.91 -1.28
N GLN B 61 56.09 -28.88 -2.13
CA GLN B 61 55.76 -28.72 -3.55
C GLN B 61 55.29 -27.37 -4.05
N ARG B 62 54.01 -27.07 -3.87
CA ARG B 62 53.43 -25.83 -4.36
C ARG B 62 54.16 -24.52 -4.01
N PHE B 63 55.26 -24.57 -3.24
CA PHE B 63 55.97 -23.35 -2.84
C PHE B 63 57.47 -23.50 -2.65
N LYS B 64 58.02 -24.62 -3.09
CA LYS B 64 59.46 -24.85 -3.00
C LYS B 64 60.23 -23.71 -3.66
N ASP B 65 61.33 -23.29 -3.04
CA ASP B 65 62.18 -22.22 -3.56
C ASP B 65 61.45 -20.98 -4.10
N LYS B 66 60.16 -20.83 -3.81
CA LYS B 66 59.42 -19.66 -4.28
C LYS B 66 58.73 -18.91 -3.14
N ALA B 67 58.78 -19.51 -1.96
CA ALA B 67 58.22 -18.94 -0.74
C ALA B 67 59.28 -19.27 0.29
N THR B 68 59.65 -18.29 1.11
CA THR B 68 60.69 -18.52 2.10
C THR B 68 60.26 -18.27 3.53
N LEU B 69 60.45 -19.27 4.37
CA LEU B 69 60.07 -19.18 5.77
C LEU B 69 61.21 -18.85 6.73
N THR B 70 61.28 -17.58 7.11
CA THR B 70 62.28 -17.10 8.05
C THR B 70 61.76 -17.25 9.50
N ARG B 71 62.46 -16.62 10.43
CA ARG B 71 62.11 -16.64 11.84
C ARG B 71 63.00 -15.56 12.51
N ASP B 72 62.72 -15.19 13.76
CA ASP B 72 63.51 -14.17 14.44
C ASP B 72 63.34 -14.34 15.94
N ARG B 73 63.26 -15.61 16.37
CA ARG B 73 63.09 -16.02 17.77
C ARG B 73 63.32 -14.92 18.83
N SER B 74 64.36 -14.12 18.65
CA SER B 74 64.69 -13.04 19.56
C SER B 74 63.48 -12.15 19.83
N SER B 75 62.93 -11.53 18.79
CA SER B 75 61.78 -10.65 18.96
C SER B 75 60.47 -11.25 18.44
N ASN B 76 60.22 -12.49 18.86
CA ASN B 76 59.02 -13.26 18.53
C ASN B 76 58.24 -12.98 17.26
N THR B 77 58.61 -13.63 16.17
CA THR B 77 57.92 -13.47 14.89
C THR B 77 58.31 -14.61 13.92
N ALA B 78 57.36 -15.08 13.12
CA ALA B 78 57.62 -16.13 12.10
C ALA B 78 57.41 -15.35 10.82
N ASN B 79 57.84 -15.90 9.69
CA ASN B 79 57.67 -15.19 8.43
C ASN B 79 57.39 -16.12 7.25
N ILE B 80 57.06 -15.49 6.12
CA ILE B 80 56.81 -16.17 4.86
C ILE B 80 57.05 -15.13 3.78
N HIS B 81 57.86 -15.51 2.81
CA HIS B 81 58.15 -14.59 1.74
C HIS B 81 57.65 -15.15 0.44
N LEU B 82 56.38 -14.87 0.18
CA LEU B 82 55.72 -15.31 -1.04
C LEU B 82 56.43 -14.60 -2.18
N SER B 83 57.03 -15.37 -3.08
CA SER B 83 57.75 -14.79 -4.19
C SER B 83 57.00 -14.89 -5.52
N SER B 84 57.20 -15.98 -6.26
CA SER B 84 56.53 -16.14 -7.55
C SER B 84 55.09 -16.50 -7.21
N LEU B 85 54.23 -15.51 -7.20
CA LEU B 85 52.83 -15.75 -6.85
C LEU B 85 51.91 -16.18 -7.99
N THR B 86 51.62 -17.47 -8.01
CA THR B 86 50.72 -18.02 -9.00
C THR B 86 49.33 -17.77 -8.41
N SER B 87 48.44 -17.22 -9.23
CA SER B 87 47.07 -16.88 -8.84
C SER B 87 46.44 -17.93 -7.94
N ASP B 88 46.87 -19.18 -8.11
CA ASP B 88 46.39 -20.29 -7.29
C ASP B 88 46.98 -20.33 -5.88
N ASP B 89 47.52 -19.22 -5.43
CA ASP B 89 48.10 -19.11 -4.09
C ASP B 89 47.21 -18.26 -3.21
N SER B 90 46.17 -17.70 -3.83
CA SER B 90 45.23 -16.85 -3.15
C SER B 90 44.49 -17.61 -2.05
N ALA B 91 44.68 -17.15 -0.82
CA ALA B 91 44.06 -17.79 0.34
C ALA B 91 44.33 -16.96 1.59
N VAL B 92 44.01 -17.54 2.74
CA VAL B 92 44.24 -16.91 4.03
C VAL B 92 45.31 -17.80 4.62
N TYR B 93 46.31 -17.19 5.24
CA TYR B 93 47.40 -17.96 5.76
C TYR B 93 47.51 -17.91 7.24
N TYR B 94 47.41 -19.08 7.86
CA TYR B 94 47.52 -19.20 9.31
C TYR B 94 48.96 -19.30 9.73
N CYS B 95 49.16 -19.64 10.99
CA CYS B 95 50.49 -19.77 11.53
C CYS B 95 50.38 -20.49 12.84
N VAL B 96 50.74 -21.76 12.89
CA VAL B 96 50.63 -22.49 14.15
C VAL B 96 51.96 -22.70 14.84
N ARG B 97 52.08 -23.81 15.54
CA ARG B 97 53.29 -24.16 16.24
C ARG B 97 53.08 -25.62 16.61
N GLU B 98 54.12 -26.43 16.39
CA GLU B 98 54.04 -27.86 16.64
C GLU B 98 53.80 -28.22 18.12
N GLY B 99 53.96 -29.51 18.45
CA GLY B 99 53.64 -30.05 19.76
C GLY B 99 52.61 -31.06 19.25
N GLU B 100 51.92 -30.58 18.20
CA GLU B 100 50.88 -31.20 17.34
C GLU B 100 50.01 -30.13 16.66
N VAL B 101 50.59 -28.95 16.43
CA VAL B 101 49.93 -27.83 15.76
C VAL B 101 48.70 -27.32 16.57
N PRO B 102 48.91 -26.93 17.86
CA PRO B 102 47.81 -26.44 18.72
C PRO B 102 47.32 -25.00 18.64
N TYR B 103 48.21 -24.02 18.55
CA TYR B 103 47.76 -22.64 18.52
C TYR B 103 47.86 -21.87 17.22
N TRP B 104 46.79 -21.90 16.45
CA TRP B 104 46.74 -21.22 15.18
C TRP B 104 46.40 -19.74 15.36
N GLY B 105 46.94 -18.89 14.51
CA GLY B 105 46.66 -17.48 14.60
C GLY B 105 45.35 -17.11 13.97
N GLN B 106 45.17 -15.81 13.69
CA GLN B 106 43.94 -15.30 13.07
C GLN B 106 43.90 -15.61 11.58
N GLY B 107 44.88 -15.10 10.85
CA GLY B 107 44.97 -15.31 9.43
C GLY B 107 44.89 -14.05 8.60
N THR B 108 45.72 -13.96 7.57
CA THR B 108 45.70 -12.81 6.68
C THR B 108 45.30 -13.38 5.31
N THR B 109 44.49 -12.64 4.55
CA THR B 109 44.06 -13.15 3.27
C THR B 109 44.67 -12.44 2.10
N VAL B 110 45.46 -13.20 1.36
CA VAL B 110 46.10 -12.71 0.17
C VAL B 110 45.17 -13.01 -0.96
N THR B 111 45.31 -12.24 -2.01
CA THR B 111 44.50 -12.43 -3.17
C THR B 111 45.43 -12.19 -4.34
N VAL B 112 45.79 -13.25 -5.04
CA VAL B 112 46.67 -13.10 -6.18
C VAL B 112 45.77 -12.71 -7.34
N SER B 113 45.65 -11.41 -7.59
CA SER B 113 44.80 -10.95 -8.67
C SER B 113 45.30 -9.78 -9.50
N SER B 114 45.08 -9.91 -10.80
CA SER B 114 45.47 -8.94 -11.80
C SER B 114 44.52 -7.75 -11.85
N ALA B 115 43.29 -7.95 -11.35
CA ALA B 115 42.26 -6.91 -11.34
C ALA B 115 42.66 -5.64 -10.60
N LYS B 116 41.95 -4.55 -10.89
CA LYS B 116 42.22 -3.24 -10.28
C LYS B 116 41.28 -2.98 -9.11
N THR B 117 41.83 -2.35 -8.08
CA THR B 117 41.07 -2.01 -6.90
C THR B 117 39.95 -1.06 -7.31
N THR B 118 38.74 -1.59 -7.42
CA THR B 118 37.60 -0.81 -7.82
C THR B 118 36.60 -0.53 -6.69
N PRO B 119 36.41 0.74 -6.28
CA PRO B 119 35.46 1.07 -5.22
C PRO B 119 34.02 0.83 -5.71
N PRO B 120 33.15 0.27 -4.84
CA PRO B 120 31.75 -0.04 -5.13
C PRO B 120 30.77 1.13 -5.23
N SER B 121 29.51 0.79 -5.04
CA SER B 121 28.44 1.76 -5.08
C SER B 121 27.35 1.24 -4.16
N VAL B 122 26.81 2.15 -3.35
CA VAL B 122 25.75 1.80 -2.43
C VAL B 122 24.43 2.14 -3.04
N TYR B 123 23.51 1.19 -2.97
CA TYR B 123 22.18 1.38 -3.52
C TYR B 123 21.24 0.95 -2.42
N PRO B 124 20.64 1.93 -1.73
CA PRO B 124 19.70 1.70 -0.64
C PRO B 124 18.46 0.99 -1.13
N LEU B 125 18.03 -0.01 -0.39
CA LEU B 125 16.86 -0.75 -0.80
C LEU B 125 15.62 -0.44 0.03
N ALA B 126 14.79 0.46 -0.47
CA ALA B 126 13.55 0.81 0.20
C ALA B 126 12.46 -0.06 -0.44
N PRO B 127 11.51 -0.58 0.38
CA PRO B 127 10.42 -1.43 -0.12
C PRO B 127 9.53 -0.64 -1.05
N GLY B 128 8.84 -1.34 -1.94
CA GLY B 128 7.95 -0.69 -2.89
C GLY B 128 6.67 -0.26 -2.22
N SER B 129 6.82 0.53 -1.15
CA SER B 129 5.70 1.05 -0.36
C SER B 129 4.77 -0.05 0.13
N ALA B 130 3.67 -0.27 -0.58
CA ALA B 130 2.67 -1.27 -0.19
C ALA B 130 2.14 -0.87 1.19
N ALA B 131 1.63 -1.85 1.94
CA ALA B 131 1.11 -1.59 3.27
C ALA B 131 2.09 -2.11 4.31
N GLN B 132 2.44 -1.25 5.26
CA GLN B 132 3.37 -1.61 6.30
C GLN B 132 2.63 -2.39 7.39
N THR B 133 2.49 -3.68 7.13
CA THR B 133 1.82 -4.60 8.04
C THR B 133 2.82 -5.51 8.72
N ASN B 134 2.31 -6.30 9.64
CA ASN B 134 3.12 -7.24 10.40
C ASN B 134 4.17 -6.56 11.28
N SER B 135 4.16 -5.23 11.32
CA SER B 135 5.11 -4.44 12.12
C SER B 135 6.59 -4.63 11.83
N MET B 136 6.93 -5.34 10.76
CA MET B 136 8.34 -5.60 10.45
C MET B 136 8.78 -5.25 9.04
N VAL B 137 9.18 -4.01 8.84
CA VAL B 137 9.64 -3.55 7.53
C VAL B 137 11.10 -3.90 7.37
N THR B 138 11.37 -4.97 6.64
CA THR B 138 12.74 -5.40 6.43
C THR B 138 13.33 -4.51 5.37
N LEU B 139 14.54 -4.05 5.64
CA LEU B 139 15.24 -3.18 4.72
C LEU B 139 16.51 -3.84 4.24
N GLY B 140 17.18 -3.18 3.31
CA GLY B 140 18.39 -3.73 2.77
C GLY B 140 19.28 -2.71 2.15
N CYS B 141 20.50 -3.13 1.85
CA CYS B 141 21.45 -2.24 1.25
C CYS B 141 22.23 -3.04 0.22
N LEU B 142 22.50 -2.41 -0.90
CA LEU B 142 23.23 -3.07 -1.96
C LEU B 142 24.61 -2.50 -2.24
N VAL B 143 25.62 -3.36 -2.22
CA VAL B 143 26.99 -2.93 -2.49
C VAL B 143 27.45 -3.67 -3.72
N LYS B 144 27.52 -2.96 -4.84
CA LYS B 144 27.92 -3.60 -6.08
C LYS B 144 29.12 -3.01 -6.81
N GLY B 145 29.97 -3.90 -7.31
CA GLY B 145 31.14 -3.52 -8.06
C GLY B 145 32.33 -3.02 -7.25
N TYR B 146 32.86 -3.87 -6.37
CA TYR B 146 34.01 -3.47 -5.57
C TYR B 146 35.08 -4.53 -5.62
N PHE B 147 36.33 -4.08 -5.73
CA PHE B 147 37.42 -5.00 -5.79
C PHE B 147 38.64 -4.46 -5.10
N PRO B 148 39.25 -5.29 -4.25
CA PRO B 148 38.78 -6.65 -3.98
C PRO B 148 37.88 -6.63 -2.77
N GLU B 149 37.95 -7.70 -1.98
CA GLU B 149 37.20 -7.76 -0.74
C GLU B 149 38.16 -7.29 0.34
N PRO B 150 37.67 -7.08 1.56
CA PRO B 150 36.29 -7.25 2.00
C PRO B 150 35.68 -5.88 2.23
N VAL B 151 34.51 -5.86 2.85
CA VAL B 151 33.83 -4.61 3.17
C VAL B 151 33.09 -4.74 4.48
N THR B 152 33.02 -3.63 5.21
CA THR B 152 32.35 -3.63 6.48
C THR B 152 31.05 -2.88 6.44
N VAL B 153 29.98 -3.66 6.52
CA VAL B 153 28.64 -3.12 6.50
C VAL B 153 28.14 -3.12 7.93
N THR B 154 27.74 -1.94 8.37
CA THR B 154 27.24 -1.72 9.71
C THR B 154 25.94 -0.92 9.56
N TRP B 155 24.96 -1.24 10.40
CA TRP B 155 23.68 -0.56 10.33
C TRP B 155 23.45 0.50 11.41
N ASN B 156 23.23 1.73 10.96
CA ASN B 156 22.99 2.88 11.85
C ASN B 156 24.19 3.01 12.79
N SER B 157 25.36 2.80 12.19
CA SER B 157 26.64 2.87 12.87
C SER B 157 26.74 1.78 13.92
N GLY B 158 26.48 0.55 13.50
CA GLY B 158 26.54 -0.60 14.38
C GLY B 158 25.58 -0.63 15.56
N SER B 159 24.78 0.43 15.72
CA SER B 159 23.83 0.52 16.82
C SER B 159 22.81 -0.58 16.67
N LEU B 160 22.31 -0.71 15.45
CA LEU B 160 21.32 -1.73 15.15
C LEU B 160 22.07 -3.02 14.93
N SER B 161 21.55 -4.08 15.51
CA SER B 161 22.20 -5.38 15.43
C SER B 161 21.24 -6.45 15.95
N SER B 162 19.96 -6.16 15.86
CA SER B 162 18.95 -7.09 16.31
C SER B 162 18.89 -8.27 15.34
N GLY B 163 18.44 -7.99 14.12
CA GLY B 163 18.30 -9.03 13.11
C GLY B 163 18.74 -8.53 11.76
N VAL B 164 20.03 -8.64 11.49
CA VAL B 164 20.57 -8.22 10.21
C VAL B 164 21.16 -9.43 9.53
N HIS B 165 21.23 -9.39 8.21
CA HIS B 165 21.80 -10.49 7.45
C HIS B 165 22.63 -9.97 6.33
N THR B 166 23.91 -9.82 6.63
CA THR B 166 24.91 -9.36 5.68
C THR B 166 25.12 -10.59 4.79
N PHE B 167 25.35 -10.38 3.50
CA PHE B 167 25.51 -11.50 2.57
C PHE B 167 26.86 -11.73 1.95
N PRO B 168 27.35 -12.99 1.98
CA PRO B 168 28.64 -13.40 1.42
C PRO B 168 28.79 -12.80 0.04
N ALA B 169 29.88 -12.07 -0.14
CA ALA B 169 30.16 -11.41 -1.41
C ALA B 169 30.39 -12.45 -2.49
N VAL B 170 30.05 -12.12 -3.72
CA VAL B 170 30.24 -13.06 -4.82
C VAL B 170 30.96 -12.44 -6.01
N LEU B 171 31.94 -13.16 -6.53
CA LEU B 171 32.70 -12.67 -7.67
C LEU B 171 31.90 -12.86 -8.96
N GLN B 172 31.81 -11.78 -9.72
CA GLN B 172 31.09 -11.78 -10.98
C GLN B 172 31.88 -10.96 -11.98
N SER B 173 32.63 -11.66 -12.83
CA SER B 173 33.47 -11.07 -13.86
C SER B 173 34.30 -9.94 -13.24
N ASP B 174 35.32 -10.33 -12.49
CA ASP B 174 36.22 -9.39 -11.81
C ASP B 174 35.53 -8.34 -10.94
N LEU B 175 34.29 -8.62 -10.55
CA LEU B 175 33.54 -7.69 -9.73
C LEU B 175 32.77 -8.34 -8.61
N TYR B 176 32.95 -7.79 -7.42
CA TYR B 176 32.27 -8.28 -6.23
C TYR B 176 31.01 -7.49 -5.95
N THR B 177 30.07 -8.15 -5.28
CA THR B 177 28.81 -7.53 -4.93
C THR B 177 28.02 -8.40 -3.98
N LEU B 178 27.33 -7.75 -3.04
CA LEU B 178 26.49 -8.44 -2.07
C LEU B 178 25.48 -7.47 -1.47
N SER B 179 24.77 -7.94 -0.47
CA SER B 179 23.75 -7.12 0.14
C SER B 179 23.58 -7.42 1.62
N SER B 180 22.76 -6.62 2.29
CA SER B 180 22.48 -6.84 3.71
C SER B 180 21.06 -6.42 4.02
N SER B 181 20.40 -7.20 4.88
CA SER B 181 19.01 -6.94 5.24
C SER B 181 18.93 -6.55 6.68
N VAL B 182 17.81 -5.97 7.08
CA VAL B 182 17.65 -5.52 8.44
C VAL B 182 16.19 -5.44 8.87
N THR B 183 15.81 -6.42 9.66
CA THR B 183 14.47 -6.54 10.19
C THR B 183 14.24 -5.56 11.35
N VAL B 184 13.34 -4.63 11.14
CA VAL B 184 12.99 -3.65 12.16
C VAL B 184 11.47 -3.43 12.29
N PRO B 185 11.05 -2.76 13.37
CA PRO B 185 9.62 -2.50 13.57
C PRO B 185 9.13 -1.48 12.52
N SER B 186 7.85 -1.53 12.16
CA SER B 186 7.29 -0.63 11.15
C SER B 186 7.41 0.86 11.47
N SER B 187 6.82 1.23 12.60
CA SER B 187 6.80 2.59 13.11
C SER B 187 8.07 3.43 13.10
N PRO B 188 9.19 2.88 13.63
CA PRO B 188 10.44 3.63 13.67
C PRO B 188 11.02 4.04 12.33
N ARG B 189 10.83 3.22 11.31
CA ARG B 189 11.42 3.55 10.01
C ARG B 189 10.98 4.89 9.41
N PRO B 190 9.68 5.04 9.12
CA PRO B 190 9.23 6.31 8.55
C PRO B 190 9.79 7.48 9.37
N SER B 191 9.61 7.36 10.68
CA SER B 191 10.09 8.35 11.64
C SER B 191 11.61 8.26 11.78
N GLU B 192 12.08 7.75 12.92
CA GLU B 192 13.52 7.63 13.18
C GLU B 192 14.27 6.86 12.08
N THR B 193 15.04 7.62 11.31
CA THR B 193 15.83 7.15 10.16
C THR B 193 16.82 6.02 10.37
N VAL B 194 17.15 5.38 9.25
CA VAL B 194 18.09 4.28 9.21
C VAL B 194 19.09 4.50 8.09
N THR B 195 20.38 4.42 8.43
CA THR B 195 21.44 4.54 7.42
C THR B 195 22.25 3.29 7.30
N CYS B 196 22.83 3.18 6.13
CA CYS B 196 23.68 2.08 5.74
C CYS B 196 25.11 2.58 5.76
N ASN B 197 25.85 2.22 6.79
CA ASN B 197 27.24 2.65 6.90
C ASN B 197 28.16 1.54 6.45
N VAL B 198 28.97 1.85 5.45
CA VAL B 198 29.89 0.88 4.89
C VAL B 198 31.21 1.49 4.48
N ALA B 199 32.23 0.63 4.41
CA ALA B 199 33.54 1.10 4.03
C ALA B 199 34.32 0.00 3.33
N HIS B 200 35.00 0.39 2.26
CA HIS B 200 35.84 -0.53 1.51
C HIS B 200 37.22 -0.21 2.07
N PRO B 201 37.67 -1.04 3.04
CA PRO B 201 38.99 -0.82 3.65
C PRO B 201 40.06 -0.48 2.63
N ALA B 202 40.29 -1.39 1.68
CA ALA B 202 41.29 -1.20 0.64
C ALA B 202 40.73 -0.23 -0.40
N SER B 203 40.64 1.03 -0.02
CA SER B 203 40.13 2.10 -0.87
C SER B 203 39.84 3.28 0.03
N SER B 204 39.43 2.95 1.26
CA SER B 204 39.09 3.94 2.28
C SER B 204 37.86 4.74 1.85
N THR B 205 36.77 4.04 1.53
CA THR B 205 35.53 4.69 1.12
C THR B 205 34.41 4.54 2.14
N LYS B 206 34.44 5.37 3.18
CA LYS B 206 33.42 5.32 4.22
C LYS B 206 32.22 6.01 3.62
N VAL B 207 31.07 5.35 3.72
CA VAL B 207 29.85 5.90 3.15
C VAL B 207 28.62 5.60 3.99
N ASP B 208 27.73 6.58 4.07
CA ASP B 208 26.48 6.46 4.82
C ASP B 208 25.31 6.79 3.91
N LYS B 209 24.52 5.78 3.58
CA LYS B 209 23.36 5.95 2.71
C LYS B 209 22.05 5.92 3.50
N LYS B 210 21.34 7.04 3.50
CA LYS B 210 20.08 7.15 4.22
C LYS B 210 18.95 6.56 3.37
N ILE B 211 18.37 5.46 3.84
CA ILE B 211 17.30 4.80 3.12
C ILE B 211 15.98 5.58 3.19
N VAL B 212 15.79 6.48 2.24
CA VAL B 212 14.58 7.29 2.17
C VAL B 212 13.55 6.48 1.42
N PRO B 213 12.28 6.65 1.76
CA PRO B 213 11.23 5.88 1.04
C PRO B 213 10.68 6.72 -0.10
N ARG B 214 9.87 6.09 -0.94
CA ARG B 214 9.26 6.78 -2.06
C ARG B 214 7.92 7.41 -1.67
N ASP B 215 7.08 7.66 -2.68
CA ASP B 215 5.74 8.24 -2.50
C ASP B 215 4.74 7.52 -3.42
N CYS B 216 4.28 6.33 -2.97
CA CYS B 216 3.34 5.53 -3.77
C CYS B 216 2.02 6.17 -4.12
N GLY B 217 1.82 7.39 -3.62
CA GLY B 217 0.62 8.12 -3.92
C GLY B 217 0.48 8.23 -5.42
N CYS B 218 -0.71 7.87 -5.91
CA CYS B 218 -1.05 7.90 -7.32
C CYS B 218 -1.67 9.26 -7.69
N LYS B 219 -0.82 10.24 -7.94
CA LYS B 219 -1.24 11.58 -8.35
C LYS B 219 -0.49 11.77 -9.68
N PRO B 220 -0.80 10.93 -10.68
CA PRO B 220 -0.11 11.07 -11.97
C PRO B 220 -1.01 11.50 -13.13
N CYS B 221 -2.30 11.68 -12.87
CA CYS B 221 -3.17 12.07 -13.95
C CYS B 221 -3.42 13.54 -14.22
N ILE B 222 -2.31 14.22 -14.48
CA ILE B 222 -2.26 15.63 -14.81
C ILE B 222 -2.12 15.69 -16.32
N CYS B 223 -3.11 16.28 -16.97
CA CYS B 223 -3.09 16.37 -18.42
C CYS B 223 -3.52 17.80 -18.79
N THR B 224 -3.92 18.00 -20.05
CA THR B 224 -4.39 19.30 -20.58
C THR B 224 -5.06 19.08 -21.95
N VAL B 225 -6.39 19.21 -21.99
CA VAL B 225 -7.16 19.02 -23.21
C VAL B 225 -7.03 20.18 -24.18
N PRO B 226 -6.46 19.93 -25.38
CA PRO B 226 -6.26 20.94 -26.42
C PRO B 226 -7.51 21.21 -27.26
N GLU B 227 -8.44 20.27 -27.28
CA GLU B 227 -9.68 20.39 -28.05
C GLU B 227 -10.63 21.43 -27.45
N VAL B 228 -11.36 21.03 -26.40
CA VAL B 228 -12.29 21.93 -25.73
C VAL B 228 -11.56 22.93 -24.84
N SER B 229 -12.31 23.84 -24.22
CA SER B 229 -11.70 24.84 -23.35
C SER B 229 -11.24 24.31 -21.99
N SER B 230 -10.66 25.21 -21.21
CA SER B 230 -10.17 24.91 -19.88
C SER B 230 -10.43 26.17 -19.02
N VAL B 231 -11.17 25.99 -17.92
CA VAL B 231 -11.52 27.09 -17.01
C VAL B 231 -10.55 27.27 -15.82
N PHE B 232 -10.41 28.52 -15.38
CA PHE B 232 -9.52 28.87 -14.26
C PHE B 232 -10.23 29.77 -13.26
N ILE B 233 -10.33 29.28 -12.03
CA ILE B 233 -10.98 30.01 -10.97
C ILE B 233 -9.96 30.79 -10.14
N PHE B 234 -10.15 32.11 -10.09
CA PHE B 234 -9.25 32.99 -9.36
C PHE B 234 -9.87 33.59 -8.10
N PRO B 235 -9.11 33.60 -6.98
CA PRO B 235 -9.49 34.12 -5.67
C PRO B 235 -9.70 35.64 -5.66
N PRO B 236 -10.54 36.13 -4.75
CA PRO B 236 -10.84 37.56 -4.64
C PRO B 236 -9.67 38.31 -4.01
N LYS B 237 -9.54 39.59 -4.36
CA LYS B 237 -8.48 40.42 -3.83
C LYS B 237 -8.63 40.59 -2.31
N PRO B 238 -7.54 40.38 -1.55
CA PRO B 238 -7.55 40.52 -0.09
C PRO B 238 -8.22 41.79 0.40
N LYS B 239 -8.03 42.90 -0.31
CA LYS B 239 -8.63 44.18 0.08
C LYS B 239 -10.19 44.13 0.05
N ASP B 240 -10.73 43.34 -0.88
CA ASP B 240 -12.17 43.19 -1.01
C ASP B 240 -12.73 42.38 0.16
N THR B 241 -12.01 41.33 0.53
CA THR B 241 -12.40 40.46 1.63
C THR B 241 -12.11 41.10 3.01
N LEU B 242 -11.50 42.28 3.00
CA LEU B 242 -11.17 42.98 4.23
C LEU B 242 -12.01 44.24 4.45
N LEU B 243 -12.00 45.13 3.45
CA LEU B 243 -12.79 46.36 3.53
C LEU B 243 -14.26 45.91 3.50
N ILE B 244 -14.96 46.17 4.59
CA ILE B 244 -16.36 45.76 4.74
C ILE B 244 -17.35 46.31 3.71
N THR B 245 -17.16 47.56 3.27
CA THR B 245 -18.05 48.16 2.27
C THR B 245 -17.84 47.60 0.87
N VAL B 246 -16.70 46.93 0.67
CA VAL B 246 -16.39 46.33 -0.62
C VAL B 246 -16.84 44.87 -0.61
N THR B 247 -17.41 44.43 -1.72
CA THR B 247 -17.92 43.07 -1.86
C THR B 247 -17.00 42.12 -2.65
N PRO B 248 -16.35 41.17 -1.94
CA PRO B 248 -15.43 40.17 -2.50
C PRO B 248 -15.97 39.22 -3.60
N LYS B 249 -15.67 39.56 -4.85
CA LYS B 249 -16.10 38.76 -5.99
C LYS B 249 -15.05 37.71 -6.31
N VAL B 250 -15.51 36.49 -6.58
CA VAL B 250 -14.62 35.39 -6.94
C VAL B 250 -14.86 35.09 -8.42
N THR B 251 -13.79 35.07 -9.20
CA THR B 251 -13.93 34.82 -10.63
C THR B 251 -13.60 33.41 -11.06
N CYS B 252 -14.01 33.10 -12.28
CA CYS B 252 -13.81 31.81 -12.90
C CYS B 252 -14.13 32.04 -14.38
N VAL B 253 -13.11 31.94 -15.22
CA VAL B 253 -13.25 32.19 -16.64
C VAL B 253 -12.69 31.10 -17.57
N VAL B 254 -13.40 30.85 -18.66
CA VAL B 254 -13.01 29.86 -19.69
C VAL B 254 -12.14 30.54 -20.76
N VAL B 255 -11.33 29.76 -21.48
CA VAL B 255 -10.43 30.33 -22.50
C VAL B 255 -10.55 29.89 -23.96
N ASP B 256 -10.37 28.60 -24.23
CA ASP B 256 -10.44 28.06 -25.60
C ASP B 256 -11.88 27.95 -26.11
N ILE B 257 -12.47 29.08 -26.51
CA ILE B 257 -13.84 29.14 -27.02
C ILE B 257 -13.84 29.57 -28.49
N SER B 258 -14.47 28.76 -29.34
CA SER B 258 -14.54 29.07 -30.77
C SER B 258 -15.87 29.73 -31.13
N LYS B 259 -16.20 29.70 -32.41
CA LYS B 259 -17.45 30.28 -32.90
C LYS B 259 -18.58 29.26 -32.82
N ASP B 260 -18.60 28.49 -31.72
CA ASP B 260 -19.63 27.48 -31.52
C ASP B 260 -20.07 27.37 -30.06
N ASP B 261 -19.10 27.31 -29.13
CA ASP B 261 -19.40 27.22 -27.68
C ASP B 261 -20.40 28.30 -27.27
N PRO B 262 -21.65 27.90 -26.96
CA PRO B 262 -22.71 28.83 -26.55
C PRO B 262 -22.36 29.64 -25.30
N GLU B 263 -23.39 30.13 -24.61
CA GLU B 263 -23.18 30.94 -23.41
C GLU B 263 -22.52 30.19 -22.26
N VAL B 264 -22.32 28.88 -22.44
CA VAL B 264 -21.66 28.00 -21.46
C VAL B 264 -22.43 27.68 -20.18
N GLN B 265 -23.23 28.63 -19.71
CA GLN B 265 -24.03 28.44 -18.50
C GLN B 265 -23.18 28.12 -17.25
N PHE B 266 -22.76 29.19 -16.56
CA PHE B 266 -21.96 29.08 -15.35
C PHE B 266 -22.87 28.86 -14.12
N SER B 267 -22.39 28.04 -13.18
CA SER B 267 -23.12 27.73 -11.95
C SER B 267 -22.15 27.42 -10.80
N TRP B 268 -22.30 28.15 -9.70
CA TRP B 268 -21.40 27.98 -8.56
C TRP B 268 -21.95 27.18 -7.38
N PHE B 269 -21.03 26.60 -6.60
CA PHE B 269 -21.34 25.78 -5.43
C PHE B 269 -20.59 26.20 -4.16
N VAL B 270 -21.28 26.81 -3.21
CA VAL B 270 -20.64 27.24 -1.96
C VAL B 270 -20.81 26.20 -0.85
N ASP B 271 -20.15 25.04 -1.06
CA ASP B 271 -20.16 23.88 -0.16
C ASP B 271 -21.26 22.87 -0.47
N ASN B 272 -21.32 22.44 -1.73
CA ASN B 272 -22.32 21.48 -2.19
C ASN B 272 -23.71 22.09 -1.97
N VAL B 273 -23.95 23.29 -2.51
CA VAL B 273 -25.25 23.95 -2.33
C VAL B 273 -25.87 24.63 -3.55
N GLU B 274 -25.05 25.20 -4.43
CA GLU B 274 -25.52 25.94 -5.61
C GLU B 274 -26.14 27.28 -5.19
N VAL B 275 -25.98 28.30 -6.02
CA VAL B 275 -26.54 29.63 -5.72
C VAL B 275 -26.58 30.52 -6.97
N HIS B 276 -27.36 31.60 -6.89
CA HIS B 276 -27.55 32.55 -7.96
C HIS B 276 -26.45 33.61 -7.94
N THR B 277 -25.55 33.52 -8.91
CA THR B 277 -24.39 34.40 -9.05
C THR B 277 -24.59 35.91 -8.89
N ALA B 278 -25.17 36.51 -9.93
CA ALA B 278 -25.47 37.95 -10.06
C ALA B 278 -25.41 38.18 -11.57
N GLN B 279 -25.95 37.21 -12.32
CA GLN B 279 -25.96 37.20 -13.79
C GLN B 279 -24.56 37.51 -14.35
N THR B 280 -23.56 37.17 -13.54
CA THR B 280 -22.14 37.38 -13.82
C THR B 280 -21.75 36.67 -15.10
N GLN B 281 -21.97 37.35 -16.23
CA GLN B 281 -21.69 36.78 -17.54
C GLN B 281 -21.41 37.82 -18.62
N PRO B 282 -20.34 38.63 -18.44
CA PRO B 282 -20.03 39.65 -19.46
C PRO B 282 -19.65 38.89 -20.74
N ARG B 283 -19.24 37.64 -20.54
CA ARG B 283 -18.87 36.68 -21.57
C ARG B 283 -18.11 37.10 -22.83
N GLU B 284 -18.02 36.15 -23.75
CA GLU B 284 -17.32 36.27 -25.03
C GLU B 284 -16.68 37.59 -25.48
N GLU B 285 -15.36 37.53 -25.60
CA GLU B 285 -14.54 38.65 -26.03
C GLU B 285 -13.59 38.11 -27.08
N GLN B 286 -13.77 38.54 -28.32
CA GLN B 286 -12.93 38.11 -29.43
C GLN B 286 -11.45 38.40 -29.12
N PHE B 287 -10.76 37.41 -28.56
CA PHE B 287 -9.35 37.54 -28.19
C PHE B 287 -8.32 37.31 -29.31
N ASN B 288 -7.25 36.56 -29.01
CA ASN B 288 -6.18 36.27 -29.97
C ASN B 288 -6.67 35.54 -31.23
N SER B 289 -7.67 34.69 -31.02
CA SER B 289 -8.30 33.89 -32.07
C SER B 289 -9.51 33.16 -31.46
N THR B 290 -9.62 33.21 -30.14
CA THR B 290 -10.72 32.58 -29.41
C THR B 290 -11.28 33.58 -28.38
N PHE B 291 -12.52 33.33 -27.93
CA PHE B 291 -13.20 34.21 -26.96
C PHE B 291 -12.81 33.98 -25.50
N ARG B 292 -13.61 34.52 -24.57
CA ARG B 292 -13.36 34.38 -23.15
C ARG B 292 -14.57 34.80 -22.30
N VAL B 293 -15.25 33.81 -21.74
CA VAL B 293 -16.44 34.05 -20.92
C VAL B 293 -16.11 34.19 -19.44
N VAL B 294 -16.48 35.33 -18.87
CA VAL B 294 -16.23 35.63 -17.47
C VAL B 294 -17.44 35.32 -16.57
N SER B 295 -17.18 35.14 -15.28
CA SER B 295 -18.20 34.84 -14.28
C SER B 295 -17.74 35.38 -12.92
N ALA B 296 -17.88 36.70 -12.71
CA ALA B 296 -17.47 37.38 -11.48
C ALA B 296 -18.54 37.46 -10.38
N LEU B 297 -18.83 36.31 -9.76
CA LEU B 297 -19.82 36.19 -8.70
C LEU B 297 -19.40 36.79 -7.34
N PRO B 298 -20.16 37.77 -6.82
CA PRO B 298 -19.75 38.33 -5.53
C PRO B 298 -20.19 37.37 -4.41
N ILE B 299 -19.58 37.52 -3.24
CA ILE B 299 -19.90 36.67 -2.10
C ILE B 299 -19.58 37.36 -0.78
N MET B 300 -20.24 36.92 0.28
CA MET B 300 -20.06 37.48 1.61
C MET B 300 -18.62 37.31 2.07
N HIS B 301 -18.10 38.32 2.78
CA HIS B 301 -16.74 38.33 3.31
C HIS B 301 -16.50 37.09 4.16
N GLN B 302 -17.18 37.08 5.31
CA GLN B 302 -17.13 36.00 6.28
C GLN B 302 -17.16 34.57 5.71
N ASP B 303 -17.73 34.38 4.51
CA ASP B 303 -17.80 33.04 3.89
C ASP B 303 -16.41 32.52 3.53
N TRP B 304 -15.66 33.32 2.78
CA TRP B 304 -14.30 32.97 2.40
C TRP B 304 -13.47 32.91 3.67
N LEU B 305 -13.62 33.95 4.51
CA LEU B 305 -12.91 34.08 5.77
C LEU B 305 -13.09 32.90 6.71
N ASN B 306 -14.27 32.31 6.67
CA ASN B 306 -14.56 31.13 7.49
C ASN B 306 -13.95 29.91 6.80
N GLY B 307 -13.79 30.02 5.47
CA GLY B 307 -13.20 28.94 4.69
C GLY B 307 -14.18 28.05 3.95
N LYS B 308 -14.86 28.60 2.95
CA LYS B 308 -15.82 27.83 2.15
C LYS B 308 -15.34 27.63 0.69
N GLU B 309 -15.64 26.46 0.12
CA GLU B 309 -15.26 26.10 -1.27
C GLU B 309 -16.08 26.87 -2.33
N PHE B 310 -15.57 26.89 -3.56
CA PHE B 310 -16.23 27.60 -4.66
C PHE B 310 -16.21 26.87 -6.02
N LYS B 311 -17.12 25.93 -6.20
CA LYS B 311 -17.23 25.18 -7.46
C LYS B 311 -17.84 26.10 -8.53
N CYS B 312 -17.41 25.89 -9.77
CA CYS B 312 -17.89 26.72 -10.87
C CYS B 312 -18.47 25.92 -12.04
N ARG B 313 -19.28 24.90 -11.73
CA ARG B 313 -19.89 24.02 -12.74
C ARG B 313 -20.37 24.74 -14.00
N VAL B 314 -20.03 24.17 -15.14
CA VAL B 314 -20.41 24.72 -16.43
C VAL B 314 -20.78 23.60 -17.41
N ASN B 315 -21.71 23.89 -18.30
CA ASN B 315 -22.14 22.90 -19.29
C ASN B 315 -22.36 23.48 -20.68
N SER B 316 -21.68 22.88 -21.67
CA SER B 316 -21.80 23.32 -23.04
C SER B 316 -22.06 22.11 -23.95
N ALA B 317 -22.26 22.37 -25.24
CA ALA B 317 -22.51 21.31 -26.22
C ALA B 317 -21.25 20.46 -26.46
N ALA B 318 -20.13 21.13 -26.72
CA ALA B 318 -18.84 20.49 -26.97
C ALA B 318 -18.21 19.77 -25.76
N PHE B 319 -18.52 20.24 -24.55
CA PHE B 319 -17.99 19.66 -23.31
C PHE B 319 -18.27 18.18 -23.09
N PRO B 320 -17.19 17.38 -22.91
CA PRO B 320 -17.24 15.94 -22.69
C PRO B 320 -17.66 15.63 -21.25
N ALA B 321 -17.62 16.67 -20.41
CA ALA B 321 -17.97 16.56 -19.00
C ALA B 321 -18.09 17.95 -18.40
N PRO B 322 -19.18 18.21 -17.63
CA PRO B 322 -19.48 19.48 -16.96
C PRO B 322 -18.47 19.81 -15.85
N ILE B 323 -17.32 20.33 -16.28
CA ILE B 323 -16.21 20.66 -15.38
C ILE B 323 -16.41 21.83 -14.41
N GLU B 324 -15.72 21.75 -13.27
CA GLU B 324 -15.77 22.80 -12.23
C GLU B 324 -14.58 22.72 -11.29
N LYS B 325 -14.19 23.87 -10.74
CA LYS B 325 -13.08 23.94 -9.80
C LYS B 325 -13.30 24.95 -8.68
N THR B 326 -13.03 24.47 -7.46
CA THR B 326 -13.17 25.27 -6.24
C THR B 326 -11.97 26.17 -6.00
N ILE B 327 -12.08 27.01 -4.97
CA ILE B 327 -11.01 27.92 -4.60
C ILE B 327 -11.23 28.41 -3.13
N SER B 328 -11.11 27.47 -2.19
CA SER B 328 -11.32 27.71 -0.76
C SER B 328 -10.53 28.78 0.01
N LYS B 329 -9.27 28.50 0.34
CA LYS B 329 -8.45 29.45 1.10
C LYS B 329 -6.99 28.99 1.13
N THR B 330 -6.17 29.63 1.96
CA THR B 330 -4.75 29.27 2.04
C THR B 330 -4.40 28.38 3.23
N LYS B 331 -5.42 28.06 4.03
CA LYS B 331 -5.28 27.19 5.20
C LYS B 331 -4.50 27.70 6.40
N GLY B 332 -4.37 26.77 7.36
CA GLY B 332 -3.61 27.02 8.57
C GLY B 332 -4.12 28.03 9.58
N LYS B 333 -3.25 28.29 10.57
CA LYS B 333 -3.52 29.23 11.65
C LYS B 333 -2.84 30.57 11.30
N PRO B 334 -3.64 31.59 10.98
CA PRO B 334 -3.21 32.95 10.60
C PRO B 334 -2.21 33.67 11.51
N ARG B 335 -1.12 34.14 10.92
CA ARG B 335 -0.08 34.87 11.63
C ARG B 335 -0.05 36.30 11.11
N ALA B 336 0.04 37.26 12.02
CA ALA B 336 0.07 38.67 11.65
C ALA B 336 1.50 39.12 11.33
N PRO B 337 1.66 39.95 10.29
CA PRO B 337 2.98 40.45 9.90
C PRO B 337 3.50 41.44 10.94
N GLN B 338 4.77 41.35 11.29
CA GLN B 338 5.35 42.27 12.28
C GLN B 338 5.39 43.70 11.75
N VAL B 339 5.44 43.84 10.42
CA VAL B 339 5.46 45.13 9.71
C VAL B 339 6.27 46.28 10.32
N TYR B 340 7.37 46.61 9.67
CA TYR B 340 8.24 47.68 10.14
C TYR B 340 8.45 48.70 9.05
N THR B 341 9.29 49.69 9.35
CA THR B 341 9.63 50.74 8.40
C THR B 341 11.10 51.13 8.48
N ILE B 342 11.73 51.22 7.30
CA ILE B 342 13.11 51.61 7.20
C ILE B 342 13.24 52.77 6.24
N PRO B 343 13.71 53.92 6.74
CA PRO B 343 13.89 55.11 5.92
C PRO B 343 15.12 54.91 5.05
N PRO B 344 15.36 55.80 4.08
CA PRO B 344 16.51 55.72 3.17
C PRO B 344 17.86 55.57 3.90
N PRO B 345 18.71 54.66 3.41
CA PRO B 345 20.04 54.39 3.99
C PRO B 345 21.01 55.57 3.94
N LYS B 346 22.07 55.48 4.75
CA LYS B 346 23.10 56.52 4.86
C LYS B 346 23.76 56.74 3.51
N GLU B 347 24.26 55.66 2.93
CA GLU B 347 24.94 55.67 1.65
C GLU B 347 24.13 56.45 0.61
N GLN B 348 22.83 56.15 0.51
CA GLN B 348 21.95 56.83 -0.42
C GLN B 348 21.28 58.00 0.26
N MET B 349 21.90 59.17 0.18
CA MET B 349 21.33 60.35 0.80
C MET B 349 21.66 61.60 -0.01
N ALA B 350 22.47 61.42 -1.05
CA ALA B 350 22.88 62.50 -1.92
C ALA B 350 22.17 62.37 -3.27
N LYS B 351 21.54 61.22 -3.49
CA LYS B 351 20.83 60.96 -4.73
C LYS B 351 19.62 61.87 -4.91
N ASP B 352 19.11 61.89 -6.13
CA ASP B 352 17.94 62.69 -6.48
C ASP B 352 16.70 62.17 -5.74
N LYS B 353 16.47 60.85 -5.84
CA LYS B 353 15.34 60.21 -5.18
C LYS B 353 15.85 59.21 -4.16
N VAL B 354 14.95 58.73 -3.31
CA VAL B 354 15.31 57.78 -2.26
C VAL B 354 14.29 56.66 -2.13
N SER B 355 14.65 55.65 -1.35
CA SER B 355 13.77 54.49 -1.16
C SER B 355 13.53 54.08 0.29
N LEU B 356 12.29 54.26 0.73
CA LEU B 356 11.88 53.88 2.07
C LEU B 356 11.14 52.58 1.88
N THR B 357 11.65 51.50 2.47
CA THR B 357 10.98 50.23 2.33
C THR B 357 10.11 49.92 3.55
N CYS B 358 9.05 49.15 3.33
CA CYS B 358 8.16 48.76 4.41
C CYS B 358 8.36 47.26 4.52
N MET B 359 9.00 46.86 5.60
CA MET B 359 9.30 45.44 5.81
C MET B 359 8.31 44.65 6.66
N ILE B 360 7.40 43.96 6.00
CA ILE B 360 6.42 43.12 6.68
C ILE B 360 6.96 41.70 6.70
N THR B 361 6.94 41.06 7.87
CA THR B 361 7.51 39.73 7.98
C THR B 361 6.70 38.70 8.74
N ASP B 362 7.20 37.46 8.67
CA ASP B 362 6.63 36.29 9.32
C ASP B 362 5.12 36.30 9.58
N PHE B 363 4.35 36.35 8.50
CA PHE B 363 2.90 36.34 8.58
C PHE B 363 2.36 35.09 7.88
N PHE B 364 1.05 34.98 7.79
CA PHE B 364 0.40 33.84 7.16
C PHE B 364 -1.10 34.02 7.08
N PRO B 365 -1.67 33.83 5.89
CA PRO B 365 -0.97 33.47 4.66
C PRO B 365 -0.63 34.68 3.78
N GLU B 366 -0.24 34.40 2.55
CA GLU B 366 0.13 35.44 1.59
C GLU B 366 -1.03 36.39 1.28
N ASP B 367 -2.22 36.04 1.74
CA ASP B 367 -3.38 36.89 1.53
C ASP B 367 -3.18 38.13 2.37
N ILE B 368 -2.62 39.15 1.72
CA ILE B 368 -2.30 40.41 2.35
C ILE B 368 -2.20 41.49 1.27
N THR B 369 -2.33 42.76 1.65
CA THR B 369 -2.23 43.86 0.69
C THR B 369 -1.54 45.07 1.34
N VAL B 370 -0.81 45.84 0.53
CA VAL B 370 -0.06 46.99 1.07
C VAL B 370 -0.13 48.30 0.28
N GLU B 371 -0.23 49.41 1.03
CA GLU B 371 -0.27 50.76 0.46
C GLU B 371 0.52 51.74 1.33
N TRP B 372 0.94 52.84 0.73
CA TRP B 372 1.70 53.87 1.42
C TRP B 372 0.84 55.10 1.47
N GLN B 373 1.33 56.17 2.08
CA GLN B 373 0.58 57.43 2.17
C GLN B 373 1.43 58.63 2.52
N SER B 374 1.92 59.32 1.49
CA SER B 374 2.72 60.53 1.68
C SER B 374 1.77 61.61 2.13
N ASP B 375 2.29 62.65 2.77
CA ASP B 375 1.44 63.73 3.26
C ASP B 375 0.42 63.06 4.19
N GLY B 376 -0.75 62.68 3.65
CA GLY B 376 -1.78 62.01 4.42
C GLY B 376 -2.79 61.22 3.60
N GLN B 377 -2.49 61.01 2.31
CA GLN B 377 -3.37 60.28 1.40
C GLN B 377 -2.63 59.35 0.42
N ALA B 378 -3.40 58.64 -0.39
CA ALA B 378 -2.85 57.69 -1.37
C ALA B 378 -1.84 58.31 -2.34
N PRO B 379 -0.62 57.74 -2.40
CA PRO B 379 0.50 58.17 -3.24
C PRO B 379 0.77 57.26 -4.46
N GLU B 380 1.97 57.40 -5.04
CA GLU B 380 2.38 56.61 -6.20
C GLU B 380 3.77 56.00 -6.00
N ASN B 381 4.28 55.34 -7.05
CA ASN B 381 5.61 54.72 -7.03
C ASN B 381 5.77 53.45 -6.24
N TYR B 382 5.23 53.41 -5.03
CA TYR B 382 5.36 52.23 -4.18
C TYR B 382 5.10 50.91 -4.93
N LYS B 383 6.04 49.99 -4.80
CA LYS B 383 5.90 48.68 -5.44
C LYS B 383 6.06 47.61 -4.37
N ASN B 384 5.33 46.51 -4.55
CA ASN B 384 5.35 45.43 -3.59
C ASN B 384 5.93 44.16 -4.16
N THR B 385 6.83 43.53 -3.41
CA THR B 385 7.41 42.28 -3.83
C THR B 385 6.33 41.24 -3.63
N GLN B 386 6.60 40.03 -4.08
CA GLN B 386 5.64 38.94 -3.94
C GLN B 386 6.00 38.07 -2.74
N PRO B 387 4.97 37.68 -1.96
CA PRO B 387 5.14 36.83 -0.78
C PRO B 387 6.02 35.63 -1.04
N ILE B 388 7.09 35.53 -0.27
CA ILE B 388 8.03 34.43 -0.40
C ILE B 388 8.21 33.79 0.96
N MET B 389 8.16 32.48 0.97
CA MET B 389 8.24 31.71 2.20
C MET B 389 9.62 31.69 2.85
N ASP B 390 9.74 32.33 4.01
CA ASP B 390 11.01 32.38 4.75
C ASP B 390 11.32 31.03 5.41
N THR B 391 12.44 30.99 6.14
CA THR B 391 12.93 29.80 6.85
C THR B 391 11.92 28.95 7.64
N ASP B 392 11.30 29.54 8.65
CA ASP B 392 10.34 28.84 9.52
C ASP B 392 9.07 28.31 8.85
N GLY B 393 8.65 28.94 7.77
CA GLY B 393 7.44 28.53 7.08
C GLY B 393 6.51 29.71 6.94
N SER B 394 6.98 30.86 7.42
CA SER B 394 6.22 32.10 7.35
C SER B 394 6.45 32.79 6.01
N TYR B 395 6.11 34.08 5.95
CA TYR B 395 6.26 34.88 4.73
C TYR B 395 6.75 36.27 5.13
N PHE B 396 6.97 37.12 4.13
CA PHE B 396 7.41 38.48 4.36
C PHE B 396 7.42 39.19 3.03
N VAL B 397 7.17 40.49 3.07
CA VAL B 397 7.14 41.31 1.85
C VAL B 397 7.72 42.70 2.09
N TYR B 398 8.36 43.24 1.06
CA TYR B 398 8.94 44.56 1.10
C TYR B 398 8.13 45.48 0.21
N SER B 399 7.94 46.71 0.68
CA SER B 399 7.22 47.70 -0.10
C SER B 399 8.07 48.96 -0.17
N LYS B 400 8.56 49.26 -1.36
CA LYS B 400 9.42 50.41 -1.56
C LYS B 400 8.71 51.67 -2.02
N LEU B 401 8.97 52.77 -1.31
CA LEU B 401 8.39 54.07 -1.62
C LEU B 401 9.47 54.99 -2.16
N ASN B 402 9.17 55.63 -3.28
CA ASN B 402 10.13 56.53 -3.91
C ASN B 402 9.69 57.98 -3.85
N VAL B 403 10.64 58.83 -3.44
CA VAL B 403 10.42 60.27 -3.33
C VAL B 403 11.74 61.05 -3.37
N GLN B 404 11.65 62.37 -3.44
CA GLN B 404 12.83 63.23 -3.51
C GLN B 404 13.25 63.71 -2.13
N LYS B 405 14.49 64.20 -2.04
CA LYS B 405 15.08 64.70 -0.78
C LYS B 405 14.31 65.86 -0.18
N SER B 406 13.82 66.74 -1.04
CA SER B 406 13.06 67.90 -0.59
C SER B 406 11.83 67.41 0.17
N ASN B 407 11.15 66.42 -0.40
CA ASN B 407 9.94 65.84 0.18
C ASN B 407 10.23 65.16 1.53
N TRP B 408 11.26 64.31 1.55
CA TRP B 408 11.65 63.60 2.75
C TRP B 408 12.06 64.54 3.88
N GLU B 409 13.14 65.27 3.65
CA GLU B 409 13.68 66.21 4.64
C GLU B 409 12.66 67.22 5.14
N ALA B 410 11.64 67.48 4.33
CA ALA B 410 10.58 68.41 4.70
C ALA B 410 9.60 67.76 5.67
N GLY B 411 10.00 66.64 6.27
CA GLY B 411 9.18 65.92 7.23
C GLY B 411 7.70 65.88 6.90
N ASN B 412 7.38 65.46 5.68
CA ASN B 412 6.01 65.38 5.20
C ASN B 412 5.27 64.14 5.70
N THR B 413 6.01 63.24 6.35
CA THR B 413 5.45 62.01 6.91
C THR B 413 4.80 61.09 5.88
N PHE B 414 5.26 59.86 5.86
CA PHE B 414 4.75 58.85 4.94
C PHE B 414 4.27 57.67 5.78
N THR B 415 3.24 56.98 5.32
CA THR B 415 2.69 55.85 6.08
C THR B 415 2.45 54.58 5.26
N CYS B 416 2.79 53.44 5.87
CA CYS B 416 2.61 52.14 5.24
C CYS B 416 1.49 51.36 5.93
N SER B 417 0.40 51.12 5.21
CA SER B 417 -0.73 50.37 5.73
C SER B 417 -0.70 48.95 5.20
N VAL B 418 -0.95 48.01 6.10
CA VAL B 418 -0.94 46.59 5.75
C VAL B 418 -2.23 45.90 6.17
N LEU B 419 -2.82 45.15 5.25
CA LEU B 419 -4.06 44.46 5.55
C LEU B 419 -3.90 42.96 5.46
N HIS B 420 -4.09 42.32 6.60
CA HIS B 420 -3.95 40.88 6.73
C HIS B 420 -4.97 40.42 7.76
N GLU B 421 -5.59 39.27 7.51
CA GLU B 421 -6.61 38.75 8.43
C GLU B 421 -6.18 38.62 9.88
N GLY B 422 -4.97 38.11 10.11
CA GLY B 422 -4.46 37.95 11.46
C GLY B 422 -4.28 39.26 12.22
N LEU B 423 -4.58 40.37 11.55
CA LEU B 423 -4.45 41.68 12.15
C LEU B 423 -5.63 42.13 13.00
N HIS B 424 -5.35 43.04 13.92
CA HIS B 424 -6.35 43.58 14.80
C HIS B 424 -7.35 44.28 13.89
N ASN B 425 -8.56 43.75 13.85
CA ASN B 425 -9.64 44.30 13.04
C ASN B 425 -9.25 44.33 11.58
N HIS B 426 -8.53 43.28 11.19
CA HIS B 426 -8.06 43.08 9.83
C HIS B 426 -7.18 44.19 9.27
N HIS B 427 -6.45 44.87 10.14
CA HIS B 427 -5.58 45.95 9.69
C HIS B 427 -4.62 46.53 10.74
N THR B 428 -3.53 47.11 10.22
CA THR B 428 -2.47 47.75 11.01
C THR B 428 -1.75 48.74 10.08
N GLU B 429 -0.91 49.58 10.65
CA GLU B 429 -0.15 50.55 9.87
C GLU B 429 0.89 51.25 10.73
N LYS B 430 2.05 51.51 10.14
CA LYS B 430 3.12 52.19 10.83
C LYS B 430 3.54 53.41 10.01
N SER B 431 4.25 54.35 10.63
CA SER B 431 4.65 55.56 9.90
C SER B 431 6.09 56.06 10.11
N LEU B 432 6.63 56.62 9.03
CA LEU B 432 7.98 57.17 9.01
C LEU B 432 7.93 58.68 8.85
N SER B 433 8.84 59.35 9.53
CA SER B 433 8.91 60.80 9.49
C SER B 433 10.33 61.28 9.78
N HIS B 434 10.76 62.33 9.09
CA HIS B 434 12.09 62.89 9.30
C HIS B 434 12.04 63.88 10.47
N LYS C 1 -61.48 -28.30 21.12
CA LYS C 1 -61.40 -26.98 20.45
C LYS C 1 -59.97 -26.51 20.41
N CYS C 2 -59.09 -27.28 21.05
CA CYS C 2 -57.68 -26.93 21.08
C CYS C 2 -56.82 -28.17 20.98
N ALA C 3 -55.84 -28.17 20.11
CA ALA C 3 -55.00 -29.33 19.98
C ALA C 3 -53.50 -28.97 19.81
N HIS C 4 -52.65 -29.59 20.63
CA HIS C 4 -51.20 -29.34 20.60
C HIS C 4 -50.32 -30.47 20.04
N THR C 5 -49.36 -30.09 19.20
CA THR C 5 -48.43 -31.05 18.57
C THR C 5 -47.10 -31.17 19.36
N VAL C 6 -46.74 -32.42 19.67
CA VAL C 6 -45.53 -32.76 20.43
C VAL C 6 -44.20 -32.53 19.69
N SER C 7 -43.22 -31.99 20.44
CA SER C 7 -41.88 -31.68 19.95
C SER C 7 -42.04 -30.63 18.88
N LYS C 8 -41.71 -29.38 19.22
CA LYS C 8 -41.84 -28.27 18.29
C LYS C 8 -41.03 -28.49 17.02
N SER C 9 -39.97 -29.29 17.14
CA SER C 9 -39.10 -29.64 16.03
C SER C 9 -38.37 -30.92 16.38
N MET C 10 -37.97 -31.68 15.35
CA MET C 10 -37.29 -32.93 15.59
C MET C 10 -36.17 -33.15 14.58
N SER C 11 -34.96 -33.36 15.06
CA SER C 11 -33.83 -33.60 14.18
C SER C 11 -33.47 -35.08 14.12
N MET C 12 -33.85 -35.72 13.01
CA MET C 12 -33.59 -37.14 12.77
C MET C 12 -32.86 -37.39 11.45
N SER C 13 -32.08 -38.46 11.42
CA SER C 13 -31.33 -38.86 10.23
C SER C 13 -32.15 -39.95 9.51
N VAL C 14 -31.90 -40.15 8.22
CA VAL C 14 -32.63 -41.15 7.42
C VAL C 14 -32.68 -42.51 8.07
N GLY C 15 -33.79 -43.22 7.86
CA GLY C 15 -33.95 -44.55 8.43
C GLY C 15 -34.37 -44.52 9.89
N GLU C 16 -34.25 -43.36 10.53
CA GLU C 16 -34.65 -43.25 11.92
C GLU C 16 -36.15 -43.28 12.03
N ARG C 17 -36.65 -44.04 13.00
CA ARG C 17 -38.07 -44.14 13.25
C ARG C 17 -38.46 -42.95 14.10
N VAL C 18 -39.12 -41.97 13.48
CA VAL C 18 -39.56 -40.78 14.20
C VAL C 18 -41.08 -40.74 14.43
N THR C 19 -41.46 -40.38 15.63
CA THR C 19 -42.87 -40.28 15.94
C THR C 19 -43.16 -38.99 16.69
N LEU C 20 -44.35 -38.46 16.45
CA LEU C 20 -44.79 -37.23 17.08
C LEU C 20 -46.29 -37.33 17.26
N THR C 21 -46.75 -36.97 18.46
CA THR C 21 -48.16 -37.03 18.77
C THR C 21 -48.80 -35.66 18.85
N CYS C 22 -50.11 -35.66 19.01
CA CYS C 22 -50.89 -34.45 19.08
C CYS C 22 -51.94 -34.66 20.20
N LYS C 23 -51.85 -33.85 21.24
CA LYS C 23 -52.77 -33.95 22.37
C LYS C 23 -53.86 -32.89 22.23
N ALA C 24 -55.12 -33.30 22.34
CA ALA C 24 -56.25 -32.40 22.22
C ALA C 24 -56.91 -32.15 23.57
N SER C 25 -57.50 -30.97 23.73
CA SER C 25 -58.16 -30.54 24.97
C SER C 25 -59.35 -31.39 25.43
N GLU C 26 -60.15 -31.86 24.48
CA GLU C 26 -61.32 -32.68 24.79
C GLU C 26 -61.29 -33.95 23.97
N ASN C 27 -62.40 -34.68 23.96
CA ASN C 27 -62.47 -35.92 23.17
C ASN C 27 -62.87 -35.48 21.76
N VAL C 28 -62.13 -35.95 20.75
CA VAL C 28 -62.44 -35.57 19.38
C VAL C 28 -62.56 -36.80 18.47
N VAL C 29 -62.98 -37.89 19.10
CA VAL C 29 -63.20 -39.19 18.46
C VAL C 29 -62.65 -39.35 17.04
N THR C 30 -61.34 -39.56 16.95
CA THR C 30 -60.68 -39.78 15.66
C THR C 30 -61.04 -38.83 14.50
N TYR C 31 -61.06 -37.53 14.76
CA TYR C 31 -61.39 -36.55 13.72
C TYR C 31 -60.26 -35.60 13.41
N VAL C 32 -59.04 -36.12 13.44
CA VAL C 32 -57.86 -35.32 13.16
C VAL C 32 -57.25 -35.69 11.83
N SER C 33 -56.55 -34.74 11.22
CA SER C 33 -55.93 -34.96 9.92
C SER C 33 -54.59 -34.24 9.83
N TRP C 34 -53.51 -35.03 9.78
CA TRP C 34 -52.15 -34.51 9.67
C TRP C 34 -51.88 -33.98 8.29
N TYR C 35 -51.32 -32.79 8.24
CA TYR C 35 -51.01 -32.18 6.97
C TYR C 35 -49.50 -32.00 6.93
N GLN C 36 -48.94 -32.27 5.75
CA GLN C 36 -47.52 -32.12 5.52
C GLN C 36 -47.31 -30.80 4.78
N GLN C 37 -46.52 -29.92 5.38
CA GLN C 37 -46.24 -28.66 4.74
C GLN C 37 -44.76 -28.46 4.51
N LYS C 38 -44.34 -28.81 3.30
CA LYS C 38 -42.95 -28.65 2.91
C LYS C 38 -42.73 -27.18 2.70
N PRO C 39 -41.50 -26.72 2.95
CA PRO C 39 -41.12 -25.32 2.80
C PRO C 39 -41.55 -24.71 1.47
N GLU C 40 -41.75 -23.39 1.50
CA GLU C 40 -42.19 -22.61 0.35
C GLU C 40 -43.37 -23.18 -0.44
N GLN C 41 -44.18 -24.06 0.16
CA GLN C 41 -45.33 -24.63 -0.53
C GLN C 41 -46.55 -24.99 0.34
N SER C 42 -47.71 -25.06 -0.32
CA SER C 42 -48.99 -25.36 0.33
C SER C 42 -49.02 -26.71 1.01
N PRO C 43 -49.75 -26.80 2.13
CA PRO C 43 -49.88 -28.03 2.90
C PRO C 43 -50.53 -29.11 2.10
N LYS C 44 -50.36 -30.33 2.56
CA LYS C 44 -50.95 -31.44 1.87
C LYS C 44 -51.55 -32.37 2.89
N LEU C 45 -52.76 -32.82 2.58
CA LEU C 45 -53.47 -33.73 3.45
C LEU C 45 -52.68 -35.03 3.47
N LEU C 46 -52.08 -35.34 4.61
CA LEU C 46 -51.32 -36.57 4.74
C LEU C 46 -52.26 -37.74 5.07
N ILE C 47 -52.76 -37.77 6.30
CA ILE C 47 -53.68 -38.83 6.72
C ILE C 47 -54.97 -38.19 7.24
N TYR C 48 -56.03 -38.97 7.29
CA TYR C 48 -57.32 -38.48 7.76
C TYR C 48 -58.00 -39.47 8.68
N GLY C 49 -58.87 -38.95 9.54
CA GLY C 49 -59.55 -39.80 10.50
C GLY C 49 -58.56 -40.28 11.54
N ALA C 50 -58.55 -41.58 11.79
CA ALA C 50 -57.61 -42.14 12.74
C ALA C 50 -56.28 -42.19 12.03
N SER C 51 -56.22 -43.08 11.04
CA SER C 51 -55.05 -43.28 10.22
C SER C 51 -55.49 -43.14 8.77
N ASN C 52 -55.70 -44.27 8.10
CA ASN C 52 -56.15 -44.30 6.70
C ASN C 52 -55.37 -43.31 5.86
N ARG C 53 -54.22 -43.75 5.34
CA ARG C 53 -53.40 -42.87 4.54
C ARG C 53 -54.14 -42.38 3.31
N TYR C 54 -54.05 -41.08 3.07
CA TYR C 54 -54.69 -40.48 1.91
C TYR C 54 -53.99 -41.02 0.67
N THR C 55 -54.69 -41.05 -0.44
CA THR C 55 -54.12 -41.56 -1.67
C THR C 55 -52.88 -40.75 -2.05
N GLY C 56 -51.83 -41.47 -2.44
CA GLY C 56 -50.57 -40.84 -2.83
C GLY C 56 -49.66 -40.65 -1.63
N VAL C 57 -49.79 -41.55 -0.66
CA VAL C 57 -49.00 -41.44 0.55
C VAL C 57 -48.29 -42.76 0.95
N PRO C 58 -46.97 -42.67 1.19
CA PRO C 58 -46.03 -43.72 1.58
C PRO C 58 -46.38 -44.55 2.84
N ASP C 59 -46.23 -45.86 2.73
CA ASP C 59 -46.51 -46.83 3.81
C ASP C 59 -45.77 -46.55 5.11
N ARG C 60 -44.66 -45.83 4.99
CA ARG C 60 -43.84 -45.49 6.14
C ARG C 60 -44.63 -44.61 7.12
N PHE C 61 -45.34 -43.62 6.56
CA PHE C 61 -46.17 -42.72 7.35
C PHE C 61 -47.28 -43.52 8.02
N THR C 62 -47.58 -43.21 9.28
CA THR C 62 -48.62 -43.93 9.99
C THR C 62 -49.26 -43.15 11.11
N GLY C 63 -50.60 -43.13 11.12
CA GLY C 63 -51.33 -42.43 12.15
C GLY C 63 -51.90 -43.37 13.20
N SER C 64 -52.27 -42.78 14.35
CA SER C 64 -52.83 -43.52 15.48
C SER C 64 -53.38 -42.52 16.48
N GLY C 65 -54.34 -42.95 17.30
CA GLY C 65 -54.93 -42.07 18.28
C GLY C 65 -56.40 -42.35 18.52
N SER C 66 -57.01 -41.65 19.47
CA SER C 66 -58.41 -41.87 19.78
C SER C 66 -59.15 -40.63 20.25
N ALA C 67 -58.82 -40.16 21.46
CA ALA C 67 -59.46 -38.99 22.02
C ALA C 67 -58.52 -37.82 22.28
N THR C 68 -57.78 -37.88 23.38
CA THR C 68 -56.86 -36.80 23.75
C THR C 68 -55.51 -36.94 23.09
N ASP C 69 -55.23 -38.11 22.53
CA ASP C 69 -53.95 -38.35 21.89
C ASP C 69 -54.08 -38.80 20.45
N PHE C 70 -53.07 -38.46 19.64
CA PHE C 70 -53.03 -38.81 18.23
C PHE C 70 -51.58 -38.83 17.72
N THR C 71 -51.06 -40.04 17.54
CA THR C 71 -49.70 -40.22 17.05
C THR C 71 -49.63 -40.11 15.53
N LEU C 72 -48.42 -40.23 15.01
CA LEU C 72 -48.13 -40.21 13.60
C LEU C 72 -46.69 -40.69 13.52
N THR C 73 -46.56 -42.01 13.43
CA THR C 73 -45.27 -42.65 13.37
C THR C 73 -44.81 -42.71 11.93
N ILE C 74 -43.51 -42.54 11.72
CA ILE C 74 -42.92 -42.64 10.39
C ILE C 74 -41.67 -43.51 10.48
N SER C 75 -41.77 -44.77 10.07
CA SER C 75 -40.61 -45.65 10.11
C SER C 75 -39.73 -45.23 8.94
N SER C 76 -38.62 -44.57 9.27
CA SER C 76 -37.67 -44.06 8.29
C SER C 76 -37.99 -42.69 7.73
N VAL C 77 -37.04 -41.79 7.90
CA VAL C 77 -37.12 -40.41 7.41
C VAL C 77 -36.65 -40.41 5.94
N GLN C 78 -36.51 -39.25 5.32
CA GLN C 78 -36.09 -39.18 3.91
C GLN C 78 -35.90 -37.73 3.52
N ALA C 79 -35.67 -37.50 2.23
CA ALA C 79 -35.55 -36.15 1.71
C ALA C 79 -37.00 -35.69 1.58
N GLU C 80 -37.85 -36.66 1.26
CA GLU C 80 -39.29 -36.47 1.12
C GLU C 80 -39.97 -36.31 2.48
N ASP C 81 -39.17 -36.20 3.53
CA ASP C 81 -39.71 -36.05 4.86
C ASP C 81 -39.29 -34.78 5.56
N LEU C 82 -38.66 -33.87 4.82
CA LEU C 82 -38.25 -32.62 5.42
C LEU C 82 -39.43 -31.70 5.26
N ALA C 83 -39.97 -31.24 6.39
CA ALA C 83 -41.12 -30.34 6.39
C ALA C 83 -41.70 -30.17 7.79
N ASP C 84 -42.75 -29.35 7.88
CA ASP C 84 -43.47 -29.12 9.12
C ASP C 84 -44.69 -30.03 9.13
N TYR C 85 -45.13 -30.42 10.33
CA TYR C 85 -46.27 -31.31 10.45
C TYR C 85 -47.13 -30.85 11.61
N HIS C 86 -48.44 -30.78 11.37
CA HIS C 86 -49.38 -30.35 12.42
C HIS C 86 -50.76 -30.93 12.20
N CYS C 87 -51.31 -31.48 13.29
CA CYS C 87 -52.63 -32.11 13.31
C CYS C 87 -53.74 -31.08 13.15
N GLY C 88 -54.84 -31.48 12.55
CA GLY C 88 -55.94 -30.57 12.35
C GLY C 88 -57.21 -31.08 12.99
N GLN C 89 -57.68 -30.37 14.02
CA GLN C 89 -58.90 -30.76 14.72
C GLN C 89 -60.11 -30.52 13.82
N GLY C 90 -60.86 -31.58 13.55
CA GLY C 90 -62.01 -31.46 12.68
C GLY C 90 -63.35 -31.90 13.24
N TYR C 91 -63.40 -32.08 14.55
CA TYR C 91 -64.63 -32.50 15.19
C TYR C 91 -65.73 -31.43 15.10
N SER C 92 -65.46 -30.26 15.67
CA SER C 92 -66.42 -29.16 15.67
C SER C 92 -65.82 -27.75 15.66
N TYR C 93 -66.41 -26.91 14.82
CA TYR C 93 -66.00 -25.51 14.67
C TYR C 93 -65.96 -24.84 16.05
N PRO C 94 -64.98 -23.95 16.27
CA PRO C 94 -63.99 -23.62 15.25
C PRO C 94 -62.92 -24.71 15.20
N TYR C 95 -62.48 -25.01 13.98
CA TYR C 95 -61.44 -26.00 13.74
C TYR C 95 -60.08 -25.41 14.17
N THR C 96 -59.27 -26.21 14.84
CA THR C 96 -57.97 -25.72 15.29
C THR C 96 -56.83 -26.72 15.15
N PHE C 97 -55.82 -26.30 14.38
CA PHE C 97 -54.65 -27.11 14.08
C PHE C 97 -53.66 -27.07 15.20
N GLY C 98 -52.76 -28.05 15.20
CA GLY C 98 -51.73 -28.13 16.21
C GLY C 98 -50.80 -26.93 16.08
N GLY C 99 -49.73 -26.95 16.86
CA GLY C 99 -48.76 -25.87 16.82
C GLY C 99 -47.78 -26.09 15.70
N GLY C 100 -47.73 -27.32 15.21
CA GLY C 100 -46.82 -27.67 14.15
C GLY C 100 -45.41 -27.97 14.64
N THR C 101 -44.86 -29.08 14.15
CA THR C 101 -43.50 -29.49 14.48
C THR C 101 -42.64 -29.31 13.23
N LYS C 102 -41.35 -29.11 13.40
CA LYS C 102 -40.48 -28.94 12.26
C LYS C 102 -39.46 -30.08 12.23
N LEU C 103 -39.62 -31.00 11.28
CA LEU C 103 -38.71 -32.13 11.17
C LEU C 103 -37.43 -31.78 10.38
N GLU C 104 -36.39 -31.46 11.14
CA GLU C 104 -35.08 -31.13 10.60
C GLU C 104 -34.37 -32.48 10.46
N ILE C 105 -33.66 -32.69 9.36
CA ILE C 105 -32.93 -33.95 9.14
C ILE C 105 -31.45 -33.84 9.53
N LYS C 106 -30.91 -34.89 10.13
CA LYS C 106 -29.49 -34.91 10.54
C LYS C 106 -28.57 -35.53 9.51
N ARG C 107 -27.34 -35.02 9.46
CA ARG C 107 -26.39 -35.50 8.47
C ARG C 107 -24.91 -35.50 8.87
N ALA C 108 -24.64 -35.34 10.17
CA ALA C 108 -23.27 -35.28 10.69
C ALA C 108 -22.65 -33.90 10.40
N ASP C 109 -21.90 -33.39 11.38
CA ASP C 109 -21.29 -32.06 11.30
C ASP C 109 -20.60 -31.61 10.03
N ALA C 110 -20.66 -30.31 9.79
CA ALA C 110 -20.05 -29.69 8.61
C ALA C 110 -19.80 -28.21 8.88
N ALA C 111 -18.54 -27.82 8.95
CA ALA C 111 -18.20 -26.43 9.22
C ALA C 111 -18.61 -25.46 8.12
N PRO C 112 -18.75 -24.18 8.49
CA PRO C 112 -19.14 -23.09 7.58
C PRO C 112 -18.04 -22.69 6.61
N THR C 113 -18.37 -21.70 5.78
CA THR C 113 -17.45 -21.22 4.78
C THR C 113 -17.76 -19.74 4.66
N VAL C 114 -17.13 -18.99 5.56
CA VAL C 114 -17.28 -17.55 5.64
C VAL C 114 -16.65 -16.80 4.48
N SER C 115 -17.09 -15.57 4.31
CA SER C 115 -16.59 -14.71 3.25
C SER C 115 -17.05 -13.29 3.50
N ILE C 116 -16.15 -12.47 4.00
CA ILE C 116 -16.48 -11.09 4.31
C ILE C 116 -16.35 -10.15 3.13
N PHE C 117 -17.35 -9.30 2.97
CA PHE C 117 -17.37 -8.32 1.90
C PHE C 117 -17.44 -6.88 2.41
N PRO C 118 -16.61 -6.00 1.85
CA PRO C 118 -16.59 -4.59 2.27
C PRO C 118 -17.63 -3.80 1.49
N PRO C 119 -18.30 -2.85 2.16
CA PRO C 119 -19.32 -2.00 1.56
C PRO C 119 -18.94 -1.45 0.21
N SER C 120 -19.87 -1.58 -0.75
CA SER C 120 -19.68 -1.10 -2.12
C SER C 120 -19.37 0.38 -2.22
N SER C 121 -18.70 0.74 -3.30
CA SER C 121 -18.32 2.12 -3.57
C SER C 121 -19.56 3.00 -3.79
N GLU C 122 -20.66 2.39 -4.21
CA GLU C 122 -21.90 3.10 -4.49
C GLU C 122 -22.70 3.47 -3.24
N GLN C 123 -22.75 2.55 -2.27
CA GLN C 123 -23.44 2.77 -1.01
C GLN C 123 -22.74 3.82 -0.16
N LEU C 124 -21.41 3.72 -0.08
CA LEU C 124 -20.60 4.63 0.71
C LEU C 124 -20.76 6.10 0.35
N THR C 125 -21.09 6.37 -0.91
CA THR C 125 -21.27 7.75 -1.37
C THR C 125 -22.62 8.35 -0.98
N SER C 126 -23.57 7.50 -0.61
CA SER C 126 -24.89 7.94 -0.21
C SER C 126 -25.01 7.98 1.32
N GLY C 127 -23.88 7.80 2.00
CA GLY C 127 -23.87 7.76 3.45
C GLY C 127 -24.23 6.33 3.81
N GLY C 128 -23.58 5.79 4.84
CA GLY C 128 -23.86 4.41 5.22
C GLY C 128 -22.84 3.42 4.69
N ALA C 129 -22.72 2.28 5.36
CA ALA C 129 -21.75 1.24 4.98
C ALA C 129 -22.19 -0.16 5.41
N SER C 130 -22.42 -1.04 4.45
CA SER C 130 -22.86 -2.38 4.79
C SER C 130 -21.86 -3.47 4.60
N VAL C 131 -21.30 -3.86 5.73
CA VAL C 131 -20.33 -4.93 5.74
C VAL C 131 -21.14 -6.21 5.85
N VAL C 132 -21.05 -7.03 4.83
CA VAL C 132 -21.75 -8.29 4.79
C VAL C 132 -20.84 -9.44 5.21
N CYS C 133 -21.39 -10.57 5.59
CA CYS C 133 -20.54 -11.67 6.00
C CYS C 133 -21.25 -12.99 5.89
N PHE C 134 -21.14 -13.60 4.71
CA PHE C 134 -21.81 -14.85 4.40
C PHE C 134 -21.10 -16.08 4.95
N LEU C 135 -21.82 -16.86 5.72
CA LEU C 135 -21.25 -18.06 6.28
C LEU C 135 -22.11 -19.12 5.68
N ASN C 136 -21.69 -19.60 4.50
CA ASN C 136 -22.46 -20.60 3.75
C ASN C 136 -22.15 -22.02 4.09
N ASN C 137 -23.04 -22.89 3.65
CA ASN C 137 -22.95 -24.35 3.84
C ASN C 137 -22.34 -24.82 5.16
N PHE C 138 -23.20 -25.15 6.11
CA PHE C 138 -22.75 -25.62 7.42
C PHE C 138 -23.88 -26.28 8.17
N TYR C 139 -23.52 -27.19 9.06
CA TYR C 139 -24.47 -27.91 9.88
C TYR C 139 -23.83 -28.18 11.24
N PRO C 140 -24.58 -27.94 12.32
CA PRO C 140 -25.96 -27.46 12.40
C PRO C 140 -26.07 -25.94 12.30
N LYS C 141 -27.22 -25.42 12.74
CA LYS C 141 -27.50 -23.98 12.74
C LYS C 141 -27.02 -23.30 14.03
N ASP C 142 -26.41 -24.10 14.90
CA ASP C 142 -25.90 -23.65 16.18
C ASP C 142 -24.54 -22.97 16.00
N ILE C 143 -24.57 -21.67 15.72
CA ILE C 143 -23.36 -20.87 15.50
C ILE C 143 -23.50 -19.43 15.97
N ASN C 144 -22.39 -18.82 16.41
CA ASN C 144 -22.45 -17.43 16.83
C ASN C 144 -21.53 -16.47 16.09
N VAL C 145 -22.16 -15.50 15.45
CA VAL C 145 -21.47 -14.45 14.70
C VAL C 145 -21.02 -13.34 15.65
N LYS C 146 -19.80 -12.87 15.43
CA LYS C 146 -19.23 -11.80 16.23
C LYS C 146 -18.36 -10.89 15.39
N TRP C 147 -18.87 -9.69 15.18
CA TRP C 147 -18.19 -8.68 14.40
C TRP C 147 -17.23 -7.86 15.30
N LYS C 148 -16.27 -7.19 14.67
CA LYS C 148 -15.31 -6.38 15.38
C LYS C 148 -14.95 -5.12 14.58
N ILE C 149 -15.62 -4.03 14.96
CA ILE C 149 -15.50 -2.70 14.34
C ILE C 149 -14.09 -2.27 13.92
N ASP C 150 -13.08 -2.82 14.58
CA ASP C 150 -11.69 -2.50 14.27
C ASP C 150 -10.80 -3.33 15.17
N GLY C 151 -10.86 -3.02 16.47
CA GLY C 151 -10.06 -3.75 17.43
C GLY C 151 -10.72 -5.03 17.90
N SER C 152 -11.77 -4.89 18.70
CA SER C 152 -12.51 -6.03 19.25
C SER C 152 -13.82 -5.53 19.87
N GLU C 153 -14.89 -5.51 19.06
CA GLU C 153 -16.19 -5.04 19.54
C GLU C 153 -17.34 -5.41 18.61
N ARG C 154 -18.42 -5.94 19.19
CA ARG C 154 -19.58 -6.36 18.42
C ARG C 154 -20.36 -5.20 17.79
N GLN C 155 -21.06 -4.45 18.63
CA GLN C 155 -21.91 -3.32 18.23
C GLN C 155 -23.29 -3.87 17.85
N ASN C 156 -24.22 -2.97 17.56
CA ASN C 156 -25.55 -3.34 17.14
C ASN C 156 -25.72 -2.86 15.70
N GLY C 157 -26.72 -3.37 15.01
CA GLY C 157 -26.90 -2.97 13.61
C GLY C 157 -26.52 -4.15 12.75
N VAL C 158 -26.62 -5.32 13.38
CA VAL C 158 -26.32 -6.56 12.72
C VAL C 158 -27.63 -7.22 12.31
N LEU C 159 -27.68 -7.76 11.09
CA LEU C 159 -28.87 -8.43 10.60
C LEU C 159 -28.50 -9.87 10.25
N ASN C 160 -29.00 -10.80 11.05
CA ASN C 160 -28.70 -12.20 10.88
C ASN C 160 -29.77 -13.12 10.32
N SER C 161 -29.83 -13.20 8.99
CA SER C 161 -30.78 -14.06 8.31
C SER C 161 -30.24 -15.46 8.03
N TRP C 162 -30.96 -16.49 8.48
CA TRP C 162 -30.58 -17.86 8.21
C TRP C 162 -31.24 -18.26 6.88
N THR C 163 -31.35 -19.57 6.67
CA THR C 163 -31.98 -20.14 5.49
C THR C 163 -32.44 -21.53 5.92
N ASP C 164 -33.45 -22.05 5.24
CA ASP C 164 -33.96 -23.38 5.59
C ASP C 164 -33.08 -24.53 5.13
N GLN C 165 -33.16 -25.63 5.88
CA GLN C 165 -32.39 -26.82 5.62
C GLN C 165 -32.53 -27.17 4.17
N ASP C 166 -31.43 -27.01 3.44
CA ASP C 166 -31.40 -27.32 2.01
C ASP C 166 -31.85 -28.77 1.83
N SER C 167 -32.46 -29.05 0.68
CA SER C 167 -32.99 -30.38 0.36
C SER C 167 -31.97 -31.49 0.08
N LYS C 168 -30.97 -31.20 -0.76
CA LYS C 168 -29.94 -32.19 -1.12
C LYS C 168 -28.67 -31.98 -0.32
N ASP C 169 -28.38 -30.70 -0.10
CA ASP C 169 -27.21 -30.27 0.63
C ASP C 169 -27.43 -30.48 2.13
N SER C 170 -28.65 -30.22 2.60
CA SER C 170 -28.99 -30.39 4.01
C SER C 170 -28.21 -29.45 4.91
N THR C 171 -27.90 -28.25 4.44
CA THR C 171 -27.17 -27.32 5.29
C THR C 171 -27.70 -25.88 5.33
N TYR C 172 -27.52 -25.27 6.51
CA TYR C 172 -27.94 -23.90 6.74
C TYR C 172 -26.81 -23.04 6.19
N SER C 173 -27.14 -21.84 5.75
CA SER C 173 -26.14 -20.98 5.14
C SER C 173 -26.45 -19.53 5.48
N MET C 174 -26.56 -19.27 6.77
CA MET C 174 -26.87 -17.95 7.29
C MET C 174 -25.88 -16.83 6.93
N SER C 175 -26.44 -15.64 6.67
CA SER C 175 -25.67 -14.46 6.35
C SER C 175 -25.73 -13.57 7.58
N SER C 176 -24.96 -12.47 7.59
CA SER C 176 -24.96 -11.59 8.72
C SER C 176 -24.42 -10.25 8.33
N THR C 177 -25.27 -9.37 7.80
CA THR C 177 -24.81 -8.03 7.42
C THR C 177 -24.59 -7.16 8.66
N LEU C 178 -24.08 -5.96 8.44
CA LEU C 178 -23.83 -5.04 9.54
C LEU C 178 -23.78 -3.63 8.96
N THR C 179 -24.78 -2.83 9.32
CA THR C 179 -24.88 -1.48 8.80
C THR C 179 -24.41 -0.48 9.83
N LEU C 180 -23.88 0.64 9.35
CA LEU C 180 -23.38 1.70 10.21
C LEU C 180 -23.11 3.00 9.46
N THR C 181 -22.57 3.98 10.18
CA THR C 181 -22.23 5.31 9.66
C THR C 181 -21.15 5.24 8.61
N LYS C 182 -21.20 6.13 7.63
CA LYS C 182 -20.18 6.13 6.58
C LYS C 182 -18.79 6.39 7.16
N ASP C 183 -18.61 7.59 7.72
CA ASP C 183 -17.32 7.96 8.29
C ASP C 183 -16.95 7.20 9.55
N GLU C 184 -17.94 6.69 10.29
CA GLU C 184 -17.63 5.91 11.51
C GLU C 184 -16.76 4.77 11.05
N TYR C 185 -17.16 4.23 9.91
CA TYR C 185 -16.49 3.16 9.24
C TYR C 185 -15.11 3.71 8.82
N GLU C 186 -15.10 4.93 8.28
CA GLU C 186 -13.86 5.58 7.85
C GLU C 186 -12.89 5.88 8.99
N ARG C 187 -13.42 5.91 10.21
CA ARG C 187 -12.60 6.19 11.40
C ARG C 187 -11.87 4.93 11.83
N HIS C 188 -12.32 3.80 11.30
CA HIS C 188 -11.71 2.52 11.62
C HIS C 188 -11.06 1.89 10.40
N ASN C 189 -10.23 0.86 10.63
CA ASN C 189 -9.54 0.18 9.55
C ASN C 189 -9.88 -1.30 9.38
N SER C 190 -9.29 -2.15 10.20
CA SER C 190 -9.51 -3.60 10.09
C SER C 190 -10.84 -4.13 10.66
N TYR C 191 -11.71 -4.62 9.77
CA TYR C 191 -13.01 -5.17 10.16
C TYR C 191 -13.01 -6.69 10.26
N THR C 192 -13.15 -7.20 11.47
CA THR C 192 -13.11 -8.64 11.72
C THR C 192 -14.49 -9.30 11.88
N CYS C 193 -14.78 -10.31 11.08
CA CYS C 193 -16.06 -11.03 11.15
C CYS C 193 -15.88 -12.41 11.76
N GLU C 194 -15.56 -12.45 13.05
CA GLU C 194 -15.34 -13.71 13.76
C GLU C 194 -16.60 -14.56 13.77
N ALA C 195 -16.43 -15.88 13.91
CA ALA C 195 -17.55 -16.82 13.95
C ALA C 195 -17.18 -18.08 14.68
N THR C 196 -18.02 -18.48 15.61
CA THR C 196 -17.73 -19.67 16.39
C THR C 196 -18.78 -20.76 16.30
N HIS C 197 -18.44 -21.81 15.56
CA HIS C 197 -19.31 -22.98 15.36
C HIS C 197 -18.79 -24.09 16.28
N LYS C 198 -19.40 -25.27 16.18
CA LYS C 198 -19.01 -26.41 17.00
C LYS C 198 -17.80 -27.07 16.36
N THR C 199 -17.98 -27.51 15.12
CA THR C 199 -16.96 -28.19 14.30
C THR C 199 -15.53 -27.89 14.71
N SER C 200 -15.10 -26.65 14.48
CA SER C 200 -13.75 -26.22 14.83
C SER C 200 -13.81 -25.70 16.27
N THR C 201 -13.01 -26.32 17.15
CA THR C 201 -12.95 -25.92 18.55
C THR C 201 -12.45 -24.48 18.60
N SER C 202 -11.69 -24.10 17.57
CA SER C 202 -11.16 -22.76 17.44
C SER C 202 -12.12 -21.97 16.58
N PRO C 203 -12.10 -20.64 16.70
CA PRO C 203 -12.96 -19.73 15.94
C PRO C 203 -12.52 -19.56 14.51
N ILE C 204 -13.49 -19.31 13.65
CA ILE C 204 -13.26 -19.11 12.23
C ILE C 204 -13.37 -17.62 11.96
N VAL C 205 -12.26 -17.03 11.54
CA VAL C 205 -12.27 -15.61 11.28
C VAL C 205 -12.02 -15.32 9.80
N LYS C 206 -12.21 -14.07 9.42
CA LYS C 206 -11.99 -13.61 8.07
C LYS C 206 -12.23 -12.11 8.20
N SER C 207 -11.44 -11.30 7.51
CA SER C 207 -11.59 -9.86 7.62
C SER C 207 -10.89 -9.06 6.52
N PHE C 208 -10.48 -7.84 6.86
CA PHE C 208 -9.80 -6.96 5.92
C PHE C 208 -9.32 -5.68 6.58
N ASN C 209 -8.44 -5.01 5.87
CA ASN C 209 -7.81 -3.77 6.29
C ASN C 209 -8.67 -2.55 6.08
N ARG C 210 -9.17 -2.40 4.86
CA ARG C 210 -9.98 -1.27 4.39
C ARG C 210 -9.10 -0.47 3.44
N ASN C 211 -7.78 -0.66 3.59
CA ASN C 211 -6.79 0.01 2.75
C ASN C 211 -6.49 -0.89 1.54
N GLU C 212 -7.45 -1.74 1.22
CA GLU C 212 -7.37 -2.66 0.09
C GLU C 212 -7.97 -2.00 -1.14
N CYS C 213 -7.13 -1.28 -1.88
CA CYS C 213 -7.56 -0.56 -3.09
C CYS C 213 -8.50 0.63 -2.78
N VAL D 1 -57.07 -31.00 -11.07
CA VAL D 1 -57.51 -31.21 -9.66
C VAL D 1 -56.93 -30.04 -8.83
N LYS D 2 -57.09 -28.81 -9.29
CA LYS D 2 -56.47 -27.70 -8.55
C LYS D 2 -57.20 -26.36 -8.33
N LEU D 3 -56.84 -25.67 -7.24
CA LEU D 3 -57.39 -24.36 -6.88
C LEU D 3 -56.33 -23.36 -6.47
N GLN D 4 -56.24 -22.24 -7.17
CA GLN D 4 -55.26 -21.23 -6.83
C GLN D 4 -55.89 -19.88 -6.44
N GLU D 5 -55.32 -19.20 -5.43
CA GLU D 5 -55.87 -17.91 -4.96
C GLU D 5 -55.35 -16.67 -5.66
N SER D 6 -56.19 -15.63 -5.68
CA SER D 6 -55.83 -14.39 -6.35
C SER D 6 -55.58 -13.16 -5.47
N GLY D 7 -55.46 -12.02 -6.14
CA GLY D 7 -55.20 -10.72 -5.52
C GLY D 7 -55.39 -10.49 -4.04
N ALA D 8 -54.32 -10.01 -3.39
CA ALA D 8 -54.31 -9.71 -1.96
C ALA D 8 -52.87 -9.47 -1.48
N GLU D 9 -52.45 -8.21 -1.55
CA GLU D 9 -51.09 -7.80 -1.17
C GLU D 9 -50.99 -6.89 0.08
N LEU D 10 -50.63 -5.63 -0.12
CA LEU D 10 -50.49 -4.70 0.98
C LEU D 10 -51.74 -3.84 1.15
N ALA D 11 -52.13 -3.61 2.40
CA ALA D 11 -53.30 -2.78 2.69
C ALA D 11 -53.10 -1.96 3.95
N ARG D 12 -53.57 -0.71 3.90
CA ARG D 12 -53.49 0.19 5.04
C ARG D 12 -54.24 -0.43 6.21
N PRO D 13 -53.78 -0.20 7.45
CA PRO D 13 -54.46 -0.77 8.62
C PRO D 13 -55.90 -0.30 8.77
N GLY D 14 -56.83 -1.25 8.69
CA GLY D 14 -58.24 -0.93 8.82
C GLY D 14 -59.03 -1.08 7.53
N ALA D 15 -58.44 -0.60 6.43
CA ALA D 15 -59.08 -0.68 5.11
C ALA D 15 -59.44 -2.11 4.70
N SER D 16 -59.89 -2.29 3.46
CA SER D 16 -60.33 -3.61 3.03
C SER D 16 -59.82 -4.06 1.66
N VAL D 17 -60.00 -5.36 1.41
CA VAL D 17 -59.64 -5.96 0.14
C VAL D 17 -60.25 -7.37 0.04
N LYS D 18 -60.49 -7.81 -1.19
CA LYS D 18 -61.10 -9.12 -1.47
C LYS D 18 -60.27 -10.11 -2.30
N MET D 19 -59.96 -11.26 -1.72
CA MET D 19 -59.22 -12.32 -2.43
C MET D 19 -60.15 -13.41 -2.91
N SER D 20 -59.83 -14.01 -4.06
CA SER D 20 -60.71 -15.00 -4.63
C SER D 20 -60.02 -16.29 -5.03
N CYS D 21 -59.95 -17.23 -4.09
CA CYS D 21 -59.35 -18.53 -4.34
C CYS D 21 -60.07 -19.25 -5.47
N LYS D 22 -59.51 -19.20 -6.67
CA LYS D 22 -60.08 -19.83 -7.87
C LYS D 22 -59.80 -21.33 -8.03
N ALA D 23 -60.82 -22.07 -8.45
CA ALA D 23 -60.72 -23.52 -8.62
C ALA D 23 -60.97 -24.02 -10.02
N SER D 24 -60.75 -25.34 -10.15
CA SER D 24 -60.89 -26.06 -11.40
C SER D 24 -60.52 -27.50 -11.14
N GLY D 25 -60.82 -28.36 -12.11
CA GLY D 25 -60.50 -29.77 -11.98
C GLY D 25 -61.56 -30.63 -11.31
N TYR D 26 -62.84 -30.21 -11.40
CA TYR D 26 -63.96 -30.95 -10.81
C TYR D 26 -65.22 -30.11 -10.66
N THR D 27 -66.21 -30.70 -10.01
CA THR D 27 -67.47 -30.04 -9.75
C THR D 27 -67.39 -29.29 -8.42
N PHE D 28 -67.36 -27.97 -8.55
CA PHE D 28 -67.27 -27.02 -7.44
C PHE D 28 -68.49 -27.00 -6.51
N THR D 29 -69.66 -26.79 -7.12
CA THR D 29 -70.97 -26.70 -6.48
C THR D 29 -71.36 -27.84 -5.52
N THR D 30 -70.58 -28.92 -5.51
CA THR D 30 -70.90 -30.05 -4.63
C THR D 30 -69.90 -30.12 -3.49
N TYR D 31 -69.16 -29.03 -3.33
CA TYR D 31 -68.13 -28.98 -2.31
C TYR D 31 -68.11 -27.84 -1.32
N THR D 32 -67.71 -28.21 -0.12
CA THR D 32 -67.56 -27.30 0.99
C THR D 32 -66.14 -26.76 0.86
N ILE D 33 -66.00 -25.46 1.06
CA ILE D 33 -64.71 -24.82 0.93
C ILE D 33 -64.40 -23.77 2.02
N HIS D 34 -63.32 -23.96 2.79
CA HIS D 34 -62.90 -23.02 3.82
C HIS D 34 -61.82 -22.07 3.32
N TRP D 35 -61.24 -21.35 4.27
CA TRP D 35 -60.14 -20.43 4.05
C TRP D 35 -59.40 -20.58 5.35
N ILE D 36 -58.07 -20.57 5.26
CA ILE D 36 -57.22 -20.67 6.43
C ILE D 36 -56.04 -19.74 6.22
N LYS D 37 -55.39 -19.36 7.31
CA LYS D 37 -54.26 -18.45 7.24
C LYS D 37 -53.13 -18.93 8.11
N GLN D 38 -51.99 -18.27 7.95
CA GLN D 38 -50.82 -18.60 8.73
C GLN D 38 -49.98 -17.35 8.71
N ARG D 39 -49.63 -16.89 9.90
CA ARG D 39 -48.84 -15.68 10.03
C ARG D 39 -47.38 -16.09 10.25
N PRO D 40 -46.44 -15.13 10.09
CA PRO D 40 -45.00 -15.34 10.23
C PRO D 40 -44.56 -16.36 11.27
N GLY D 41 -43.98 -17.47 10.78
CA GLY D 41 -43.50 -18.54 11.64
C GLY D 41 -44.53 -19.00 12.66
N GLN D 42 -45.80 -18.90 12.29
CA GLN D 42 -46.91 -19.28 13.17
C GLN D 42 -47.56 -20.59 12.79
N GLY D 43 -48.64 -20.91 13.50
CA GLY D 43 -49.38 -22.11 13.23
C GLY D 43 -50.51 -21.83 12.25
N LEU D 44 -51.34 -22.82 12.01
CA LEU D 44 -52.45 -22.66 11.10
C LEU D 44 -53.74 -22.22 11.80
N GLU D 45 -54.30 -21.11 11.33
CA GLU D 45 -55.51 -20.59 11.91
C GLU D 45 -56.67 -20.65 10.92
N TRP D 46 -57.67 -21.48 11.23
CA TRP D 46 -58.86 -21.63 10.40
C TRP D 46 -59.68 -20.36 10.51
N ILE D 47 -60.33 -19.96 9.42
CA ILE D 47 -61.16 -18.77 9.46
C ILE D 47 -62.59 -18.96 8.90
N GLY D 48 -62.97 -18.30 7.81
CA GLY D 48 -64.30 -18.48 7.26
C GLY D 48 -64.58 -19.93 6.88
N TYR D 49 -65.67 -20.12 6.15
CA TYR D 49 -66.12 -21.43 5.66
C TYR D 49 -67.55 -21.33 5.17
N ILE D 50 -67.73 -21.56 3.89
CA ILE D 50 -69.03 -21.54 3.25
C ILE D 50 -69.43 -23.01 3.09
N ASN D 51 -70.39 -23.32 2.21
CA ASN D 51 -70.78 -24.72 2.02
C ASN D 51 -71.18 -24.88 0.56
N PRO D 52 -71.62 -26.09 0.13
CA PRO D 52 -72.00 -26.28 -1.27
C PRO D 52 -72.92 -25.15 -1.75
N SER D 53 -74.22 -25.33 -1.51
CA SER D 53 -75.24 -24.37 -1.91
C SER D 53 -74.91 -22.92 -1.58
N SER D 54 -74.79 -22.64 -0.28
CA SER D 54 -74.46 -21.34 0.32
C SER D 54 -75.25 -21.14 1.61
N VAL D 55 -75.86 -22.23 2.07
CA VAL D 55 -76.64 -22.27 3.31
C VAL D 55 -75.77 -21.89 4.53
N TYR D 56 -75.16 -22.88 5.19
CA TYR D 56 -74.32 -22.60 6.35
C TYR D 56 -73.16 -21.71 5.97
N THR D 57 -72.71 -20.91 6.92
CA THR D 57 -71.63 -20.01 6.66
C THR D 57 -70.94 -19.71 7.99
N ASN D 58 -70.33 -20.75 8.57
CA ASN D 58 -69.62 -20.65 9.86
C ASN D 58 -68.28 -19.88 9.81
N TYR D 59 -68.24 -18.70 10.44
CA TYR D 59 -67.00 -17.90 10.52
C TYR D 59 -66.39 -18.12 11.92
N ASN D 60 -65.58 -17.16 12.41
CA ASN D 60 -64.97 -17.26 13.74
C ASN D 60 -64.43 -15.94 14.32
N GLN D 61 -64.24 -15.95 15.63
CA GLN D 61 -63.78 -14.83 16.45
C GLN D 61 -63.02 -13.69 15.76
N ARG D 62 -61.73 -13.89 15.54
CA ARG D 62 -60.89 -12.87 14.94
C ARG D 62 -61.37 -12.20 13.64
N PHE D 63 -62.51 -12.63 13.10
CA PHE D 63 -63.01 -12.04 11.84
C PHE D 63 -64.54 -11.97 11.69
N LYS D 64 -65.27 -12.20 12.78
CA LYS D 64 -66.74 -12.14 12.77
C LYS D 64 -67.21 -10.80 12.25
N ASP D 65 -68.23 -10.81 11.40
CA ASP D 65 -68.81 -9.58 10.84
C ASP D 65 -67.82 -8.54 10.30
N LYS D 66 -66.55 -8.93 10.14
CA LYS D 66 -65.54 -8.00 9.62
C LYS D 66 -64.84 -8.55 8.39
N ALA D 67 -65.11 -9.82 8.09
CA ALA D 67 -64.56 -10.50 6.93
C ALA D 67 -65.75 -11.29 6.42
N THR D 68 -66.00 -11.25 5.11
CA THR D 68 -67.15 -11.95 4.56
C THR D 68 -66.79 -12.98 3.51
N LEU D 69 -67.22 -14.22 3.74
CA LEU D 69 -66.95 -15.32 2.81
C LEU D 69 -68.04 -15.64 1.80
N THR D 70 -67.90 -15.10 0.60
CA THR D 70 -68.88 -15.34 -0.46
C THR D 70 -68.56 -16.63 -1.22
N ARG D 71 -69.21 -16.81 -2.36
CA ARG D 71 -69.02 -17.98 -3.22
C ARG D 71 -69.73 -17.68 -4.55
N ASP D 72 -69.47 -18.45 -5.60
CA ASP D 72 -70.10 -18.21 -6.90
C ASP D 72 -70.12 -19.50 -7.71
N ARG D 73 -70.34 -20.61 -7.02
CA ARG D 73 -70.39 -21.98 -7.56
C ARG D 73 -70.48 -22.08 -9.08
N SER D 74 -71.32 -21.22 -9.65
CA SER D 74 -71.53 -21.17 -11.07
C SER D 74 -70.22 -21.06 -11.82
N SER D 75 -69.45 -20.00 -11.59
CA SER D 75 -68.17 -19.82 -12.27
C SER D 75 -66.95 -20.04 -11.38
N ASN D 76 -66.98 -21.17 -10.67
CA ASN D 76 -65.91 -21.64 -9.75
C ASN D 76 -65.00 -20.63 -9.10
N THR D 77 -65.40 -20.14 -7.94
CA THR D 77 -64.59 -19.18 -7.17
C THR D 77 -65.08 -19.04 -5.73
N ALA D 78 -64.16 -18.96 -4.77
CA ALA D 78 -64.52 -18.76 -3.36
C ALA D 78 -64.06 -17.33 -3.11
N ASN D 79 -64.51 -16.71 -2.02
CA ASN D 79 -64.10 -15.34 -1.74
C ASN D 79 -63.90 -15.05 -0.25
N ILE D 80 -63.32 -13.88 0.02
CA ILE D 80 -63.10 -13.38 1.38
C ILE D 80 -63.04 -11.87 1.25
N HIS D 81 -63.82 -11.20 2.09
CA HIS D 81 -63.85 -9.75 2.04
C HIS D 81 -63.34 -9.18 3.33
N LEU D 82 -62.02 -9.06 3.40
CA LEU D 82 -61.37 -8.53 4.57
C LEU D 82 -61.82 -7.08 4.67
N SER D 83 -62.46 -6.73 5.77
CA SER D 83 -62.96 -5.38 5.97
C SER D 83 -62.13 -4.56 6.96
N SER D 84 -62.47 -4.64 8.25
CA SER D 84 -61.72 -3.90 9.26
C SER D 84 -60.42 -4.66 9.46
N LEU D 85 -59.37 -4.23 8.77
CA LEU D 85 -58.10 -4.90 8.86
C LEU D 85 -57.20 -4.46 10.00
N THR D 86 -57.17 -5.28 11.05
CA THR D 86 -56.31 -5.01 12.20
C THR D 86 -54.96 -5.59 11.77
N SER D 87 -53.90 -4.80 11.94
CA SER D 87 -52.54 -5.19 11.55
C SER D 87 -52.20 -6.66 11.82
N ASP D 88 -52.85 -7.22 12.82
CA ASP D 88 -52.64 -8.62 13.22
C ASP D 88 -53.35 -9.61 12.33
N ASP D 89 -53.69 -9.17 11.12
CA ASP D 89 -54.38 -10.01 10.15
C ASP D 89 -53.42 -10.31 9.03
N SER D 90 -52.25 -9.68 9.08
CA SER D 90 -51.22 -9.87 8.07
C SER D 90 -50.72 -11.30 8.04
N ALA D 91 -50.91 -11.94 6.88
CA ALA D 91 -50.51 -13.32 6.70
C ALA D 91 -50.71 -13.71 5.23
N VAL D 92 -50.68 -15.01 4.98
CA VAL D 92 -50.89 -15.58 3.66
C VAL D 92 -52.18 -16.37 3.88
N TYR D 93 -53.10 -16.26 2.93
CA TYR D 93 -54.38 -16.95 3.09
C TYR D 93 -54.60 -18.06 2.07
N TYR D 94 -54.76 -19.27 2.59
CA TYR D 94 -55.02 -20.44 1.76
C TYR D 94 -56.49 -20.54 1.42
N CYS D 95 -56.87 -21.67 0.84
CA CYS D 95 -58.24 -21.91 0.46
C CYS D 95 -58.39 -23.38 0.19
N VAL D 96 -58.97 -24.11 1.13
CA VAL D 96 -59.15 -25.53 0.93
C VAL D 96 -60.56 -25.93 0.51
N ARG D 97 -60.93 -27.14 0.88
CA ARG D 97 -62.23 -27.69 0.57
C ARG D 97 -62.36 -28.91 1.49
N GLU D 98 -63.51 -29.04 2.15
CA GLU D 98 -63.74 -30.12 3.10
C GLU D 98 -63.71 -31.49 2.46
N GLY D 99 -64.14 -32.49 3.23
CA GLY D 99 -64.08 -33.89 2.86
C GLY D 99 -63.21 -34.31 4.05
N GLU D 100 -62.32 -33.35 4.41
CA GLU D 100 -61.36 -33.30 5.51
C GLU D 100 -60.24 -32.31 5.22
N VAL D 101 -60.56 -31.29 4.41
CA VAL D 101 -59.64 -30.20 4.02
C VAL D 101 -58.43 -30.75 3.22
N PRO D 102 -58.66 -31.45 2.09
CA PRO D 102 -57.59 -32.02 1.27
C PRO D 102 -56.80 -31.18 0.27
N TYR D 103 -57.47 -30.33 -0.51
CA TYR D 103 -56.75 -29.54 -1.52
C TYR D 103 -56.58 -28.05 -1.28
N TRP D 104 -55.47 -27.69 -0.65
CA TRP D 104 -55.19 -26.30 -0.35
C TRP D 104 -54.57 -25.64 -1.57
N GLY D 105 -54.83 -24.35 -1.74
CA GLY D 105 -54.30 -23.63 -2.89
C GLY D 105 -52.91 -23.13 -2.63
N GLN D 106 -52.46 -22.16 -3.44
CA GLN D 106 -51.11 -21.59 -3.31
C GLN D 106 -51.00 -20.65 -2.10
N GLY D 107 -51.80 -19.58 -2.12
CA GLY D 107 -51.79 -18.63 -1.03
C GLY D 107 -51.38 -17.24 -1.46
N THR D 108 -52.08 -16.22 -0.95
CA THR D 108 -51.77 -14.83 -1.26
C THR D 108 -51.39 -14.20 0.07
N THR D 109 -50.37 -13.35 0.07
CA THR D 109 -49.94 -12.75 1.31
C THR D 109 -50.31 -11.30 1.42
N VAL D 110 -51.12 -11.05 2.43
CA VAL D 110 -51.55 -9.71 2.74
C VAL D 110 -50.60 -9.24 3.81
N THR D 111 -50.50 -7.93 3.87
CA THR D 111 -49.63 -7.29 4.82
C THR D 111 -50.37 -6.06 5.29
N VAL D 112 -50.88 -6.12 6.51
CA VAL D 112 -51.60 -4.98 7.04
C VAL D 112 -50.55 -4.02 7.56
N SER D 113 -50.21 -3.05 6.72
CA SER D 113 -49.19 -2.11 7.13
C SER D 113 -49.39 -0.67 6.70
N SER D 114 -49.08 0.21 7.65
CA SER D 114 -49.19 1.64 7.48
C SER D 114 -48.05 2.21 6.63
N ALA D 115 -47.08 1.35 6.34
CA ALA D 115 -45.89 1.75 5.58
C ALA D 115 -46.14 2.01 4.09
N LYS D 116 -45.21 2.77 3.49
CA LYS D 116 -45.29 3.15 2.08
C LYS D 116 -44.41 2.24 1.23
N THR D 117 -44.89 1.92 0.04
CA THR D 117 -44.18 1.08 -0.90
C THR D 117 -42.87 1.76 -1.29
N THR D 118 -41.78 1.30 -0.68
CA THR D 118 -40.46 1.86 -0.91
C THR D 118 -39.52 0.96 -1.73
N PRO D 119 -39.12 1.39 -2.94
CA PRO D 119 -38.21 0.60 -3.77
C PRO D 119 -36.80 0.55 -3.14
N PRO D 120 -36.16 -0.62 -3.13
CA PRO D 120 -34.83 -0.85 -2.55
C PRO D 120 -33.66 -0.24 -3.29
N SER D 121 -32.49 -0.81 -3.03
CA SER D 121 -31.26 -0.37 -3.65
C SER D 121 -30.37 -1.59 -3.72
N VAL D 122 -29.73 -1.76 -4.86
CA VAL D 122 -28.84 -2.89 -5.06
C VAL D 122 -27.42 -2.47 -4.80
N TYR D 123 -26.72 -3.28 -4.02
CA TYR D 123 -25.35 -2.98 -3.73
C TYR D 123 -24.60 -4.26 -3.99
N PRO D 124 -23.85 -4.29 -5.11
CA PRO D 124 -23.06 -5.47 -5.51
C PRO D 124 -21.93 -5.75 -4.53
N LEU D 125 -21.76 -7.01 -4.16
CA LEU D 125 -20.72 -7.36 -3.22
C LEU D 125 -19.51 -8.05 -3.81
N ALA D 126 -18.50 -7.26 -4.15
CA ALA D 126 -17.28 -7.80 -4.72
C ALA D 126 -16.34 -8.02 -3.55
N PRO D 127 -15.60 -9.14 -3.55
CA PRO D 127 -14.67 -9.46 -2.47
C PRO D 127 -13.56 -8.41 -2.41
N GLY D 128 -12.94 -8.27 -1.24
CA GLY D 128 -11.88 -7.30 -1.07
C GLY D 128 -10.58 -7.78 -1.69
N SER D 129 -10.66 -8.12 -2.97
CA SER D 129 -9.52 -8.63 -3.75
C SER D 129 -8.85 -9.85 -3.14
N ALA D 130 -7.77 -9.64 -2.40
CA ALA D 130 -7.01 -10.72 -1.78
C ALA D 130 -6.53 -11.66 -2.90
N ALA D 131 -6.28 -12.92 -2.55
CA ALA D 131 -5.83 -13.90 -3.54
C ALA D 131 -6.98 -14.84 -3.87
N GLN D 132 -7.24 -14.98 -5.16
CA GLN D 132 -8.31 -15.85 -5.64
C GLN D 132 -7.82 -17.28 -5.65
N THR D 133 -7.92 -17.90 -4.48
CA THR D 133 -7.50 -19.27 -4.28
C THR D 133 -8.72 -20.16 -4.13
N ASN D 134 -8.45 -21.46 -4.04
CA ASN D 134 -9.49 -22.48 -3.87
C ASN D 134 -10.45 -22.56 -5.05
N SER D 135 -10.18 -21.77 -6.09
CA SER D 135 -11.00 -21.75 -7.29
C SER D 135 -12.48 -21.37 -7.11
N MET D 136 -12.86 -20.90 -5.92
CA MET D 136 -14.25 -20.55 -5.68
C MET D 136 -14.51 -19.17 -5.10
N VAL D 137 -14.66 -18.19 -5.99
CA VAL D 137 -14.91 -16.82 -5.57
C VAL D 137 -16.40 -16.64 -5.34
N THR D 138 -16.81 -16.68 -4.08
CA THR D 138 -18.21 -16.52 -3.76
C THR D 138 -18.53 -15.05 -3.85
N LEU D 139 -19.65 -14.75 -4.49
CA LEU D 139 -20.10 -13.39 -4.66
C LEU D 139 -21.42 -13.19 -3.97
N GLY D 140 -21.86 -11.95 -3.97
CA GLY D 140 -23.11 -11.63 -3.31
C GLY D 140 -23.74 -10.36 -3.82
N CYS D 141 -25.00 -10.17 -3.43
CA CYS D 141 -25.72 -9.00 -3.83
C CYS D 141 -26.57 -8.57 -2.67
N LEU D 142 -26.61 -7.27 -2.46
CA LEU D 142 -27.36 -6.70 -1.34
C LEU D 142 -28.56 -5.87 -1.75
N VAL D 143 -29.72 -6.23 -1.19
CA VAL D 143 -30.96 -5.51 -1.48
C VAL D 143 -31.46 -4.94 -0.18
N LYS D 144 -31.32 -3.63 -0.04
CA LYS D 144 -31.73 -2.98 1.18
C LYS D 144 -32.72 -1.85 1.04
N GLY D 145 -33.68 -1.85 1.96
CA GLY D 145 -34.69 -0.82 2.03
C GLY D 145 -35.81 -0.92 1.03
N TYR D 146 -36.54 -2.02 1.06
CA TYR D 146 -37.66 -2.18 0.13
C TYR D 146 -38.93 -2.57 0.86
N PHE D 147 -40.04 -1.97 0.47
CA PHE D 147 -41.28 -2.29 1.12
C PHE D 147 -42.43 -2.28 0.13
N PRO D 148 -43.26 -3.32 0.19
CA PRO D 148 -43.09 -4.43 1.13
C PRO D 148 -42.30 -5.53 0.44
N GLU D 149 -42.64 -6.77 0.75
CA GLU D 149 -42.02 -7.89 0.09
C GLU D 149 -42.97 -8.28 -1.06
N PRO D 150 -42.54 -9.19 -1.94
CA PRO D 150 -41.24 -9.87 -1.94
C PRO D 150 -40.41 -9.34 -3.08
N VAL D 151 -39.31 -10.02 -3.37
CA VAL D 151 -38.44 -9.63 -4.46
C VAL D 151 -37.85 -10.86 -5.09
N THR D 152 -37.59 -10.75 -6.39
CA THR D 152 -37.05 -11.88 -7.12
C THR D 152 -35.64 -11.62 -7.53
N VAL D 153 -34.76 -12.36 -6.88
CA VAL D 153 -33.35 -12.28 -7.16
C VAL D 153 -32.99 -13.47 -8.02
N THR D 154 -32.38 -13.16 -9.16
CA THR D 154 -31.95 -14.15 -10.12
C THR D 154 -30.53 -13.78 -10.52
N TRP D 155 -29.68 -14.79 -10.71
CA TRP D 155 -28.28 -14.56 -11.06
C TRP D 155 -27.93 -14.81 -12.53
N ASN D 156 -27.43 -13.75 -13.18
CA ASN D 156 -27.05 -13.80 -14.60
C ASN D 156 -28.28 -14.24 -15.39
N SER D 157 -29.42 -13.67 -15.00
CA SER D 157 -30.72 -13.95 -15.59
C SER D 157 -31.11 -15.42 -15.42
N GLY D 158 -31.08 -15.88 -14.18
CA GLY D 158 -31.45 -17.24 -13.87
C GLY D 158 -30.60 -18.34 -14.49
N SER D 159 -29.61 -17.96 -15.30
CA SER D 159 -28.73 -18.92 -15.97
C SER D 159 -27.94 -19.67 -14.92
N LEU D 160 -27.34 -18.90 -14.01
CA LEU D 160 -26.57 -19.47 -12.94
C LEU D 160 -27.55 -19.93 -11.87
N SER D 161 -27.28 -21.12 -11.32
CA SER D 161 -28.17 -21.70 -10.33
C SER D 161 -27.50 -22.93 -9.70
N SER D 162 -26.18 -22.95 -9.78
CA SER D 162 -25.40 -24.06 -9.24
C SER D 162 -25.48 -24.04 -7.72
N GLY D 163 -24.91 -23.00 -7.13
CA GLY D 163 -24.90 -22.88 -5.69
C GLY D 163 -25.11 -21.43 -5.27
N VAL D 164 -26.37 -21.06 -5.16
CA VAL D 164 -26.72 -19.70 -4.75
C VAL D 164 -27.46 -19.80 -3.43
N HIS D 165 -27.38 -18.74 -2.63
CA HIS D 165 -28.09 -18.73 -1.38
C HIS D 165 -28.74 -17.39 -1.16
N THR D 166 -30.00 -17.32 -1.59
CA THR D 166 -30.81 -16.13 -1.44
C THR D 166 -31.20 -16.15 0.05
N PHE D 167 -31.25 -14.98 0.68
CA PHE D 167 -31.54 -14.88 2.13
C PHE D 167 -32.87 -14.29 2.56
N PRO D 168 -33.59 -14.99 3.44
CA PRO D 168 -34.89 -14.57 3.97
C PRO D 168 -34.83 -13.11 4.37
N ALA D 169 -35.74 -12.33 3.80
CA ALA D 169 -35.80 -10.90 4.05
C ALA D 169 -36.12 -10.65 5.51
N VAL D 170 -35.61 -9.56 6.05
CA VAL D 170 -35.89 -9.24 7.44
C VAL D 170 -36.40 -7.80 7.63
N LEU D 171 -37.44 -7.65 8.45
CA LEU D 171 -37.97 -6.33 8.70
C LEU D 171 -37.12 -5.60 9.72
N GLN D 172 -36.78 -4.37 9.37
CA GLN D 172 -35.98 -3.52 10.23
C GLN D 172 -36.51 -2.10 10.15
N SER D 173 -37.32 -1.72 11.15
CA SER D 173 -37.96 -0.42 11.25
C SER D 173 -38.59 -0.05 9.93
N ASP D 174 -39.74 -0.67 9.66
CA ASP D 174 -40.49 -0.47 8.41
C ASP D 174 -39.66 -0.65 7.12
N LEU D 175 -38.54 -1.34 7.22
CA LEU D 175 -37.68 -1.57 6.05
C LEU D 175 -37.15 -2.97 5.94
N TYR D 176 -37.30 -3.52 4.75
CA TYR D 176 -36.85 -4.86 4.45
C TYR D 176 -35.49 -4.82 3.77
N THR D 177 -34.75 -5.92 3.96
CA THR D 177 -33.42 -6.07 3.39
C THR D 177 -32.91 -7.49 3.52
N LEU D 178 -32.18 -7.92 2.51
CA LEU D 178 -31.57 -9.24 2.51
C LEU D 178 -30.45 -9.28 1.49
N SER D 179 -29.90 -10.47 1.31
CA SER D 179 -28.80 -10.64 0.39
C SER D 179 -28.80 -12.00 -0.26
N SER D 180 -27.91 -12.20 -1.22
CA SER D 180 -27.79 -13.49 -1.91
C SER D 180 -26.35 -13.75 -2.29
N SER D 181 -25.93 -15.00 -2.16
CA SER D 181 -24.56 -15.38 -2.46
C SER D 181 -24.52 -16.30 -3.65
N VAL D 182 -23.35 -16.43 -4.24
CA VAL D 182 -23.22 -17.25 -5.43
C VAL D 182 -21.82 -17.80 -5.59
N THR D 183 -21.69 -19.09 -5.30
CA THR D 183 -20.43 -19.82 -5.41
C THR D 183 -20.09 -20.16 -6.86
N VAL D 184 -19.00 -19.58 -7.35
CA VAL D 184 -18.57 -19.84 -8.72
C VAL D 184 -17.06 -20.08 -8.79
N PRO D 185 -16.58 -20.60 -9.93
CA PRO D 185 -15.16 -20.86 -10.11
C PRO D 185 -14.42 -19.52 -10.19
N SER D 186 -13.13 -19.51 -9.82
CA SER D 186 -12.34 -18.28 -9.83
C SER D 186 -12.20 -17.63 -11.19
N SER D 187 -11.62 -18.38 -12.12
CA SER D 187 -11.38 -17.95 -13.48
C SER D 187 -12.47 -17.19 -14.24
N PRO D 188 -13.69 -17.73 -14.29
CA PRO D 188 -14.78 -17.06 -15.02
C PRO D 188 -15.15 -15.68 -14.57
N ARG D 189 -15.06 -15.42 -13.27
CA ARG D 189 -15.47 -14.12 -12.76
C ARG D 189 -14.76 -12.93 -13.39
N PRO D 190 -13.42 -12.82 -13.20
CA PRO D 190 -12.68 -11.70 -13.78
C PRO D 190 -13.07 -11.54 -15.25
N SER D 191 -13.03 -12.66 -15.96
CA SER D 191 -13.39 -12.71 -17.37
C SER D 191 -14.90 -12.60 -17.54
N GLU D 192 -15.56 -13.70 -17.91
CA GLU D 192 -17.01 -13.72 -18.11
C GLU D 192 -17.80 -13.20 -16.91
N THR D 193 -18.35 -12.00 -17.11
CA THR D 193 -19.11 -11.25 -16.11
C THR D 193 -20.31 -11.91 -15.46
N VAL D 194 -20.66 -11.37 -14.30
CA VAL D 194 -21.79 -11.79 -13.48
C VAL D 194 -22.65 -10.61 -13.06
N THR D 195 -23.95 -10.71 -13.34
CA THR D 195 -24.85 -9.66 -12.92
C THR D 195 -25.86 -10.17 -11.96
N CYS D 196 -26.39 -9.21 -11.22
CA CYS D 196 -27.39 -9.42 -10.20
C CYS D 196 -28.69 -8.87 -10.76
N ASN D 197 -29.58 -9.77 -11.18
CA ASN D 197 -30.87 -9.35 -11.72
C ASN D 197 -31.95 -9.52 -10.68
N VAL D 198 -32.61 -8.42 -10.36
CA VAL D 198 -33.64 -8.40 -9.35
C VAL D 198 -34.79 -7.47 -9.70
N ALA D 199 -35.93 -7.75 -9.09
CA ALA D 199 -37.10 -6.95 -9.34
C ALA D 199 -38.01 -6.90 -8.14
N HIS D 200 -38.50 -5.70 -7.85
CA HIS D 200 -39.45 -5.52 -6.76
C HIS D 200 -40.79 -5.51 -7.50
N PRO D 201 -41.47 -6.67 -7.51
CA PRO D 201 -42.76 -6.77 -8.19
C PRO D 201 -43.64 -5.57 -7.92
N ALA D 202 -43.96 -5.36 -6.65
CA ALA D 202 -44.81 -4.24 -6.25
C ALA D 202 -44.02 -2.94 -6.28
N SER D 203 -43.71 -2.48 -7.49
CA SER D 203 -42.95 -1.27 -7.71
C SER D 203 -42.50 -1.31 -9.16
N SER D 204 -42.26 -2.54 -9.64
CA SER D 204 -41.80 -2.80 -11.01
C SER D 204 -40.41 -2.19 -11.24
N THR D 205 -39.47 -2.58 -10.38
CA THR D 205 -38.09 -2.09 -10.51
C THR D 205 -37.11 -3.18 -10.91
N LYS D 206 -37.07 -3.48 -12.22
CA LYS D 206 -36.18 -4.51 -12.74
C LYS D 206 -34.82 -3.85 -12.78
N VAL D 207 -33.82 -4.53 -12.22
CA VAL D 207 -32.47 -3.99 -12.16
C VAL D 207 -31.39 -5.04 -12.32
N ASP D 208 -30.34 -4.67 -13.05
CA ASP D 208 -29.20 -5.55 -13.28
C ASP D 208 -27.92 -4.86 -12.83
N LYS D 209 -27.31 -5.39 -11.78
CA LYS D 209 -26.08 -4.83 -11.27
C LYS D 209 -24.87 -5.71 -11.57
N LYS D 210 -23.88 -5.15 -12.25
CA LYS D 210 -22.64 -5.86 -12.58
C LYS D 210 -21.79 -5.89 -11.31
N ILE D 211 -21.27 -7.06 -10.98
CA ILE D 211 -20.47 -7.27 -9.77
C ILE D 211 -18.95 -7.00 -9.86
N VAL D 212 -18.56 -5.87 -10.45
CA VAL D 212 -17.14 -5.49 -10.61
C VAL D 212 -16.31 -5.61 -9.33
N PRO D 213 -15.03 -6.02 -9.44
CA PRO D 213 -14.19 -6.15 -8.24
C PRO D 213 -13.89 -4.79 -7.65
N ARG D 214 -13.38 -4.77 -6.43
CA ARG D 214 -13.09 -3.51 -5.74
C ARG D 214 -12.17 -2.68 -6.60
N ASP D 215 -12.64 -1.47 -6.95
CA ASP D 215 -11.86 -0.55 -7.77
C ASP D 215 -10.51 -0.28 -7.08
N CYS D 216 -9.43 -0.65 -7.76
CA CYS D 216 -8.10 -0.46 -7.16
C CYS D 216 -7.46 0.94 -7.29
N GLY D 217 -6.23 1.06 -6.78
CA GLY D 217 -5.51 2.33 -6.78
C GLY D 217 -4.84 2.91 -8.02
N CYS D 218 -3.51 2.78 -8.10
CA CYS D 218 -2.72 3.32 -9.21
C CYS D 218 -3.18 2.99 -10.62
N LYS D 219 -3.98 3.91 -11.18
CA LYS D 219 -4.52 3.80 -12.53
C LYS D 219 -3.65 4.55 -13.53
N PRO D 220 -3.29 3.90 -14.65
CA PRO D 220 -2.45 4.52 -15.68
C PRO D 220 -3.06 5.84 -16.15
N CYS D 221 -2.32 6.95 -15.99
CA CYS D 221 -2.85 8.24 -16.40
C CYS D 221 -3.06 8.26 -17.90
N ILE D 222 -2.03 7.86 -18.63
CA ILE D 222 -2.05 7.76 -20.09
C ILE D 222 -2.95 8.79 -20.77
N CYS D 223 -2.65 10.07 -20.56
CA CYS D 223 -3.42 11.15 -21.20
C CYS D 223 -3.08 11.00 -22.70
N THR D 224 -4.05 11.25 -23.57
CA THR D 224 -3.83 11.11 -25.02
C THR D 224 -3.17 12.32 -25.70
N VAL D 225 -2.15 12.05 -26.54
CA VAL D 225 -1.44 13.13 -27.24
C VAL D 225 -1.37 12.98 -28.76
N PRO D 226 -1.59 14.09 -29.50
CA PRO D 226 -1.57 14.19 -30.97
C PRO D 226 -0.17 14.24 -31.66
N GLU D 227 -0.10 15.01 -32.75
CA GLU D 227 1.09 15.19 -33.58
C GLU D 227 2.36 15.69 -32.87
N VAL D 228 3.22 14.72 -32.53
CA VAL D 228 4.53 14.93 -31.88
C VAL D 228 4.77 15.94 -30.72
N SER D 229 6.05 16.08 -30.37
CA SER D 229 6.52 16.93 -29.27
C SER D 229 6.74 18.40 -29.59
N SER D 230 7.18 19.12 -28.56
CA SER D 230 7.49 20.54 -28.65
C SER D 230 8.67 20.80 -27.69
N VAL D 231 9.75 21.36 -28.23
CA VAL D 231 10.96 21.64 -27.45
C VAL D 231 11.04 23.06 -26.90
N PHE D 232 11.72 23.19 -25.76
CA PHE D 232 11.87 24.48 -25.09
C PHE D 232 13.29 24.67 -24.66
N ILE D 233 13.89 25.75 -25.16
CA ILE D 233 15.27 26.09 -24.85
C ILE D 233 15.32 27.12 -23.71
N PHE D 234 16.00 26.75 -22.64
CA PHE D 234 16.15 27.62 -21.48
C PHE D 234 17.56 28.18 -21.29
N PRO D 235 17.65 29.48 -20.99
CA PRO D 235 18.90 30.22 -20.76
C PRO D 235 19.65 29.74 -19.52
N PRO D 236 20.97 29.94 -19.50
CA PRO D 236 21.82 29.54 -18.37
C PRO D 236 21.67 30.49 -17.19
N LYS D 237 21.89 29.98 -15.98
CA LYS D 237 21.78 30.77 -14.77
C LYS D 237 22.83 31.87 -14.76
N PRO D 238 22.41 33.11 -14.48
CA PRO D 238 23.30 34.26 -14.42
C PRO D 238 24.57 33.99 -13.62
N LYS D 239 24.46 33.23 -12.53
CA LYS D 239 25.63 32.93 -11.69
C LYS D 239 26.67 32.13 -12.43
N ASP D 240 26.22 31.28 -13.35
CA ASP D 240 27.11 30.44 -14.15
C ASP D 240 27.87 31.29 -15.18
N THR D 241 27.15 32.24 -15.77
CA THR D 241 27.74 33.12 -16.77
C THR D 241 28.58 34.23 -16.13
N LEU D 242 28.61 34.27 -14.80
CA LEU D 242 29.36 35.28 -14.07
C LEU D 242 30.58 34.71 -13.35
N LEU D 243 30.36 33.69 -12.50
CA LEU D 243 31.46 33.05 -11.79
C LEU D 243 32.30 32.37 -12.88
N ILE D 244 33.55 32.82 -13.03
CA ILE D 244 34.45 32.29 -14.06
C ILE D 244 34.79 30.80 -14.00
N THR D 245 34.91 30.25 -12.79
CA THR D 245 35.23 28.83 -12.64
C THR D 245 34.02 27.94 -12.98
N VAL D 246 32.83 28.53 -13.03
CA VAL D 246 31.62 27.79 -13.36
C VAL D 246 31.36 27.91 -14.86
N THR D 247 30.93 26.80 -15.47
CA THR D 247 30.67 26.74 -16.90
C THR D 247 29.18 26.81 -17.28
N PRO D 248 28.75 27.94 -17.85
CA PRO D 248 27.37 28.22 -18.29
C PRO D 248 26.75 27.30 -19.34
N LYS D 249 25.96 26.32 -18.86
CA LYS D 249 25.26 25.36 -19.71
C LYS D 249 23.90 25.91 -20.15
N VAL D 250 23.59 25.76 -21.42
CA VAL D 250 22.32 26.21 -21.94
C VAL D 250 21.52 24.94 -22.23
N THR D 251 20.29 24.87 -21.75
CA THR D 251 19.50 23.67 -21.99
C THR D 251 18.43 23.84 -23.06
N CYS D 252 17.90 22.71 -23.50
CA CYS D 252 16.86 22.63 -24.52
C CYS D 252 16.32 21.21 -24.42
N VAL D 253 15.06 21.10 -23.99
CA VAL D 253 14.41 19.80 -23.79
C VAL D 253 13.06 19.62 -24.45
N VAL D 254 12.82 18.40 -24.93
CA VAL D 254 11.58 18.00 -25.57
C VAL D 254 10.63 17.41 -24.54
N VAL D 255 9.33 17.44 -24.82
CA VAL D 255 8.34 16.94 -23.86
C VAL D 255 7.40 15.79 -24.26
N ASP D 256 6.58 16.00 -25.29
CA ASP D 256 5.63 14.97 -25.75
C ASP D 256 6.32 13.83 -26.50
N ILE D 257 6.93 12.92 -25.75
CA ILE D 257 7.63 11.78 -26.34
C ILE D 257 6.96 10.48 -25.91
N SER D 258 6.61 9.66 -26.89
CA SER D 258 5.96 8.38 -26.60
C SER D 258 6.95 7.21 -26.61
N LYS D 259 6.44 5.99 -26.73
CA LYS D 259 7.28 4.80 -26.74
C LYS D 259 7.71 4.51 -28.19
N ASP D 260 8.06 5.57 -28.91
CA ASP D 260 8.49 5.45 -30.30
C ASP D 260 9.61 6.44 -30.64
N ASP D 261 9.44 7.71 -30.30
CA ASP D 261 10.44 8.74 -30.59
C ASP D 261 11.82 8.29 -30.12
N PRO D 262 12.73 8.00 -31.07
CA PRO D 262 14.10 7.55 -30.75
C PRO D 262 14.89 8.55 -29.93
N GLU D 263 16.22 8.44 -29.98
CA GLU D 263 17.08 9.33 -29.21
C GLU D 263 16.99 10.81 -29.62
N VAL D 264 16.22 11.09 -30.67
CA VAL D 264 15.98 12.45 -31.18
C VAL D 264 17.14 13.16 -31.88
N GLN D 265 18.36 12.89 -31.42
CA GLN D 265 19.55 13.51 -32.00
C GLN D 265 19.54 15.03 -31.93
N PHE D 266 20.07 15.55 -30.83
CA PHE D 266 20.15 16.99 -30.61
C PHE D 266 21.40 17.55 -31.28
N SER D 267 21.29 18.77 -31.80
CA SER D 267 22.40 19.45 -32.47
C SER D 267 22.26 20.96 -32.34
N TRP D 268 23.29 21.62 -31.82
CA TRP D 268 23.25 23.07 -31.61
C TRP D 268 24.01 23.94 -32.61
N PHE D 269 23.57 25.19 -32.73
CA PHE D 269 24.15 26.18 -33.65
C PHE D 269 24.51 27.51 -32.98
N VAL D 270 25.80 27.78 -32.81
CA VAL D 270 26.24 29.02 -32.18
C VAL D 270 26.58 30.10 -33.23
N ASP D 271 25.53 30.55 -33.93
CA ASP D 271 25.60 31.56 -34.99
C ASP D 271 25.81 30.97 -36.38
N ASN D 272 24.95 30.02 -36.73
CA ASN D 272 25.01 29.34 -38.04
C ASN D 272 26.37 28.65 -38.15
N VAL D 273 26.68 27.80 -37.17
CA VAL D 273 27.97 27.09 -37.18
C VAL D 273 27.99 25.60 -36.81
N GLU D 274 27.12 25.18 -35.89
CA GLU D 274 27.07 23.79 -35.42
C GLU D 274 28.30 23.50 -34.53
N VAL D 275 28.10 22.65 -33.52
CA VAL D 275 29.19 22.28 -32.62
C VAL D 275 28.85 21.02 -31.81
N HIS D 276 29.89 20.43 -31.21
CA HIS D 276 29.78 19.21 -30.41
C HIS D 276 29.46 19.56 -28.96
N THR D 277 28.22 19.27 -28.59
CA THR D 277 27.66 19.56 -27.27
C THR D 277 28.49 19.21 -26.04
N ALA D 278 28.52 17.92 -25.73
CA ALA D 278 29.21 17.32 -24.60
C ALA D 278 28.39 16.08 -24.30
N GLN D 279 27.97 15.40 -25.37
CA GLN D 279 27.13 14.19 -25.32
C GLN D 279 25.95 14.40 -24.36
N THR D 280 25.58 15.67 -24.22
CA THR D 280 24.49 16.13 -23.37
C THR D 280 23.19 15.46 -23.77
N GLN D 281 22.97 14.26 -23.24
CA GLN D 281 21.79 13.49 -23.58
C GLN D 281 21.36 12.51 -22.48
N PRO D 282 21.03 13.02 -21.27
CA PRO D 282 20.61 12.12 -20.19
C PRO D 282 19.30 11.45 -20.65
N ARG D 283 18.64 12.13 -21.57
CA ARG D 283 17.38 11.73 -22.21
C ARG D 283 16.28 11.00 -21.44
N GLU D 284 15.29 10.53 -22.20
CA GLU D 284 14.09 9.83 -21.72
C GLU D 284 13.91 9.49 -20.24
N GLU D 285 12.88 10.11 -19.67
CA GLU D 285 12.50 9.93 -18.28
C GLU D 285 10.99 9.69 -18.27
N GLN D 286 10.59 8.47 -17.92
CA GLN D 286 9.16 8.13 -17.87
C GLN D 286 8.42 9.09 -16.95
N PHE D 287 7.85 10.15 -17.55
CA PHE D 287 7.12 11.16 -16.81
C PHE D 287 5.64 10.84 -16.49
N ASN D 288 4.76 11.83 -16.66
CA ASN D 288 3.33 11.69 -16.38
C ASN D 288 2.66 10.58 -17.19
N SER D 289 3.14 10.42 -18.41
CA SER D 289 2.66 9.42 -19.36
C SER D 289 3.58 9.46 -20.60
N THR D 290 4.46 10.47 -20.64
CA THR D 290 5.41 10.64 -21.74
C THR D 290 6.80 10.95 -21.16
N PHE D 291 7.84 10.72 -21.97
CA PHE D 291 9.23 10.94 -21.56
C PHE D 291 9.72 12.40 -21.64
N ARG D 292 11.03 12.59 -21.56
CA ARG D 292 11.62 13.91 -21.62
C ARG D 292 13.13 13.85 -21.85
N VAL D 293 13.55 14.19 -23.06
CA VAL D 293 14.97 14.17 -23.43
C VAL D 293 15.65 15.52 -23.21
N VAL D 294 16.70 15.52 -22.39
CA VAL D 294 17.46 16.72 -22.07
C VAL D 294 18.70 16.89 -22.94
N SER D 295 19.21 18.12 -23.02
CA SER D 295 20.39 18.45 -23.80
C SER D 295 21.07 19.68 -23.15
N ALA D 296 21.81 19.44 -22.07
CA ALA D 296 22.51 20.50 -21.32
C ALA D 296 23.94 20.82 -21.81
N LEU D 297 24.05 21.45 -22.98
CA LEU D 297 25.33 21.83 -23.59
C LEU D 297 26.04 23.01 -22.92
N PRO D 298 27.27 22.80 -22.43
CA PRO D 298 27.97 23.93 -21.80
C PRO D 298 28.51 24.84 -22.88
N ILE D 299 28.82 26.08 -22.51
CA ILE D 299 29.36 27.05 -23.47
C ILE D 299 30.18 28.14 -22.76
N MET D 300 31.10 28.75 -23.52
CA MET D 300 31.96 29.78 -22.99
C MET D 300 31.14 30.98 -22.49
N HIS D 301 31.57 31.55 -21.38
CA HIS D 301 30.93 32.71 -20.76
C HIS D 301 30.77 33.81 -21.80
N GLN D 302 31.91 34.38 -22.16
CA GLN D 302 32.01 35.47 -23.12
C GLN D 302 31.12 35.33 -24.38
N ASP D 303 30.75 34.11 -24.75
CA ASP D 303 29.92 33.90 -25.93
C ASP D 303 28.54 34.49 -25.73
N TRP D 304 27.89 34.07 -24.64
CA TRP D 304 26.56 34.56 -24.32
C TRP D 304 26.68 36.04 -24.04
N LEU D 305 27.68 36.39 -23.24
CA LEU D 305 27.93 37.76 -22.83
C LEU D 305 28.12 38.71 -24.00
N ASN D 306 28.73 38.20 -25.07
CA ASN D 306 28.93 39.00 -26.26
C ASN D 306 27.62 39.05 -27.01
N GLY D 307 26.79 38.02 -26.81
CA GLY D 307 25.49 37.95 -27.45
C GLY D 307 25.41 37.06 -28.66
N LYS D 308 25.52 35.74 -28.46
CA LYS D 308 25.42 34.78 -29.56
C LYS D 308 24.16 33.90 -29.45
N GLU D 309 23.57 33.57 -30.60
CA GLU D 309 22.35 32.73 -30.69
C GLU D 309 22.61 31.26 -30.35
N PHE D 310 21.54 30.51 -30.05
CA PHE D 310 21.68 29.10 -29.71
C PHE D 310 20.59 28.16 -30.27
N LYS D 311 20.76 27.74 -31.53
CA LYS D 311 19.82 26.84 -32.18
C LYS D 311 19.98 25.44 -31.60
N CYS D 312 18.89 24.70 -31.56
CA CYS D 312 18.91 23.37 -30.99
C CYS D 312 18.32 22.30 -31.93
N ARG D 313 18.65 22.38 -33.22
CA ARG D 313 18.16 21.43 -34.24
C ARG D 313 18.07 19.97 -33.78
N VAL D 314 16.93 19.35 -34.07
CA VAL D 314 16.70 17.96 -33.70
C VAL D 314 15.95 17.27 -34.82
N ASN D 315 16.19 15.96 -34.96
CA ASN D 315 15.51 15.19 -35.99
C ASN D 315 15.09 13.81 -35.53
N SER D 316 13.82 13.50 -35.72
CA SER D 316 13.27 12.20 -35.34
C SER D 316 12.44 11.63 -36.48
N ALA D 317 11.95 10.41 -36.31
CA ALA D 317 11.14 9.74 -37.31
C ALA D 317 9.77 10.41 -37.48
N ALA D 318 9.09 10.62 -36.36
CA ALA D 318 7.77 11.23 -36.34
C ALA D 318 7.74 12.71 -36.74
N PHE D 319 8.86 13.42 -36.50
CA PHE D 319 8.97 14.85 -36.82
C PHE D 319 8.71 15.21 -38.28
N PRO D 320 7.73 16.11 -38.51
CA PRO D 320 7.32 16.61 -39.83
C PRO D 320 8.32 17.65 -40.34
N ALA D 321 9.18 18.12 -39.42
CA ALA D 321 10.21 19.11 -39.72
C ALA D 321 11.20 19.22 -38.57
N PRO D 322 12.51 19.20 -38.87
CA PRO D 322 13.61 19.30 -37.90
C PRO D 322 13.65 20.66 -37.20
N ILE D 323 12.81 20.80 -36.18
CA ILE D 323 12.67 22.03 -35.42
C ILE D 323 13.85 22.43 -34.51
N GLU D 324 14.02 23.74 -34.31
CA GLU D 324 15.06 24.31 -33.45
C GLU D 324 14.73 25.72 -32.99
N LYS D 325 15.24 26.10 -31.81
CA LYS D 325 15.00 27.44 -31.27
C LYS D 325 16.18 27.99 -30.52
N THR D 326 16.53 29.23 -30.85
CA THR D 326 17.65 29.96 -30.26
C THR D 326 17.31 30.58 -28.91
N ILE D 327 18.31 31.16 -28.27
CA ILE D 327 18.13 31.81 -26.97
C ILE D 327 19.31 32.77 -26.69
N SER D 328 19.41 33.81 -27.52
CA SER D 328 20.49 34.82 -27.46
C SER D 328 20.81 35.61 -26.18
N LYS D 329 20.00 36.62 -25.86
CA LYS D 329 20.24 37.45 -24.68
C LYS D 329 19.03 38.36 -24.41
N THR D 330 19.18 39.31 -23.49
CA THR D 330 18.07 40.21 -23.15
C THR D 330 18.16 41.59 -23.79
N LYS D 331 19.22 41.82 -24.58
CA LYS D 331 19.41 43.09 -25.28
C LYS D 331 19.63 44.30 -24.32
N GLY D 332 19.01 45.46 -24.59
CA GLY D 332 19.15 46.67 -23.76
C GLY D 332 20.56 47.10 -23.32
N LYS D 333 20.68 48.30 -22.72
CA LYS D 333 21.96 48.82 -22.22
C LYS D 333 22.01 48.53 -20.71
N PRO D 334 22.86 47.59 -20.28
CA PRO D 334 23.06 47.15 -18.88
C PRO D 334 23.30 48.22 -17.79
N ARG D 335 22.47 48.17 -16.75
CA ARG D 335 22.56 49.09 -15.62
C ARG D 335 22.98 48.32 -14.38
N ALA D 336 23.95 48.87 -13.64
CA ALA D 336 24.43 48.22 -12.43
C ALA D 336 23.56 48.56 -11.23
N PRO D 337 23.30 47.58 -10.35
CA PRO D 337 22.48 47.80 -9.16
C PRO D 337 23.24 48.66 -8.15
N GLN D 338 22.58 49.63 -7.53
CA GLN D 338 23.26 50.49 -6.56
C GLN D 338 23.69 49.71 -5.32
N VAL D 339 22.97 48.62 -5.04
CA VAL D 339 23.22 47.72 -3.90
C VAL D 339 23.62 48.33 -2.57
N TYR D 340 22.70 48.30 -1.61
CA TYR D 340 22.92 48.84 -0.27
C TYR D 340 22.67 47.79 0.80
N THR D 341 22.80 48.21 2.05
CA THR D 341 22.58 47.33 3.19
C THR D 341 21.89 48.03 4.31
N ILE D 342 20.87 47.36 4.85
CA ILE D 342 20.10 47.88 5.94
C ILE D 342 20.07 46.84 7.07
N PRO D 343 20.61 47.21 8.23
CA PRO D 343 20.65 46.32 9.38
C PRO D 343 19.26 46.28 9.99
N PRO D 344 19.02 45.38 10.96
CA PRO D 344 17.72 45.26 11.63
C PRO D 344 17.18 46.58 12.20
N PRO D 345 15.89 46.86 11.98
CA PRO D 345 15.22 48.08 12.46
C PRO D 345 15.19 48.27 13.98
N LYS D 346 14.91 49.49 14.42
CA LYS D 346 14.84 49.84 15.84
C LYS D 346 13.76 49.00 16.53
N GLU D 347 12.56 49.07 15.98
CA GLU D 347 11.40 48.36 16.49
C GLU D 347 11.70 46.88 16.78
N GLN D 348 12.34 46.21 15.82
CA GLN D 348 12.72 44.81 15.97
C GLN D 348 14.15 44.73 16.50
N MET D 349 14.30 44.70 17.81
CA MET D 349 15.64 44.63 18.41
C MET D 349 15.60 43.82 19.70
N ALA D 350 14.39 43.41 20.09
CA ALA D 350 14.18 42.61 21.29
C ALA D 350 13.81 41.19 20.90
N LYS D 351 13.52 40.98 19.61
CA LYS D 351 13.14 39.66 19.10
C LYS D 351 14.29 38.66 19.19
N ASP D 352 13.94 37.39 19.02
CA ASP D 352 14.91 36.28 19.07
C ASP D 352 15.85 36.38 17.86
N LYS D 353 15.28 36.54 16.68
CA LYS D 353 16.04 36.67 15.43
C LYS D 353 15.80 38.04 14.80
N VAL D 354 16.63 38.39 13.83
CA VAL D 354 16.51 39.68 13.14
C VAL D 354 16.67 39.56 11.63
N SER D 355 16.35 40.64 10.94
CA SER D 355 16.42 40.65 9.50
C SER D 355 17.17 41.82 8.88
N LEU D 356 18.33 41.51 8.30
CA LEU D 356 19.17 42.50 7.64
C LEU D 356 18.89 42.30 6.15
N THR D 357 18.32 43.32 5.50
CA THR D 357 18.02 43.19 4.09
C THR D 357 19.11 43.83 3.24
N CYS D 358 19.29 43.29 2.04
CA CYS D 358 20.27 43.83 1.12
C CYS D 358 19.44 44.42 -0.01
N MET D 359 19.43 45.73 -0.09
CA MET D 359 18.62 46.41 -1.09
C MET D 359 19.34 46.81 -2.38
N ILE D 360 19.19 45.97 -3.42
CA ILE D 360 19.79 46.23 -4.74
C ILE D 360 18.73 46.91 -5.60
N THR D 361 19.09 48.01 -6.24
CA THR D 361 18.10 48.74 -7.02
C THR D 361 18.53 49.21 -8.40
N ASP D 362 17.54 49.74 -9.11
CA ASP D 362 17.69 50.28 -10.46
C ASP D 362 18.81 49.72 -11.34
N PHE D 363 18.73 48.43 -11.61
CA PHE D 363 19.70 47.75 -12.45
C PHE D 363 19.02 47.23 -13.70
N PHE D 364 19.77 46.52 -14.53
CA PHE D 364 19.23 45.96 -15.77
C PHE D 364 20.25 45.09 -16.47
N PRO D 365 19.85 43.87 -16.84
CA PRO D 365 18.53 43.29 -16.60
C PRO D 365 18.44 42.44 -15.33
N GLU D 366 17.33 41.70 -15.22
CA GLU D 366 17.07 40.84 -14.08
C GLU D 366 18.12 39.74 -13.92
N ASP D 367 18.97 39.60 -14.93
CA ASP D 367 20.03 38.61 -14.89
C ASP D 367 21.00 39.10 -13.82
N ILE D 368 20.79 38.60 -12.61
CA ILE D 368 21.60 38.98 -11.45
C ILE D 368 21.45 37.87 -10.40
N THR D 369 22.40 37.77 -9.47
CA THR D 369 22.35 36.75 -8.42
C THR D 369 22.88 37.31 -7.11
N VAL D 370 22.36 36.80 -5.99
CA VAL D 370 22.77 37.31 -4.68
C VAL D 370 23.05 36.28 -3.57
N GLU D 371 24.09 36.56 -2.78
CA GLU D 371 24.48 35.74 -1.64
C GLU D 371 24.96 36.61 -0.47
N TRP D 372 24.92 36.05 0.72
CA TRP D 372 25.35 36.74 1.93
C TRP D 372 26.58 36.01 2.44
N GLN D 373 27.17 36.51 3.53
CA GLN D 373 28.34 35.88 4.12
C GLN D 373 28.61 36.28 5.56
N SER D 374 28.06 35.50 6.50
CA SER D 374 28.26 35.74 7.94
C SER D 374 29.68 35.33 8.23
N ASP D 375 30.25 35.85 9.31
CA ASP D 375 31.61 35.52 9.67
C ASP D 375 32.46 35.95 8.45
N GLY D 376 32.70 35.00 7.53
CA GLY D 376 33.46 35.32 6.33
C GLY D 376 33.25 34.32 5.20
N GLN D 377 32.22 33.49 5.32
CA GLN D 377 31.91 32.49 4.31
C GLN D 377 30.41 32.29 4.04
N ALA D 378 30.07 31.41 3.10
CA ALA D 378 28.69 31.11 2.73
C ALA D 378 27.80 30.68 3.90
N PRO D 379 26.69 31.40 4.14
CA PRO D 379 25.70 31.17 5.19
C PRO D 379 24.38 30.55 4.71
N GLU D 380 23.34 30.66 5.55
CA GLU D 380 22.01 30.13 5.24
C GLU D 380 20.92 31.17 5.50
N ASN D 381 19.66 30.75 5.36
CA ASN D 381 18.50 31.59 5.59
C ASN D 381 18.19 32.66 4.57
N TYR D 382 19.22 33.38 4.12
CA TYR D 382 19.01 34.44 3.14
C TYR D 382 18.11 34.05 1.99
N LYS D 383 17.07 34.85 1.77
CA LYS D 383 16.12 34.61 0.68
C LYS D 383 16.09 35.83 -0.21
N ASN D 384 15.89 35.61 -1.50
CA ASN D 384 15.87 36.70 -2.47
C ASN D 384 14.52 36.86 -3.14
N THR D 385 14.05 38.09 -3.23
CA THR D 385 12.79 38.37 -3.88
C THR D 385 13.08 38.26 -5.37
N GLN D 386 12.02 38.31 -6.17
CA GLN D 386 12.17 38.20 -7.60
C GLN D 386 12.18 39.60 -8.22
N PRO D 387 13.08 39.82 -9.18
CA PRO D 387 13.22 41.09 -9.88
C PRO D 387 11.87 41.64 -10.35
N ILE D 388 11.56 42.86 -9.90
CA ILE D 388 10.32 43.53 -10.25
C ILE D 388 10.65 44.89 -10.80
N MET D 389 10.01 45.22 -11.91
CA MET D 389 10.29 46.46 -12.60
C MET D 389 9.73 47.69 -11.91
N ASP D 390 10.63 48.54 -11.42
CA ASP D 390 10.26 49.79 -10.74
C ASP D 390 9.74 50.85 -11.75
N THR D 391 9.41 52.02 -11.22
CA THR D 391 8.89 53.16 -11.99
C THR D 391 9.54 53.51 -13.34
N ASP D 392 10.82 53.87 -13.30
CA ASP D 392 11.57 54.28 -14.49
C ASP D 392 11.76 53.22 -15.56
N GLY D 393 11.76 51.96 -15.17
CA GLY D 393 11.95 50.89 -16.15
C GLY D 393 13.06 49.98 -15.68
N SER D 394 13.62 50.31 -14.54
CA SER D 394 14.69 49.53 -13.94
C SER D 394 14.12 48.37 -13.13
N TYR D 395 14.94 47.83 -12.24
CA TYR D 395 14.56 46.71 -11.38
C TYR D 395 15.18 46.93 -10.00
N PHE D 396 14.93 45.99 -9.09
CA PHE D 396 15.46 46.05 -7.75
C PHE D 396 15.06 44.78 -7.05
N VAL D 397 15.92 44.33 -6.13
CA VAL D 397 15.66 43.12 -5.36
C VAL D 397 16.14 43.24 -3.92
N TYR D 398 15.41 42.60 -3.02
CA TYR D 398 15.75 42.60 -1.60
C TYR D 398 16.25 41.23 -1.19
N SER D 399 17.28 41.20 -0.36
CA SER D 399 17.82 39.94 0.12
C SER D 399 17.87 39.98 1.64
N LYS D 400 17.03 39.17 2.27
CA LYS D 400 16.95 39.14 3.73
C LYS D 400 17.79 38.06 4.39
N LEU D 401 18.60 38.49 5.36
CA LEU D 401 19.45 37.59 6.11
C LEU D 401 18.90 37.46 7.55
N ASN D 402 18.77 36.23 8.01
CA ASN D 402 18.26 35.98 9.34
C ASN D 402 19.30 35.45 10.29
N VAL D 403 19.38 36.06 11.47
CA VAL D 403 20.32 35.67 12.52
C VAL D 403 19.84 36.11 13.92
N GLN D 404 20.54 35.65 14.95
CA GLN D 404 20.19 35.98 16.34
C GLN D 404 20.94 37.21 16.86
N LYS D 405 20.42 37.80 17.93
CA LYS D 405 21.00 39.00 18.54
C LYS D 405 22.43 38.79 19.01
N SER D 406 22.71 37.59 19.53
CA SER D 406 24.06 37.28 20.02
C SER D 406 25.04 37.39 18.86
N ASN D 407 24.64 36.83 17.72
CA ASN D 407 25.45 36.83 16.50
C ASN D 407 25.69 38.26 16.00
N TRP D 408 24.60 39.02 15.87
CA TRP D 408 24.67 40.40 15.40
C TRP D 408 25.52 41.30 16.28
N GLU D 409 25.07 41.48 17.52
CA GLU D 409 25.76 42.33 18.51
C GLU D 409 27.22 41.94 18.70
N ALA D 410 27.53 40.68 18.42
CA ALA D 410 28.90 40.19 18.53
C ALA D 410 29.75 40.65 17.35
N GLY D 411 29.28 41.67 16.62
CA GLY D 411 30.01 42.22 15.48
C GLY D 411 30.75 41.18 14.65
N ASN D 412 30.04 40.14 14.24
CA ASN D 412 30.63 39.07 13.45
C ASN D 412 30.75 39.42 11.97
N THR D 413 30.16 40.55 11.57
CA THR D 413 30.20 41.05 10.18
C THR D 413 29.58 40.11 9.16
N PHE D 414 28.63 40.66 8.41
CA PHE D 414 27.94 39.92 7.38
C PHE D 414 28.13 40.65 6.06
N THR D 415 28.18 39.92 4.95
CA THR D 415 28.40 40.53 3.65
C THR D 415 27.45 40.07 2.55
N CYS D 416 27.01 41.02 1.75
CA CYS D 416 26.10 40.74 0.65
C CYS D 416 26.80 40.94 -0.68
N SER D 417 26.96 39.85 -1.43
CA SER D 417 27.60 39.87 -2.73
C SER D 417 26.57 39.85 -3.84
N VAL D 418 26.74 40.72 -4.84
CA VAL D 418 25.81 40.82 -5.95
C VAL D 418 26.54 40.69 -7.28
N LEU D 419 26.02 39.82 -8.14
CA LEU D 419 26.62 39.59 -9.45
C LEU D 419 25.69 40.00 -10.57
N HIS D 420 26.13 41.00 -11.30
CA HIS D 420 25.38 41.56 -12.42
C HIS D 420 26.38 42.00 -13.48
N GLU D 421 26.07 41.76 -14.75
CA GLU D 421 26.98 42.13 -15.83
C GLU D 421 27.46 43.59 -15.82
N GLY D 422 26.55 44.53 -15.57
CA GLY D 422 26.91 45.94 -15.54
C GLY D 422 27.88 46.32 -14.43
N LEU D 423 28.28 45.33 -13.62
CA LEU D 423 29.21 45.55 -12.53
C LEU D 423 30.66 45.51 -12.93
N HIS D 424 31.47 46.17 -12.12
CA HIS D 424 32.90 46.22 -12.33
C HIS D 424 33.38 44.78 -12.21
N ASN D 425 33.90 44.26 -13.33
CA ASN D 425 34.42 42.90 -13.41
C ASN D 425 33.33 41.91 -13.03
N HIS D 426 32.12 42.25 -13.47
CA HIS D 426 30.95 41.42 -13.25
C HIS D 426 30.64 41.12 -11.78
N HIS D 427 30.99 42.05 -10.90
CA HIS D 427 30.73 41.84 -9.48
C HIS D 427 31.01 43.02 -8.54
N THR D 428 30.29 43.02 -7.43
CA THR D 428 30.39 44.03 -6.38
C THR D 428 29.89 43.38 -5.08
N GLU D 429 30.10 44.05 -3.95
CA GLU D 429 29.65 43.56 -2.66
C GLU D 429 29.82 44.62 -1.56
N LYS D 430 28.87 44.66 -0.63
CA LYS D 430 28.93 45.60 0.48
C LYS D 430 28.81 44.83 1.79
N SER D 431 29.20 45.45 2.89
CA SER D 431 29.14 44.74 4.17
C SER D 431 28.59 45.50 5.37
N LEU D 432 27.91 44.76 6.23
CA LEU D 432 27.30 45.28 7.44
C LEU D 432 28.02 44.75 8.67
N SER D 433 28.16 45.61 9.68
CA SER D 433 28.83 45.24 10.92
C SER D 433 28.32 46.09 12.09
N HIS D 434 28.19 45.47 13.25
CA HIS D 434 27.73 46.18 14.44
C HIS D 434 28.91 46.85 15.13
#